data_8C3O
#
_entry.id   8C3O
#
_cell.length_a   53.925
_cell.length_b   288.478
_cell.length_c   57.643
_cell.angle_alpha   90.000
_cell.angle_beta   90.120
_cell.angle_gamma   90.000
#
_symmetry.space_group_name_H-M   'P 1 21 1'
#
loop_
_entity.id
_entity.type
_entity.pdbx_description
1 polymer 'Ectonucleotide pyrophosphatase/phosphodiesterase family member 2'
2 branched beta-D-mannopyranose-(1-4)-2-acetamido-2-deoxy-beta-D-glucopyranose-(1-4)-2-acetamido-2-deoxy-beta-D-glucopyranose
3 branched 2-acetamido-2-deoxy-beta-D-glucopyranose-(1-4)-2-acetamido-2-deoxy-beta-D-glucopyranose
4 non-polymer 7alpha-hydroxycholesterol
5 non-polymer 5,7-bis(oxidanyl)-2-(1-pentylindol-3-yl)chromen-4-one
6 non-polymer GLYCEROL
7 non-polymer 'ZINC ION'
8 non-polymer 'IODIDE ION'
9 non-polymer 'CALCIUM ION'
10 water water
#
_entity_poly.entity_id   1
_entity_poly.type   'polypeptide(L)'
_entity_poly.pdbx_seq_one_letter_code
;MARRSSFQSCQIISLFTFAVGVNICLGFTAHRIKRAEGWEEGPPTVLSDSPWTAISGSCKGRCFELQEAGPPDCRCDNLC
KSYTSCCHDFDELCLKTARGWECTKDRCGEVRNEENACHCSEDCLARGDCCTNYQVVCKGESHWVDDDCEEIKAAECPAG
FVRPPLIIFSVDGFRASYMKKGSKVMPNIEKLRSCGTHSPYMRPVYPTKTFPNLYTLATGLYPESHGIVGNSMYDPVFDA
TFHLRGREKFNHRWWGGQPLWITATKQGVKAGTFFWSVVIPHERRILTILQWLTLPDHERPSVYAFYSEQPDFSGHKYGP
FGPEMTNPLREIDKIVGQLMDGLKQLKLHRCVNVIFVGDHGMEDVTCDRTEFLSNYLTNVDDITLVPGTLGRIRSKFSNN
AKYDPKAIIAALTCKKPDQHFKPYLKQHLPKRLHYANNRRIEDIHLLVERRWHVARKPLDVYKKPSGKCFFQGDHGFDNK
VNSMQTVFVGYGSTFKYKTKVPPFENIELYNVMCDLLGLKPAPNNGTHGSLNHLLRTNTFRPTMPEEVTRPNYPGIMYLQ
SDFDLGCTCDDKVEPKNKLDELNKRLHTKGSTEAETRKFRGSRNENKENINGNFEPRKERHLLYGRPAVLYRTRYDILYH
TDFESGYSEIFLMPLWTSYTVSKQAEVSSVPDHLTSCVRPDVRVSPSFSQNCLAYKNDKQMSYGFLFPPYLSSSPEAKYD
AFLVTNMVPMYPAFKRVWNYFQRVLVKKYASERNGVNVISGPIFDYDYDGLHDTEDKIKQYVEGSSIPVPTHYYSIITSC
LDFTQPADKCDGPLSVSSFILPHRPDNEESCNSSEDESKWVEELMKMHTARVRDIEHLTSLDFFRKTSRSYPEILTLKTY
LHTYESEI
;
_entity_poly.pdbx_strand_id   A,B
#
# COMPACT_ATOMS: atom_id res chain seq x y z
N ILE A 55 1.60 50.65 2.11
CA ILE A 55 0.18 50.93 1.97
C ILE A 55 -0.61 50.17 3.04
N SER A 56 -1.66 50.80 3.54
CA SER A 56 -2.60 50.18 4.47
C SER A 56 -3.97 50.04 3.81
N GLY A 57 -4.80 49.18 4.40
CA GLY A 57 -6.06 48.77 3.81
C GLY A 57 -5.96 47.88 2.59
N SER A 58 -4.79 47.81 1.95
CA SER A 58 -4.54 46.90 0.84
C SER A 58 -3.32 46.05 1.17
N CYS A 59 -3.13 44.97 0.42
CA CYS A 59 -2.05 44.01 0.67
C CYS A 59 -1.13 43.87 -0.53
N LYS A 60 -1.05 44.91 -1.36
CA LYS A 60 -0.19 44.90 -2.53
C LYS A 60 1.23 45.29 -2.14
N GLY A 61 2.20 44.64 -2.80
CA GLY A 61 3.60 44.86 -2.54
C GLY A 61 3.93 44.57 -1.09
N ARG A 62 3.21 43.63 -0.50
CA ARG A 62 3.32 43.38 0.92
C ARG A 62 3.18 41.90 1.29
N CYS A 63 2.98 41.00 0.34
CA CYS A 63 2.70 39.60 0.66
C CYS A 63 3.87 38.97 1.41
N PHE A 64 3.58 38.44 2.60
CA PHE A 64 4.59 37.83 3.46
C PHE A 64 5.72 38.82 3.77
N GLU A 65 5.33 40.05 4.08
CA GLU A 65 6.27 41.08 4.49
C GLU A 65 6.99 40.67 5.78
N LEU A 66 8.05 41.40 6.09
CA LEU A 66 8.84 41.15 7.29
C LEU A 66 8.95 42.40 8.15
N GLN A 67 7.87 43.17 8.22
CA GLN A 67 7.73 44.30 9.13
C GLN A 67 6.28 44.36 9.58
N GLU A 68 6.01 45.18 10.61
CA GLU A 68 4.68 45.22 11.18
C GLU A 68 4.34 46.63 11.65
N ALA A 69 3.05 46.94 11.62
CA ALA A 69 2.53 48.22 12.11
C ALA A 69 1.41 47.98 13.11
N GLY A 70 0.43 47.15 12.73
CA GLY A 70 -0.65 46.79 13.62
C GLY A 70 -1.99 47.35 13.17
N PRO A 71 -3.05 47.07 13.92
CA PRO A 71 -4.35 47.66 13.62
C PRO A 71 -4.28 49.17 13.65
N PRO A 72 -4.87 49.87 12.66
CA PRO A 72 -5.74 49.36 11.58
C PRO A 72 -4.99 48.79 10.37
N ASP A 73 -3.76 49.22 10.09
CA ASP A 73 -3.03 48.74 8.92
C ASP A 73 -3.01 47.22 8.88
N CYS A 74 -3.11 46.66 7.68
CA CYS A 74 -3.25 45.22 7.56
C CYS A 74 -2.01 44.50 8.08
N ARG A 75 -2.18 43.21 8.34
CA ARG A 75 -1.08 42.28 8.50
C ARG A 75 -1.06 41.39 7.27
N CYS A 76 0.03 41.44 6.53
CA CYS A 76 0.20 40.60 5.34
C CYS A 76 1.23 39.51 5.53
N ASP A 77 1.73 39.34 6.76
CA ASP A 77 2.71 38.31 7.05
C ASP A 77 2.04 36.94 7.03
N ASN A 78 2.82 35.91 7.35
CA ASN A 78 2.34 34.53 7.32
C ASN A 78 1.58 34.12 8.58
N LEU A 79 1.36 35.05 9.52
CA LEU A 79 0.63 34.76 10.73
C LEU A 79 -0.64 35.59 10.88
N CYS A 80 -0.99 36.41 9.88
CA CYS A 80 -2.18 37.23 9.98
C CYS A 80 -3.45 36.39 10.03
N LYS A 81 -3.45 35.24 9.35
CA LYS A 81 -4.62 34.36 9.39
C LYS A 81 -4.88 33.85 10.80
N SER A 82 -3.82 33.63 11.58
CA SER A 82 -4.01 33.14 12.95
C SER A 82 -4.58 34.23 13.85
N TYR A 83 -4.16 35.48 13.63
CA TYR A 83 -4.68 36.60 14.40
C TYR A 83 -5.98 37.16 13.83
N THR A 84 -6.54 36.50 12.81
CA THR A 84 -7.76 36.94 12.13
C THR A 84 -7.69 38.43 11.81
N SER A 85 -6.63 38.82 11.10
CA SER A 85 -6.41 40.22 10.79
C SER A 85 -5.57 40.41 9.55
N CYS A 86 -5.73 39.54 8.55
CA CYS A 86 -5.17 39.83 7.24
C CYS A 86 -5.97 40.95 6.58
N CYS A 87 -5.48 41.41 5.44
CA CYS A 87 -6.25 42.35 4.65
C CYS A 87 -7.14 41.60 3.66
N HIS A 88 -8.08 42.34 3.05
CA HIS A 88 -9.12 41.69 2.25
C HIS A 88 -8.55 41.04 1.00
N ASP A 89 -7.52 41.63 0.39
CA ASP A 89 -6.92 41.09 -0.82
C ASP A 89 -5.82 40.08 -0.55
N PHE A 90 -5.66 39.65 0.71
CA PHE A 90 -4.59 38.72 1.05
C PHE A 90 -4.75 37.40 0.33
N ASP A 91 -5.98 36.86 0.29
CA ASP A 91 -6.18 35.54 -0.29
C ASP A 91 -5.93 35.52 -1.78
N GLU A 92 -6.31 36.60 -2.48
CA GLU A 92 -6.13 36.65 -3.93
C GLU A 92 -4.75 37.15 -4.34
N LEU A 93 -4.05 37.86 -3.45
CA LEU A 93 -2.71 38.38 -3.74
C LEU A 93 -1.59 37.52 -3.18
N CYS A 94 -1.77 36.98 -1.98
CA CYS A 94 -0.70 36.23 -1.31
C CYS A 94 -0.89 34.73 -1.38
N LEU A 95 -2.13 34.26 -1.52
CA LEU A 95 -2.38 32.82 -1.62
C LEU A 95 -2.84 32.43 -3.02
N LYS A 96 -2.05 32.79 -4.03
CA LYS A 96 -2.34 32.37 -5.39
C LYS A 96 -2.11 30.86 -5.53
N THR A 97 -2.97 30.20 -6.32
CA THR A 97 -2.88 28.75 -6.44
C THR A 97 -3.22 28.25 -7.84
N ALA A 98 -3.15 29.10 -8.86
CA ALA A 98 -3.48 28.69 -10.21
C ALA A 98 -2.36 27.84 -10.82
N ARG A 99 -2.76 26.82 -11.57
CA ARG A 99 -1.86 25.90 -12.27
C ARG A 99 -0.96 25.12 -11.33
N GLY A 100 -1.28 25.07 -10.04
CA GLY A 100 -0.51 24.23 -9.14
C GLY A 100 0.88 24.78 -8.85
N TRP A 101 1.77 23.85 -8.48
CA TRP A 101 3.08 24.19 -7.96
C TRP A 101 4.23 23.72 -8.83
N GLU A 102 3.96 22.99 -9.91
CA GLU A 102 5.01 22.46 -10.78
C GLU A 102 4.84 23.04 -12.18
N CYS A 103 5.95 23.52 -12.75
CA CYS A 103 5.95 23.94 -14.14
C CYS A 103 5.72 22.74 -15.05
N THR A 104 5.15 23.00 -16.22
CA THR A 104 5.10 22.00 -17.26
C THR A 104 5.77 22.53 -18.53
N LYS A 105 5.92 21.62 -19.49
CA LYS A 105 6.72 21.88 -20.68
C LYS A 105 6.11 22.97 -21.54
N ASP A 106 4.78 22.95 -21.70
CA ASP A 106 4.08 24.00 -22.42
C ASP A 106 4.14 25.34 -21.68
N ARG A 107 4.28 25.33 -20.35
CA ARG A 107 4.41 26.56 -19.58
C ARG A 107 5.80 27.17 -19.64
N CYS A 108 6.80 26.43 -20.14
CA CYS A 108 8.16 26.94 -20.24
C CYS A 108 8.21 28.16 -21.16
N GLY A 109 8.47 29.33 -20.59
CA GLY A 109 8.50 30.56 -21.37
C GLY A 109 7.16 31.23 -21.53
N GLU A 110 6.20 30.96 -20.65
CA GLU A 110 4.86 31.51 -20.77
C GLU A 110 4.90 33.03 -20.69
N VAL A 111 3.81 33.65 -21.14
CA VAL A 111 3.60 35.07 -20.89
C VAL A 111 3.21 35.23 -19.42
N ARG A 112 4.03 35.95 -18.67
CA ARG A 112 3.88 36.06 -17.22
C ARG A 112 2.49 36.52 -16.83
N ASN A 113 1.63 35.58 -16.44
CA ASN A 113 0.29 35.89 -15.96
C ASN A 113 0.34 36.01 -14.44
N GLU A 114 -0.08 37.17 -13.92
CA GLU A 114 0.19 37.52 -12.53
C GLU A 114 -0.57 36.64 -11.54
N GLU A 115 -1.70 36.07 -11.95
CA GLU A 115 -2.55 35.32 -11.04
C GLU A 115 -2.00 33.95 -10.68
N ASN A 116 -0.94 33.50 -11.32
CA ASN A 116 -0.46 32.13 -11.11
C ASN A 116 0.20 31.98 -9.75
N ALA A 117 0.21 30.74 -9.26
CA ALA A 117 0.91 30.43 -8.01
C ALA A 117 2.41 30.65 -8.17
N CYS A 118 3.03 29.89 -9.07
CA CYS A 118 4.42 30.08 -9.42
C CYS A 118 4.53 30.20 -10.93
N HIS A 119 5.66 30.74 -11.38
CA HIS A 119 5.82 31.16 -12.77
C HIS A 119 6.88 30.33 -13.48
N CYS A 120 6.74 30.24 -14.81
CA CYS A 120 7.68 29.50 -15.64
C CYS A 120 8.25 30.36 -16.77
N SER A 121 8.10 31.68 -16.70
CA SER A 121 8.65 32.55 -17.72
C SER A 121 10.16 32.69 -17.54
N GLU A 122 10.82 33.20 -18.59
CA GLU A 122 12.25 33.43 -18.51
C GLU A 122 12.60 34.56 -17.55
N ASP A 123 11.63 35.38 -17.15
CA ASP A 123 11.87 36.51 -16.26
C ASP A 123 11.84 36.13 -14.79
N CYS A 124 11.34 34.94 -14.45
CA CYS A 124 10.98 34.67 -13.05
C CYS A 124 12.20 34.53 -12.15
N LEU A 125 13.31 33.98 -12.64
CA LEU A 125 14.46 33.77 -11.77
C LEU A 125 15.04 35.09 -11.28
N ALA A 126 14.95 36.15 -12.09
CA ALA A 126 15.36 37.46 -11.61
C ALA A 126 14.46 37.95 -10.48
N ARG A 127 13.18 37.58 -10.53
CA ARG A 127 12.25 37.86 -9.44
C ARG A 127 12.33 36.84 -8.32
N GLY A 128 12.64 35.60 -8.64
CA GLY A 128 12.76 34.56 -7.64
C GLY A 128 11.47 33.85 -7.28
N ASP A 129 10.49 33.83 -8.18
CA ASP A 129 9.18 33.24 -7.92
C ASP A 129 8.84 32.18 -8.94
N CYS A 130 9.80 31.33 -9.28
CA CYS A 130 9.55 30.23 -10.19
C CYS A 130 9.12 29.00 -9.41
N CYS A 131 8.40 28.12 -10.10
CA CYS A 131 8.17 26.79 -9.56
C CYS A 131 9.52 26.08 -9.39
N THR A 132 9.60 25.26 -8.34
CA THR A 132 10.89 24.69 -7.96
C THR A 132 11.48 23.78 -9.04
N ASN A 133 10.67 23.34 -10.01
CA ASN A 133 11.13 22.46 -11.07
C ASN A 133 11.30 23.17 -12.41
N TYR A 134 11.42 24.49 -12.40
CA TYR A 134 11.65 25.23 -13.65
C TYR A 134 12.91 24.71 -14.34
N GLN A 135 14.06 24.84 -13.68
CA GLN A 135 15.33 24.40 -14.27
C GLN A 135 15.26 22.96 -14.76
N VAL A 136 14.37 22.15 -14.20
CA VAL A 136 14.28 20.75 -14.58
C VAL A 136 13.53 20.57 -15.88
N VAL A 137 12.28 21.04 -15.93
CA VAL A 137 11.41 20.76 -17.08
C VAL A 137 11.63 21.72 -18.25
N CYS A 138 12.44 22.76 -18.07
CA CYS A 138 12.69 23.71 -19.16
C CYS A 138 14.16 23.76 -19.55
N LYS A 139 15.06 24.06 -18.61
CA LYS A 139 16.47 24.24 -18.91
C LYS A 139 17.28 22.96 -18.80
N GLY A 140 16.63 21.80 -18.72
CA GLY A 140 17.32 20.53 -18.76
C GLY A 140 18.11 20.16 -17.53
N GLU A 141 17.94 20.88 -16.42
CA GLU A 141 18.61 20.48 -15.19
C GLU A 141 17.94 19.25 -14.59
N SER A 142 18.62 18.61 -13.66
CA SER A 142 18.13 17.43 -12.99
C SER A 142 17.70 17.76 -11.57
N HIS A 143 16.86 16.89 -11.00
CA HIS A 143 16.46 17.06 -9.62
C HIS A 143 17.67 16.96 -8.69
N TRP A 144 17.59 17.67 -7.56
CA TRP A 144 18.68 17.65 -6.60
C TRP A 144 18.96 16.25 -6.09
N VAL A 145 17.92 15.42 -5.95
CA VAL A 145 18.09 14.07 -5.46
C VAL A 145 18.84 13.21 -6.47
N ASP A 146 18.62 13.45 -7.76
CA ASP A 146 19.27 12.65 -8.80
C ASP A 146 20.76 12.91 -8.93
N ASP A 147 21.28 13.95 -8.29
CA ASP A 147 22.71 14.25 -8.34
C ASP A 147 23.47 13.38 -7.35
N ASP A 148 24.74 13.15 -7.65
CA ASP A 148 25.59 12.37 -6.76
C ASP A 148 26.00 13.19 -5.54
N CYS A 149 26.45 12.49 -4.51
CA CYS A 149 26.88 13.12 -3.26
C CYS A 149 28.28 13.71 -3.46
N GLU A 150 28.35 15.04 -3.57
CA GLU A 150 29.61 15.75 -3.62
C GLU A 150 29.90 16.36 -2.26
N GLU A 151 31.10 16.11 -1.74
CA GLU A 151 31.48 16.68 -0.46
C GLU A 151 31.59 18.20 -0.56
N ILE A 152 31.07 18.88 0.46
CA ILE A 152 31.19 20.33 0.52
C ILE A 152 32.30 20.70 1.50
N LYS A 153 33.53 20.85 0.97
CA LYS A 153 34.67 21.21 1.82
C LYS A 153 34.70 22.69 2.17
N ALA A 154 33.89 23.51 1.50
CA ALA A 154 33.80 24.93 1.77
C ALA A 154 32.51 25.46 1.15
N ALA A 155 31.88 26.40 1.85
CA ALA A 155 30.60 26.92 1.40
C ALA A 155 30.74 27.66 0.08
N GLU A 156 29.97 27.24 -0.91
CA GLU A 156 29.97 27.88 -2.23
C GLU A 156 28.73 28.75 -2.37
N CYS A 157 28.75 29.86 -1.65
CA CYS A 157 27.60 30.76 -1.72
C CYS A 157 27.82 31.83 -2.77
N PRO A 158 26.75 32.29 -3.43
CA PRO A 158 26.89 33.37 -4.42
C PRO A 158 27.33 34.68 -3.80
N ALA A 159 27.57 35.69 -4.62
CA ALA A 159 27.99 36.99 -4.13
C ALA A 159 26.89 37.63 -3.29
N GLY A 160 27.30 38.31 -2.22
CA GLY A 160 26.36 38.96 -1.32
C GLY A 160 26.03 38.17 -0.07
N PHE A 161 26.38 36.89 -0.03
CA PHE A 161 26.08 36.04 1.12
C PHE A 161 27.26 36.09 2.10
N VAL A 162 27.07 36.81 3.21
CA VAL A 162 28.12 36.92 4.23
C VAL A 162 28.16 35.72 5.16
N ARG A 163 27.25 34.77 5.00
CA ARG A 163 27.23 33.54 5.80
C ARG A 163 26.21 32.57 5.22
N PRO A 164 26.43 31.26 5.37
CA PRO A 164 25.44 30.29 4.91
C PRO A 164 24.15 30.41 5.69
N PRO A 165 23.01 30.50 5.01
CA PRO A 165 21.73 30.55 5.73
C PRO A 165 21.32 29.19 6.27
N LEU A 166 20.54 29.22 7.34
CA LEU A 166 20.10 28.03 8.04
C LEU A 166 18.59 27.87 7.86
N ILE A 167 18.19 26.74 7.26
CA ILE A 167 16.79 26.41 7.06
C ILE A 167 16.45 25.23 7.97
N ILE A 168 15.54 25.44 8.91
CA ILE A 168 15.10 24.41 9.83
C ILE A 168 13.82 23.79 9.28
N PHE A 169 13.85 22.48 9.04
CA PHE A 169 12.70 21.73 8.53
C PHE A 169 12.20 20.83 9.67
N SER A 170 11.10 21.25 10.30
CA SER A 170 10.53 20.52 11.42
C SER A 170 9.31 19.72 10.96
N VAL A 171 9.17 18.51 11.52
CA VAL A 171 8.05 17.64 11.20
C VAL A 171 7.44 17.13 12.50
N ASP A 172 6.11 17.13 12.55
CA ASP A 172 5.40 16.74 13.77
C ASP A 172 5.25 15.23 13.85
N GLY A 173 5.57 14.67 15.01
CA GLY A 173 5.35 13.25 15.25
C GLY A 173 6.07 12.33 14.30
N PHE A 174 7.29 12.69 13.90
CA PHE A 174 8.08 11.87 12.98
C PHE A 174 8.80 10.80 13.79
N ARG A 175 8.21 9.61 13.82
CA ARG A 175 8.84 8.47 14.48
C ARG A 175 10.23 8.21 13.92
N ALA A 176 11.16 7.84 14.79
CA ALA A 176 12.51 7.54 14.35
C ALA A 176 12.56 6.32 13.44
N SER A 177 11.67 5.35 13.67
CA SER A 177 11.66 4.14 12.85
C SER A 177 11.09 4.39 11.46
N TYR A 178 10.41 5.53 11.24
CA TYR A 178 9.92 5.86 9.91
C TYR A 178 11.05 5.93 8.88
N MET A 179 12.29 6.12 9.33
CA MET A 179 13.40 6.22 8.39
C MET A 179 13.70 4.89 7.71
N LYS A 180 13.39 3.77 8.37
CA LYS A 180 13.68 2.46 7.79
C LYS A 180 12.72 2.06 6.68
N LYS A 181 11.86 2.98 6.24
CA LYS A 181 11.06 2.72 5.04
C LYS A 181 11.87 2.89 3.76
N GLY A 182 13.03 3.52 3.84
CA GLY A 182 13.97 3.53 2.73
C GLY A 182 13.68 4.62 1.71
N SER A 183 14.60 4.74 0.75
CA SER A 183 14.51 5.72 -0.32
C SER A 183 13.47 5.34 -1.38
N LYS A 184 12.81 4.19 -1.25
CA LYS A 184 11.68 3.88 -2.11
C LYS A 184 10.47 4.75 -1.78
N VAL A 185 10.40 5.28 -0.56
CA VAL A 185 9.33 6.16 -0.16
C VAL A 185 9.80 7.60 0.04
N MET A 186 11.03 7.81 0.49
CA MET A 186 11.53 9.14 0.84
C MET A 186 12.88 9.42 0.19
N PRO A 187 12.94 9.45 -1.15
CA PRO A 187 14.25 9.67 -1.81
C PRO A 187 14.98 10.94 -1.35
N ASN A 188 14.29 12.08 -1.28
CA ASN A 188 14.97 13.33 -0.93
C ASN A 188 15.47 13.31 0.50
N ILE A 189 14.62 12.90 1.44
CA ILE A 189 15.01 12.88 2.85
C ILE A 189 16.13 11.87 3.08
N GLU A 190 16.07 10.72 2.40
CA GLU A 190 17.08 9.70 2.58
C GLU A 190 18.44 10.14 2.04
N LYS A 191 18.45 10.95 0.97
CA LYS A 191 19.72 11.47 0.48
C LYS A 191 20.34 12.43 1.49
N LEU A 192 19.56 13.41 1.95
CA LEU A 192 20.02 14.30 3.03
C LEU A 192 20.61 13.50 4.18
N ARG A 193 19.95 12.42 4.55
CA ARG A 193 20.38 11.61 5.67
C ARG A 193 21.70 10.91 5.39
N SER A 194 21.83 10.28 4.23
CA SER A 194 23.04 9.56 3.89
CA SER A 194 23.04 9.56 3.89
C SER A 194 24.15 10.49 3.40
N CYS A 195 23.78 11.65 2.83
CA CYS A 195 24.80 12.57 2.34
C CYS A 195 25.36 13.46 3.44
N GLY A 196 24.51 13.91 4.35
CA GLY A 196 24.91 14.83 5.40
C GLY A 196 25.27 14.12 6.69
N THR A 197 24.89 14.74 7.81
CA THR A 197 25.15 14.21 9.13
C THR A 197 23.83 13.78 9.77
N HIS A 198 23.79 12.56 10.31
CA HIS A 198 22.58 12.01 10.88
C HIS A 198 22.92 11.16 12.10
N SER A 199 21.92 10.97 12.95
CA SER A 199 21.97 10.09 14.09
C SER A 199 20.86 9.06 14.00
N PRO A 200 21.03 7.88 14.61
CA PRO A 200 19.96 6.86 14.53
C PRO A 200 18.63 7.37 15.04
N TYR A 201 18.63 8.16 16.11
CA TYR A 201 17.42 8.79 16.62
C TYR A 201 17.83 10.03 17.39
N MET A 202 16.84 10.78 17.86
CA MET A 202 17.07 11.93 18.72
C MET A 202 16.06 11.90 19.85
N ARG A 203 16.55 12.07 21.07
CA ARG A 203 15.71 11.95 22.25
C ARG A 203 14.92 13.23 22.48
N PRO A 204 13.59 13.18 22.51
CA PRO A 204 12.82 14.38 22.85
C PRO A 204 12.81 14.64 24.35
N VAL A 205 12.03 15.62 24.80
CA VAL A 205 11.92 15.94 26.22
C VAL A 205 10.55 15.53 26.72
N TYR A 206 10.48 15.17 27.99
CA TYR A 206 9.20 14.84 28.61
C TYR A 206 8.49 16.13 29.03
N PRO A 207 7.18 16.25 28.75
CA PRO A 207 6.32 15.30 28.05
C PRO A 207 6.56 15.33 26.55
N THR A 208 6.63 14.18 25.88
CA THR A 208 6.89 14.16 24.45
C THR A 208 5.67 14.65 23.67
N LYS A 209 5.30 15.90 23.89
CA LYS A 209 4.20 16.55 23.19
C LYS A 209 4.76 17.55 22.19
N THR A 210 3.86 18.15 21.40
CA THR A 210 4.26 19.01 20.30
C THR A 210 4.91 20.30 20.80
N PHE A 211 4.16 21.10 21.56
CA PHE A 211 4.59 22.44 21.94
C PHE A 211 5.77 22.45 22.90
N PRO A 212 5.83 21.59 23.93
CA PRO A 212 7.02 21.58 24.79
C PRO A 212 8.30 21.28 24.03
N ASN A 213 8.25 20.37 23.06
CA ASN A 213 9.46 20.02 22.32
C ASN A 213 9.83 21.07 21.29
N LEU A 214 8.84 21.60 20.55
CA LEU A 214 9.12 22.62 19.56
C LEU A 214 9.69 23.88 20.20
N TYR A 215 9.27 24.20 21.43
CA TYR A 215 9.87 25.31 22.13
C TYR A 215 11.19 24.94 22.77
N THR A 216 11.35 23.67 23.18
CA THR A 216 12.65 23.20 23.65
C THR A 216 13.67 23.25 22.53
N LEU A 217 13.26 22.88 21.30
CA LEU A 217 14.13 23.03 20.14
C LEU A 217 14.57 24.48 19.96
N ALA A 218 13.63 25.43 20.15
CA ALA A 218 13.92 26.83 19.90
C ALA A 218 14.74 27.48 21.02
N THR A 219 14.67 26.93 22.24
CA THR A 219 15.34 27.54 23.38
C THR A 219 16.50 26.72 23.95
N GLY A 220 16.53 25.42 23.70
CA GLY A 220 17.51 24.58 24.35
C GLY A 220 17.29 24.40 25.84
N LEU A 221 16.05 24.55 26.29
CA LEU A 221 15.73 24.52 27.71
C LEU A 221 14.78 23.36 27.99
N TYR A 222 14.79 22.89 29.23
CA TYR A 222 13.78 21.95 29.68
C TYR A 222 12.43 22.65 29.79
N PRO A 223 11.33 21.92 29.62
CA PRO A 223 10.01 22.56 29.76
C PRO A 223 9.81 23.24 31.10
N GLU A 224 10.38 22.69 32.18
CA GLU A 224 10.24 23.32 33.49
C GLU A 224 10.90 24.70 33.56
N SER A 225 11.86 24.97 32.68
CA SER A 225 12.59 26.23 32.69
C SER A 225 12.01 27.27 31.73
N HIS A 226 11.50 26.86 30.56
CA HIS A 226 10.94 27.81 29.62
C HIS A 226 9.42 27.95 29.74
N GLY A 227 8.76 27.10 30.52
CA GLY A 227 7.40 27.32 30.93
C GLY A 227 6.34 26.58 30.13
N ILE A 228 6.68 26.00 28.99
CA ILE A 228 5.70 25.27 28.18
C ILE A 228 5.80 23.81 28.61
N VAL A 229 5.10 23.49 29.70
CA VAL A 229 5.20 22.19 30.34
C VAL A 229 4.17 21.23 29.77
N GLY A 230 3.47 21.64 28.73
CA GLY A 230 2.49 20.77 28.11
C GLY A 230 1.70 21.52 27.04
N ASN A 231 0.99 20.72 26.23
CA ASN A 231 0.11 21.30 25.23
C ASN A 231 -1.02 22.10 25.86
N SER A 232 -1.40 21.74 27.09
CA SER A 232 -2.37 22.50 27.87
C SER A 232 -1.93 22.48 29.32
N MET A 233 -2.00 23.64 29.97
CA MET A 233 -1.51 23.78 31.34
C MET A 233 -2.29 24.89 32.03
N TYR A 234 -2.21 24.88 33.37
CA TYR A 234 -2.88 25.86 34.20
C TYR A 234 -1.84 26.57 35.07
N ASP A 235 -1.85 27.90 35.04
CA ASP A 235 -0.94 28.69 35.85
C ASP A 235 -1.70 29.27 37.03
N PRO A 236 -1.35 28.91 38.27
CA PRO A 236 -2.12 29.42 39.42
C PRO A 236 -1.94 30.91 39.62
N VAL A 237 -0.82 31.50 39.19
CA VAL A 237 -0.65 32.94 39.31
C VAL A 237 -1.51 33.66 38.29
N PHE A 238 -1.45 33.23 37.03
CA PHE A 238 -2.32 33.82 36.01
C PHE A 238 -3.79 33.54 36.29
N ASP A 239 -4.08 32.37 36.88
CA ASP A 239 -5.44 31.83 36.95
C ASP A 239 -6.05 31.75 35.56
N ALA A 240 -5.28 31.17 34.64
CA ALA A 240 -5.70 30.97 33.27
C ALA A 240 -5.25 29.60 32.80
N THR A 241 -5.78 29.16 31.67
CA THR A 241 -5.54 27.80 31.17
C THR A 241 -5.00 27.87 29.74
N PHE A 242 -3.70 27.61 29.60
CA PHE A 242 -3.09 27.49 28.28
C PHE A 242 -3.68 26.30 27.53
N HIS A 243 -3.86 26.48 26.23
CA HIS A 243 -4.42 25.41 25.39
C HIS A 243 -3.82 25.47 24.01
N LEU A 244 -3.76 24.32 23.35
CA LEU A 244 -3.26 24.26 21.98
C LEU A 244 -4.17 25.02 21.04
N ARG A 245 -5.47 24.77 21.10
CA ARG A 245 -6.44 25.54 20.35
C ARG A 245 -6.85 26.78 21.13
N GLY A 246 -7.17 27.83 20.40
CA GLY A 246 -7.57 29.09 20.99
C GLY A 246 -6.51 30.17 20.80
N ARG A 247 -6.79 31.32 21.40
CA ARG A 247 -5.91 32.48 21.31
C ARG A 247 -5.07 32.69 22.57
N GLU A 248 -5.28 31.90 23.62
CA GLU A 248 -4.54 32.08 24.86
C GLU A 248 -3.05 31.82 24.67
N LYS A 249 -2.69 30.93 23.75
CA LYS A 249 -1.28 30.59 23.54
C LYS A 249 -0.50 31.74 22.91
N PHE A 250 -1.18 32.73 22.33
CA PHE A 250 -0.50 33.86 21.72
C PHE A 250 -0.06 34.90 22.75
N ASN A 251 -0.53 34.82 23.99
CA ASN A 251 -0.08 35.74 25.02
C ASN A 251 1.36 35.42 25.40
N HIS A 252 2.21 36.45 25.40
CA HIS A 252 3.64 36.26 25.65
C HIS A 252 3.94 35.86 27.09
N ARG A 253 2.99 36.00 28.01
CA ARG A 253 3.24 35.70 29.41
C ARG A 253 3.53 34.22 29.64
N TRP A 254 3.15 33.35 28.72
CA TRP A 254 3.35 31.92 28.90
C TRP A 254 4.75 31.46 28.55
N TRP A 255 5.47 32.21 27.72
CA TRP A 255 6.71 31.76 27.12
C TRP A 255 7.91 32.42 27.79
N GLY A 256 8.78 31.59 28.37
CA GLY A 256 10.01 32.05 28.97
C GLY A 256 11.23 31.73 28.10
N GLY A 257 12.39 32.04 28.65
CA GLY A 257 13.61 31.78 27.92
C GLY A 257 13.80 32.77 26.77
N GLN A 258 14.70 32.39 25.86
CA GLN A 258 15.03 33.21 24.70
C GLN A 258 15.11 32.31 23.47
N PRO A 259 14.03 32.19 22.70
CA PRO A 259 14.06 31.34 21.51
C PRO A 259 15.03 31.85 20.46
N LEU A 260 15.29 31.00 19.47
CA LEU A 260 16.36 31.27 18.50
C LEU A 260 16.10 32.56 17.73
N TRP A 261 14.86 32.76 17.26
CA TRP A 261 14.57 33.94 16.45
C TRP A 261 14.76 35.23 17.23
N ILE A 262 14.48 35.20 18.54
CA ILE A 262 14.75 36.37 19.37
C ILE A 262 16.24 36.56 19.55
N THR A 263 16.98 35.46 19.77
CA THR A 263 18.43 35.54 19.92
C THR A 263 19.07 36.12 18.66
N ALA A 264 18.66 35.63 17.49
CA ALA A 264 19.22 36.14 16.24
C ALA A 264 18.93 37.63 16.07
N THR A 265 17.70 38.05 16.37
CA THR A 265 17.34 39.46 16.19
C THR A 265 18.10 40.35 17.17
N LYS A 266 18.27 39.90 18.41
CA LYS A 266 18.94 40.72 19.41
C LYS A 266 20.41 40.99 19.08
N GLN A 267 21.00 40.19 18.20
CA GLN A 267 22.42 40.33 17.87
C GLN A 267 22.64 40.77 16.42
N GLY A 268 21.59 41.22 15.74
CA GLY A 268 21.72 41.78 14.41
C GLY A 268 21.40 40.82 13.27
N VAL A 269 21.21 39.53 13.55
CA VAL A 269 20.93 38.55 12.51
C VAL A 269 19.44 38.54 12.23
N LYS A 270 19.07 38.76 10.98
CA LYS A 270 17.67 38.83 10.60
C LYS A 270 17.05 37.43 10.62
N ALA A 271 15.88 37.31 11.26
CA ALA A 271 15.25 36.01 11.44
C ALA A 271 14.23 35.72 10.34
N GLY A 272 13.12 36.46 10.33
CA GLY A 272 12.01 36.09 9.48
C GLY A 272 11.13 35.08 10.18
N THR A 273 9.82 35.18 9.94
CA THR A 273 8.85 34.45 10.78
C THR A 273 9.03 32.94 10.65
N PHE A 274 9.12 32.27 11.79
CA PHE A 274 9.21 30.82 11.84
C PHE A 274 7.86 30.13 11.65
N PHE A 275 6.77 30.84 11.92
CA PHE A 275 5.45 30.22 12.05
C PHE A 275 4.60 30.48 10.82
N TRP A 276 3.68 29.55 10.55
CA TRP A 276 2.81 29.63 9.39
C TRP A 276 1.40 29.24 9.80
N SER A 277 0.42 30.07 9.42
CA SER A 277 -0.97 29.71 9.64
C SER A 277 -1.32 28.46 8.84
N VAL A 278 -2.12 27.59 9.44
CA VAL A 278 -2.32 26.24 8.91
C VAL A 278 -2.98 26.25 7.53
N VAL A 279 -3.64 27.34 7.15
CA VAL A 279 -4.29 27.38 5.85
C VAL A 279 -3.27 27.54 4.72
N ILE A 280 -2.14 28.20 5.00
CA ILE A 280 -1.08 28.39 4.00
C ILE A 280 -0.51 27.02 3.65
N PRO A 281 -0.66 26.57 2.40
CA PRO A 281 -0.17 25.23 2.04
C PRO A 281 1.34 25.13 2.15
N HIS A 282 1.81 23.89 2.27
CA HIS A 282 3.25 23.66 2.41
C HIS A 282 4.04 24.18 1.21
N GLU A 283 3.47 24.03 0.02
CA GLU A 283 4.17 24.46 -1.19
C GLU A 283 4.36 25.97 -1.21
N ARG A 284 3.36 26.72 -0.74
CA ARG A 284 3.52 28.17 -0.66
C ARG A 284 4.55 28.57 0.40
N ARG A 285 4.65 27.79 1.48
CA ARG A 285 5.65 28.09 2.50
C ARG A 285 7.05 27.94 1.95
N ILE A 286 7.29 26.93 1.11
CA ILE A 286 8.60 26.77 0.49
C ILE A 286 8.88 27.92 -0.49
N LEU A 287 7.88 28.29 -1.29
CA LEU A 287 8.05 29.39 -2.23
C LEU A 287 8.37 30.69 -1.50
N THR A 288 7.75 30.90 -0.33
CA THR A 288 8.01 32.11 0.44
C THR A 288 9.45 32.10 0.98
N ILE A 289 9.92 30.94 1.45
CA ILE A 289 11.29 30.85 1.94
C ILE A 289 12.29 31.02 0.80
N LEU A 290 11.96 30.49 -0.39
CA LEU A 290 12.86 30.63 -1.52
C LEU A 290 12.91 32.05 -2.05
N GLN A 291 11.80 32.78 -1.99
CA GLN A 291 11.79 34.17 -2.44
C GLN A 291 12.56 35.06 -1.48
N TRP A 292 12.40 34.84 -0.17
CA TRP A 292 13.09 35.66 0.83
C TRP A 292 14.60 35.65 0.61
N LEU A 293 15.14 34.52 0.15
CA LEU A 293 16.58 34.41 -0.13
C LEU A 293 17.03 35.23 -1.33
N THR A 294 16.10 35.68 -2.18
CA THR A 294 16.44 36.52 -3.31
C THR A 294 16.36 38.01 -3.00
N LEU A 295 15.99 38.37 -1.77
CA LEU A 295 15.94 39.77 -1.33
C LEU A 295 17.35 40.36 -1.31
N PRO A 296 17.49 41.67 -1.25
CA PRO A 296 18.83 42.27 -1.11
C PRO A 296 19.52 41.79 0.16
N ASP A 297 20.81 42.13 0.26
CA ASP A 297 21.63 41.67 1.37
C ASP A 297 21.14 42.25 2.70
N HIS A 298 20.87 43.56 2.72
CA HIS A 298 20.42 44.20 3.96
C HIS A 298 19.01 43.80 4.36
N GLU A 299 18.29 43.04 3.52
CA GLU A 299 16.93 42.61 3.83
C GLU A 299 16.79 41.10 3.99
N ARG A 300 17.76 40.33 3.52
CA ARG A 300 17.61 38.88 3.50
C ARG A 300 17.91 38.29 4.87
N PRO A 301 16.99 37.52 5.45
CA PRO A 301 17.27 36.85 6.72
C PRO A 301 18.22 35.67 6.54
N SER A 302 18.84 35.28 7.65
CA SER A 302 19.84 34.22 7.65
CA SER A 302 19.84 34.22 7.65
C SER A 302 19.33 32.89 8.18
N VAL A 303 18.22 32.88 8.92
CA VAL A 303 17.67 31.65 9.48
C VAL A 303 16.21 31.54 9.07
N TYR A 304 15.79 30.34 8.69
CA TYR A 304 14.42 30.10 8.24
C TYR A 304 13.87 28.89 8.96
N ALA A 305 12.55 28.72 8.88
CA ALA A 305 11.88 27.62 9.53
C ALA A 305 10.65 27.22 8.74
N PHE A 306 10.37 25.93 8.72
CA PHE A 306 9.20 25.36 8.06
C PHE A 306 8.62 24.30 8.98
N TYR A 307 7.34 24.41 9.31
CA TYR A 307 6.67 23.43 10.15
C TYR A 307 5.68 22.62 9.31
N SER A 308 5.53 21.36 9.68
CA SER A 308 4.60 20.45 9.01
CA SER A 308 4.60 20.45 9.01
C SER A 308 3.86 19.65 10.06
N GLU A 309 2.53 19.62 9.95
CA GLU A 309 1.71 18.88 10.89
C GLU A 309 1.77 17.37 10.66
N GLN A 310 2.43 16.92 9.59
CA GLN A 310 2.62 15.52 9.22
C GLN A 310 4.01 15.04 9.65
N PRO A 311 4.21 13.73 9.89
CA PRO A 311 3.23 12.64 9.80
C PRO A 311 2.43 12.42 11.08
N ASP A 312 2.33 13.43 11.95
CA ASP A 312 1.58 13.25 13.19
C ASP A 312 0.07 13.27 12.95
N PHE A 313 -0.38 14.11 12.01
CA PHE A 313 -1.80 14.17 11.66
C PHE A 313 -2.33 12.78 11.33
N SER A 314 -1.77 12.15 10.30
CA SER A 314 -2.24 10.83 9.88
C SER A 314 -1.83 9.73 10.84
N GLY A 315 -0.82 9.99 11.69
CA GLY A 315 -0.45 9.00 12.68
C GLY A 315 -1.49 8.81 13.76
N HIS A 316 -2.17 9.88 14.15
CA HIS A 316 -3.24 9.77 15.15
C HIS A 316 -4.42 8.96 14.62
N LYS A 317 -4.69 9.06 13.31
CA LYS A 317 -5.85 8.39 12.74
C LYS A 317 -5.57 6.91 12.46
N TYR A 318 -4.37 6.59 11.98
CA TYR A 318 -4.06 5.24 11.50
C TYR A 318 -3.05 4.49 12.35
N GLY A 319 -2.41 5.13 13.31
CA GLY A 319 -1.39 4.49 14.11
C GLY A 319 -0.04 4.52 13.41
N PRO A 320 1.03 4.27 14.17
CA PRO A 320 2.37 4.40 13.57
C PRO A 320 2.69 3.33 12.55
N PHE A 321 2.32 2.08 12.80
CA PHE A 321 2.68 0.96 11.93
C PHE A 321 1.58 0.62 10.93
N GLY A 322 0.55 1.45 10.80
CA GLY A 322 -0.49 1.23 9.82
C GLY A 322 0.02 1.42 8.41
N PRO A 323 -0.49 0.61 7.47
CA PRO A 323 -0.05 0.76 6.08
C PRO A 323 -0.41 2.09 5.44
N GLU A 324 -1.34 2.85 6.04
CA GLU A 324 -1.67 4.17 5.50
C GLU A 324 -0.56 5.18 5.74
N MET A 325 0.37 4.89 6.64
CA MET A 325 1.43 5.83 7.02
C MET A 325 2.40 6.12 5.88
N THR A 326 2.40 5.32 4.81
CA THR A 326 3.38 5.50 3.75
C THR A 326 3.10 6.76 2.93
N ASN A 327 1.82 7.06 2.68
CA ASN A 327 1.49 8.18 1.80
C ASN A 327 1.84 9.53 2.43
N PRO A 328 1.53 9.83 3.69
CA PRO A 328 1.95 11.13 4.25
C PRO A 328 3.45 11.34 4.23
N LEU A 329 4.24 10.26 4.31
CA LEU A 329 5.68 10.39 4.19
C LEU A 329 6.08 10.77 2.77
N ARG A 330 5.42 10.19 1.77
CA ARG A 330 5.70 10.54 0.38
C ARG A 330 5.40 12.01 0.13
N GLU A 331 4.28 12.52 0.68
CA GLU A 331 3.94 13.93 0.50
C GLU A 331 4.94 14.84 1.19
N ILE A 332 5.50 14.41 2.33
CA ILE A 332 6.52 15.20 3.00
C ILE A 332 7.78 15.27 2.13
N ASP A 333 8.20 14.14 1.57
CA ASP A 333 9.40 14.13 0.75
C ASP A 333 9.23 14.96 -0.51
N LYS A 334 7.99 15.09 -1.00
CA LYS A 334 7.74 16.01 -2.11
C LYS A 334 8.15 17.43 -1.73
N ILE A 335 7.79 17.85 -0.51
CA ILE A 335 8.10 19.21 -0.08
C ILE A 335 9.60 19.39 0.12
N VAL A 336 10.26 18.40 0.73
CA VAL A 336 11.71 18.45 0.88
C VAL A 336 12.38 18.50 -0.48
N GLY A 337 11.84 17.75 -1.46
CA GLY A 337 12.35 17.83 -2.81
C GLY A 337 12.12 19.19 -3.44
N GLN A 338 10.98 19.81 -3.13
CA GLN A 338 10.72 21.16 -3.63
C GLN A 338 11.67 22.17 -3.00
N LEU A 339 12.00 21.99 -1.72
CA LEU A 339 12.96 22.88 -1.07
C LEU A 339 14.36 22.70 -1.64
N MET A 340 14.77 21.45 -1.86
CA MET A 340 16.11 21.19 -2.39
C MET A 340 16.22 21.64 -3.84
N ASP A 341 15.23 21.30 -4.66
CA ASP A 341 15.25 21.71 -6.06
C ASP A 341 15.24 23.23 -6.18
N GLY A 342 14.48 23.90 -5.32
CA GLY A 342 14.46 25.36 -5.34
C GLY A 342 15.76 25.97 -4.84
N LEU A 343 16.43 25.31 -3.89
CA LEU A 343 17.73 25.80 -3.43
C LEU A 343 18.80 25.58 -4.48
N LYS A 344 18.82 24.39 -5.10
CA LYS A 344 19.75 24.15 -6.19
C LYS A 344 19.48 25.09 -7.36
N GLN A 345 18.21 25.42 -7.59
CA GLN A 345 17.87 26.38 -8.63
C GLN A 345 18.46 27.76 -8.31
N LEU A 346 18.52 28.12 -7.03
CA LEU A 346 19.06 29.40 -6.59
C LEU A 346 20.55 29.35 -6.33
N LYS A 347 21.24 28.28 -6.77
CA LYS A 347 22.67 28.12 -6.55
C LYS A 347 23.02 28.16 -5.07
N LEU A 348 22.16 27.59 -4.24
CA LEU A 348 22.32 27.59 -2.79
C LEU A 348 22.39 26.19 -2.19
N HIS A 349 22.28 25.14 -3.01
CA HIS A 349 22.28 23.78 -2.48
C HIS A 349 23.62 23.42 -1.83
N ARG A 350 24.71 24.03 -2.30
CA ARG A 350 26.02 23.83 -1.71
C ARG A 350 26.42 24.98 -0.78
N CYS A 351 25.45 25.74 -0.30
CA CYS A 351 25.67 26.88 0.58
C CYS A 351 24.91 26.76 1.89
N VAL A 352 23.61 26.46 1.83
CA VAL A 352 22.75 26.46 3.00
C VAL A 352 23.11 25.35 3.97
N ASN A 353 22.59 25.43 5.19
CA ASN A 353 22.55 24.32 6.13
C ASN A 353 21.08 23.99 6.40
N VAL A 354 20.71 22.73 6.20
CA VAL A 354 19.34 22.28 6.39
C VAL A 354 19.30 21.30 7.55
N ILE A 355 18.41 21.55 8.50
CA ILE A 355 18.21 20.68 9.65
C ILE A 355 16.82 20.07 9.54
N PHE A 356 16.77 18.77 9.24
CA PHE A 356 15.51 18.03 9.21
C PHE A 356 15.31 17.41 10.59
N VAL A 357 14.30 17.90 11.32
CA VAL A 357 14.17 17.60 12.74
C VAL A 357 12.71 17.28 13.06
N GLY A 358 12.52 16.38 14.03
CA GLY A 358 11.22 16.08 14.57
C GLY A 358 11.16 16.45 16.05
N ASP A 359 9.94 16.50 16.58
CA ASP A 359 9.72 16.86 17.97
C ASP A 359 9.40 15.70 18.89
N HIS A 360 8.75 14.65 18.37
CA HIS A 360 8.42 13.47 19.17
C HIS A 360 8.08 12.33 18.22
N GLY A 361 7.83 11.16 18.79
CA GLY A 361 7.53 9.95 18.05
C GLY A 361 6.04 9.65 18.02
N MET A 362 5.73 8.34 17.95
CA MET A 362 4.34 7.91 17.87
C MET A 362 4.22 6.49 18.41
N GLU A 363 3.14 6.24 19.16
CA GLU A 363 2.90 4.95 19.78
C GLU A 363 1.46 4.52 19.54
N ASP A 364 1.26 3.21 19.42
CA ASP A 364 -0.09 2.65 19.27
C ASP A 364 -0.89 2.84 20.55
N VAL A 365 -2.03 3.50 20.45
CA VAL A 365 -2.97 3.62 21.57
C VAL A 365 -4.38 3.43 21.05
N THR A 366 -5.25 2.91 21.92
CA THR A 366 -6.63 2.63 21.56
C THR A 366 -7.53 3.07 22.70
N CYS A 367 -8.79 3.35 22.37
CA CYS A 367 -9.77 3.73 23.40
C CYS A 367 -9.99 2.60 24.40
N ASP A 368 -9.86 1.34 23.95
CA ASP A 368 -10.01 0.20 24.84
C ASP A 368 -8.92 0.14 25.90
N ARG A 369 -7.85 0.90 25.75
CA ARG A 369 -6.74 0.90 26.69
C ARG A 369 -6.72 2.23 27.44
N THR A 370 -7.65 2.38 28.38
CA THR A 370 -7.76 3.60 29.17
C THR A 370 -8.02 3.23 30.62
N GLU A 371 -7.11 3.62 31.50
CA GLU A 371 -7.33 3.51 32.93
C GLU A 371 -8.13 4.72 33.41
N PHE A 372 -9.12 4.48 34.26
CA PHE A 372 -10.00 5.53 34.76
C PHE A 372 -9.79 5.72 36.25
N LEU A 373 -9.65 6.98 36.66
CA LEU A 373 -9.45 7.29 38.07
C LEU A 373 -10.68 6.94 38.91
N SER A 374 -11.87 6.87 38.30
CA SER A 374 -13.05 6.47 39.03
CA SER A 374 -13.05 6.47 39.03
C SER A 374 -12.97 5.04 39.53
N ASN A 375 -12.08 4.23 38.94
CA ASN A 375 -11.85 2.87 39.40
C ASN A 375 -10.88 2.80 40.58
N TYR A 376 -10.30 3.92 41.00
CA TYR A 376 -9.35 3.95 42.10
C TYR A 376 -9.71 4.92 43.21
N LEU A 377 -10.34 6.05 42.87
CA LEU A 377 -10.65 7.08 43.85
C LEU A 377 -12.12 7.02 44.24
N THR A 378 -12.39 7.13 45.53
CA THR A 378 -13.77 7.09 46.01
C THR A 378 -14.60 8.27 45.54
N ASN A 379 -13.95 9.38 45.18
CA ASN A 379 -14.65 10.55 44.66
C ASN A 379 -13.72 11.29 43.71
N VAL A 380 -14.13 11.38 42.44
CA VAL A 380 -13.34 12.05 41.42
C VAL A 380 -13.92 13.41 41.04
N ASP A 381 -14.99 13.84 41.69
CA ASP A 381 -15.62 15.11 41.37
C ASP A 381 -14.99 16.30 42.08
N ASP A 382 -13.99 16.05 42.94
CA ASP A 382 -13.32 17.12 43.66
C ASP A 382 -11.91 17.38 43.14
N ILE A 383 -11.51 16.73 42.04
CA ILE A 383 -10.18 16.90 41.48
C ILE A 383 -10.31 17.25 40.00
N THR A 384 -9.24 17.85 39.47
CA THR A 384 -9.10 18.12 38.05
C THR A 384 -7.95 17.30 37.50
N LEU A 385 -8.17 16.63 36.38
CA LEU A 385 -7.17 15.77 35.77
C LEU A 385 -6.84 16.25 34.37
N VAL A 386 -5.55 16.37 34.07
CA VAL A 386 -5.06 16.57 32.71
C VAL A 386 -4.85 15.19 32.11
N PRO A 387 -5.77 14.69 31.29
CA PRO A 387 -5.72 13.29 30.88
C PRO A 387 -4.77 13.03 29.72
N GLY A 388 -4.90 11.87 29.09
CA GLY A 388 -4.10 11.52 27.93
C GLY A 388 -2.92 10.62 28.25
N THR A 389 -1.86 10.73 27.47
CA THR A 389 -0.66 9.92 27.65
C THR A 389 0.11 10.27 28.91
N LEU A 390 -0.33 11.26 29.67
CA LEU A 390 0.24 11.57 30.98
C LEU A 390 -0.86 12.13 31.87
N GLY A 391 -0.63 12.07 33.18
CA GLY A 391 -1.64 12.50 34.12
C GLY A 391 -1.15 13.52 35.12
N ARG A 392 -1.89 14.62 35.26
CA ARG A 392 -1.61 15.65 36.25
C ARG A 392 -2.89 15.93 37.01
N ILE A 393 -2.80 15.97 38.35
CA ILE A 393 -3.97 16.05 39.21
C ILE A 393 -3.83 17.26 40.12
N ARG A 394 -4.83 18.14 40.11
CA ARG A 394 -4.93 19.25 41.04
C ARG A 394 -6.36 19.33 41.55
N SER A 395 -6.51 19.96 42.70
CA SER A 395 -7.84 20.11 43.29
C SER A 395 -8.72 20.99 42.42
N LYS A 396 -9.98 20.57 42.24
CA LYS A 396 -10.92 21.36 41.46
C LYS A 396 -11.36 22.61 42.21
N PHE A 397 -11.30 22.60 43.55
CA PHE A 397 -11.71 23.74 44.37
C PHE A 397 -10.59 24.06 45.34
N SER A 398 -10.19 25.34 45.39
CA SER A 398 -9.13 25.74 46.31
C SER A 398 -9.61 25.75 47.76
N ASN A 399 -10.84 26.23 47.98
CA ASN A 399 -11.41 26.26 49.33
C ASN A 399 -12.02 24.90 49.67
N ASN A 400 -11.13 23.92 49.80
CA ASN A 400 -11.53 22.54 50.07
C ASN A 400 -10.45 21.87 50.90
N ALA A 401 -10.72 21.67 52.19
CA ALA A 401 -9.80 20.95 53.06
C ALA A 401 -10.01 19.44 53.01
N LYS A 402 -11.16 18.99 52.51
CA LYS A 402 -11.40 17.56 52.32
C LYS A 402 -10.53 16.98 51.22
N TYR A 403 -9.87 17.82 50.42
CA TYR A 403 -8.94 17.37 49.40
C TYR A 403 -7.61 17.01 50.06
N ASP A 404 -7.25 15.74 50.01
CA ASP A 404 -6.00 15.26 50.61
C ASP A 404 -5.10 14.71 49.52
N PRO A 405 -3.96 15.34 49.23
CA PRO A 405 -3.03 14.75 48.25
C PRO A 405 -2.44 13.43 48.71
N LYS A 406 -2.20 13.26 50.01
CA LYS A 406 -1.70 11.99 50.52
C LYS A 406 -2.65 10.86 50.18
N ALA A 407 -3.95 11.07 50.37
CA ALA A 407 -4.93 10.02 50.13
C ALA A 407 -5.02 9.66 48.65
N ILE A 408 -4.81 10.63 47.77
CA ILE A 408 -4.92 10.34 46.34
C ILE A 408 -3.73 9.53 45.85
N ILE A 409 -2.53 9.84 46.35
CA ILE A 409 -1.36 9.06 45.97
C ILE A 409 -1.47 7.63 46.48
N ALA A 410 -1.97 7.46 47.70
CA ALA A 410 -2.09 6.11 48.27
C ALA A 410 -3.13 5.29 47.53
N ALA A 411 -4.28 5.89 47.22
CA ALA A 411 -5.34 5.17 46.52
C ALA A 411 -4.98 4.84 45.08
N LEU A 412 -3.85 5.33 44.57
CA LEU A 412 -3.40 5.03 43.22
C LEU A 412 -2.11 4.22 43.19
N THR A 413 -1.58 3.83 44.35
CA THR A 413 -0.26 3.20 44.43
C THR A 413 -0.42 1.70 44.63
N CYS A 414 -0.05 0.92 43.60
CA CYS A 414 -0.06 -0.54 43.63
C CYS A 414 -1.35 -1.08 44.25
N LYS A 415 -2.48 -0.55 43.77
CA LYS A 415 -3.79 -0.93 44.27
C LYS A 415 -4.45 -2.03 43.45
N LYS A 416 -3.94 -2.31 42.26
CA LYS A 416 -4.54 -3.32 41.41
C LYS A 416 -3.44 -3.87 40.50
N PRO A 417 -3.37 -5.19 40.31
CA PRO A 417 -2.37 -5.76 39.39
C PRO A 417 -2.58 -5.25 37.97
N ASP A 418 -1.54 -5.44 37.15
CA ASP A 418 -1.41 -4.92 35.78
C ASP A 418 -1.92 -3.48 35.63
N GLN A 419 -1.61 -2.64 36.62
CA GLN A 419 -1.96 -1.23 36.59
C GLN A 419 -1.04 -0.48 35.63
N HIS A 420 -1.64 0.26 34.69
CA HIS A 420 -0.91 0.87 33.58
C HIS A 420 -0.57 2.33 33.82
N PHE A 421 -0.31 2.70 35.07
CA PHE A 421 0.16 4.03 35.43
C PHE A 421 0.74 3.98 36.83
N LYS A 422 1.60 4.93 37.14
CA LYS A 422 2.26 4.98 38.45
C LYS A 422 2.17 6.40 38.99
N PRO A 423 1.61 6.59 40.18
CA PRO A 423 1.53 7.95 40.75
C PRO A 423 2.87 8.41 41.28
N TYR A 424 3.06 9.73 41.25
CA TYR A 424 4.31 10.34 41.67
C TYR A 424 4.05 11.73 42.23
N LEU A 425 4.66 12.02 43.37
CA LEU A 425 4.90 13.41 43.73
C LEU A 425 5.97 13.94 42.79
N LYS A 426 5.73 15.13 42.21
CA LYS A 426 6.55 15.59 41.11
C LYS A 426 8.03 15.68 41.47
N GLN A 427 8.34 15.92 42.75
CA GLN A 427 9.73 15.94 43.18
C GLN A 427 10.34 14.55 43.26
N HIS A 428 9.54 13.50 43.14
CA HIS A 428 10.01 12.12 43.22
C HIS A 428 10.12 11.45 41.86
N LEU A 429 9.74 12.14 40.78
CA LEU A 429 9.92 11.62 39.44
C LEU A 429 11.41 11.41 39.16
N PRO A 430 11.75 10.57 38.19
CA PRO A 430 13.16 10.42 37.81
C PRO A 430 13.80 11.75 37.47
N LYS A 431 15.00 11.97 38.00
CA LYS A 431 15.68 13.25 37.80
C LYS A 431 16.03 13.50 36.34
N ARG A 432 16.17 12.44 35.54
CA ARG A 432 16.45 12.60 34.12
C ARG A 432 15.33 13.33 33.38
N LEU A 433 14.11 13.32 33.93
CA LEU A 433 12.99 13.96 33.26
C LEU A 433 13.04 15.48 33.39
N HIS A 434 13.64 15.99 34.46
CA HIS A 434 13.71 17.43 34.73
C HIS A 434 12.33 18.08 34.62
N TYR A 435 11.41 17.57 35.45
CA TYR A 435 9.98 17.91 35.34
C TYR A 435 9.41 18.12 36.74
N ALA A 436 9.73 19.27 37.33
CA ALA A 436 9.23 19.58 38.68
C ALA A 436 9.27 21.07 38.98
N ASN A 437 10.41 21.71 38.72
CA ASN A 437 10.65 23.09 39.16
C ASN A 437 9.90 24.06 38.25
N ASN A 438 8.58 24.10 38.46
CA ASN A 438 7.70 25.06 37.80
C ASN A 438 6.35 25.04 38.50
N ARG A 439 5.73 26.22 38.63
CA ARG A 439 4.46 26.32 39.32
C ARG A 439 3.31 25.75 38.51
N ARG A 440 3.48 25.61 37.19
CA ARG A 440 2.42 25.05 36.35
C ARG A 440 2.39 23.53 36.37
N ILE A 441 3.41 22.89 36.92
CA ILE A 441 3.44 21.43 37.05
C ILE A 441 2.80 21.06 38.38
N GLU A 442 1.69 20.34 38.33
CA GLU A 442 0.96 19.96 39.53
C GLU A 442 1.76 18.95 40.34
N ASP A 443 1.50 18.92 41.65
CA ASP A 443 2.26 18.06 42.55
C ASP A 443 2.06 16.59 42.20
N ILE A 444 0.82 16.18 41.97
CA ILE A 444 0.52 14.79 41.65
C ILE A 444 0.72 14.56 40.16
N HIS A 445 1.60 13.63 39.81
CA HIS A 445 1.89 13.29 38.44
C HIS A 445 1.70 11.78 38.23
N LEU A 446 1.16 11.42 37.07
CA LEU A 446 0.92 10.02 36.72
C LEU A 446 1.78 9.67 35.52
N LEU A 447 2.77 8.80 35.73
CA LEU A 447 3.57 8.27 34.63
C LEU A 447 2.80 7.12 33.99
N VAL A 448 2.37 7.33 32.75
CA VAL A 448 1.49 6.39 32.06
C VAL A 448 2.34 5.42 31.23
N GLU A 449 2.00 4.14 31.31
CA GLU A 449 2.69 3.13 30.53
C GLU A 449 2.45 3.35 29.04
N ARG A 450 3.45 2.99 28.24
CA ARG A 450 3.34 3.06 26.78
C ARG A 450 2.10 2.30 26.31
N ARG A 451 1.48 2.81 25.25
CA ARG A 451 0.28 2.28 24.61
C ARG A 451 -1.00 2.48 25.41
N TRP A 452 -0.94 3.21 26.53
CA TRP A 452 -2.09 3.32 27.41
C TRP A 452 -2.46 4.78 27.65
N HIS A 453 -3.67 4.98 28.16
CA HIS A 453 -4.20 6.30 28.47
C HIS A 453 -4.76 6.30 29.88
N VAL A 454 -4.81 7.48 30.48
CA VAL A 454 -5.46 7.68 31.78
C VAL A 454 -6.53 8.75 31.63
N ALA A 455 -7.71 8.48 32.19
CA ALA A 455 -8.82 9.41 32.14
C ALA A 455 -9.48 9.45 33.51
N ARG A 456 -10.38 10.42 33.69
CA ARG A 456 -11.00 10.61 34.99
C ARG A 456 -12.15 9.64 35.22
N LYS A 457 -13.06 9.53 34.26
CA LYS A 457 -14.22 8.65 34.38
C LYS A 457 -14.69 8.28 32.98
N PRO A 458 -15.38 7.15 32.82
CA PRO A 458 -15.81 6.72 31.47
C PRO A 458 -16.67 7.74 30.75
N LEU A 459 -17.41 8.58 31.47
CA LEU A 459 -18.26 9.57 30.83
C LEU A 459 -17.46 10.63 30.07
N ASP A 460 -16.19 10.82 30.43
CA ASP A 460 -15.39 11.89 29.83
C ASP A 460 -14.81 11.52 28.47
N VAL A 461 -14.68 10.24 28.15
CA VAL A 461 -14.11 9.81 26.89
C VAL A 461 -15.21 9.66 25.84
N TYR A 462 -14.92 10.12 24.63
CA TYR A 462 -15.86 10.07 23.52
C TYR A 462 -15.12 10.39 22.24
N LYS A 463 -15.69 9.96 21.12
CA LYS A 463 -15.12 10.27 19.81
C LYS A 463 -15.97 11.29 19.07
N CYS A 469 -13.16 4.66 17.88
CA CYS A 469 -12.08 5.29 18.61
C CYS A 469 -11.58 6.54 17.87
N PHE A 470 -11.49 7.66 18.58
CA PHE A 470 -11.06 8.91 17.97
C PHE A 470 -9.54 9.00 17.80
N PHE A 471 -8.85 7.86 17.76
CA PHE A 471 -7.40 7.83 17.58
C PHE A 471 -6.95 6.40 17.38
N GLN A 472 -5.76 6.24 16.81
CA GLN A 472 -5.03 4.99 16.81
C GLN A 472 -3.58 5.19 17.19
N GLY A 473 -3.19 6.41 17.57
CA GLY A 473 -1.83 6.70 17.97
C GLY A 473 -1.77 7.98 18.77
N ASP A 474 -0.81 8.05 19.68
CA ASP A 474 -0.63 9.23 20.53
C ASP A 474 0.83 9.28 20.99
N HIS A 475 1.13 10.30 21.79
CA HIS A 475 2.47 10.53 22.29
C HIS A 475 2.37 11.33 23.58
N GLY A 476 3.49 11.39 24.30
CA GLY A 476 3.52 12.11 25.57
C GLY A 476 4.10 11.27 26.68
N PHE A 477 4.41 10.01 26.38
CA PHE A 477 4.92 9.08 27.38
C PHE A 477 6.33 9.47 27.81
N ASP A 478 6.91 8.66 28.70
CA ASP A 478 8.29 8.80 29.11
C ASP A 478 9.20 8.89 27.89
N ASN A 479 10.04 9.92 27.86
CA ASN A 479 10.84 10.22 26.68
C ASN A 479 11.97 9.21 26.44
N LYS A 480 12.15 8.22 27.31
CA LYS A 480 13.09 7.15 27.04
C LYS A 480 12.46 5.96 26.34
N VAL A 481 11.15 6.03 26.06
CA VAL A 481 10.47 4.96 25.34
C VAL A 481 10.87 5.00 23.88
N ASN A 482 11.00 3.80 23.27
CA ASN A 482 11.46 3.71 21.89
C ASN A 482 10.54 4.46 20.94
N SER A 483 9.22 4.30 21.10
CA SER A 483 8.27 4.86 20.15
C SER A 483 8.29 6.38 20.15
N MET A 484 8.79 7.02 21.21
CA MET A 484 8.82 8.46 21.30
C MET A 484 10.05 9.09 20.66
N GLN A 485 11.07 8.30 20.34
CA GLN A 485 12.27 8.85 19.72
C GLN A 485 11.96 9.36 18.31
N THR A 486 12.62 10.44 17.93
CA THR A 486 12.42 11.08 16.64
C THR A 486 13.74 11.14 15.88
N VAL A 487 13.76 11.90 14.77
CA VAL A 487 14.88 11.89 13.85
C VAL A 487 15.61 13.23 13.90
N PHE A 488 16.84 13.22 13.37
CA PHE A 488 17.61 14.44 13.13
C PHE A 488 18.49 14.19 11.92
N VAL A 489 18.52 15.15 10.99
CA VAL A 489 19.39 15.09 9.83
C VAL A 489 20.00 16.47 9.62
N GLY A 490 21.32 16.54 9.60
CA GLY A 490 22.01 17.79 9.34
C GLY A 490 22.77 17.75 8.02
N TYR A 491 22.34 18.57 7.07
CA TYR A 491 22.96 18.63 5.75
C TYR A 491 23.31 20.07 5.42
N GLY A 492 24.46 20.26 4.78
CA GLY A 492 24.85 21.58 4.36
C GLY A 492 26.36 21.71 4.27
N SER A 493 26.81 22.96 4.20
CA SER A 493 28.21 23.28 4.03
C SER A 493 29.00 23.30 5.33
N THR A 494 28.32 23.22 6.48
CA THR A 494 29.01 23.17 7.77
C THR A 494 28.85 21.82 8.46
N PHE A 495 27.78 21.07 8.17
CA PHE A 495 27.65 19.73 8.69
C PHE A 495 28.65 18.80 8.00
N LYS A 496 28.95 17.69 8.66
CA LYS A 496 29.92 16.75 8.12
C LYS A 496 29.34 15.98 6.93
N TYR A 497 30.20 15.24 6.26
CA TYR A 497 29.88 14.56 5.00
C TYR A 497 29.82 13.06 5.24
N LYS A 498 28.68 12.45 4.92
CA LYS A 498 28.47 11.01 5.09
C LYS A 498 28.91 10.54 6.47
N THR A 499 28.45 11.26 7.49
CA THR A 499 28.90 11.06 8.86
C THR A 499 27.71 10.73 9.75
N LYS A 500 27.87 9.72 10.59
CA LYS A 500 26.84 9.29 11.52
C LYS A 500 27.31 9.57 12.94
N VAL A 501 26.48 10.25 13.71
CA VAL A 501 26.82 10.61 15.09
C VAL A 501 25.92 9.82 16.04
N PRO A 502 26.35 9.57 17.27
CA PRO A 502 25.48 8.86 18.22
C PRO A 502 24.27 9.69 18.59
N PRO A 503 23.21 9.05 19.10
CA PRO A 503 22.00 9.80 19.45
C PRO A 503 22.26 10.83 20.54
N PHE A 504 21.45 11.89 20.53
CA PHE A 504 21.58 12.98 21.48
C PHE A 504 20.19 13.51 21.81
N GLU A 505 20.13 14.41 22.80
CA GLU A 505 18.88 15.05 23.19
C GLU A 505 18.71 16.36 22.47
N ASN A 506 17.44 16.73 22.23
CA ASN A 506 17.14 17.92 21.44
C ASN A 506 17.47 19.21 22.17
N ILE A 507 17.73 19.17 23.48
CA ILE A 507 18.18 20.35 24.20
C ILE A 507 19.58 20.78 23.81
N GLU A 508 20.28 19.96 23.02
CA GLU A 508 21.63 20.27 22.57
C GLU A 508 21.66 21.00 21.23
N LEU A 509 20.51 21.16 20.58
CA LEU A 509 20.49 21.72 19.22
C LEU A 509 20.58 23.24 19.21
N TYR A 510 20.03 23.91 20.23
CA TYR A 510 19.99 25.37 20.23
C TYR A 510 21.40 25.94 20.17
N ASN A 511 22.35 25.33 20.87
CA ASN A 511 23.73 25.79 20.81
C ASN A 511 24.33 25.56 19.43
N VAL A 512 23.97 24.45 18.78
CA VAL A 512 24.48 24.18 17.44
C VAL A 512 23.95 25.19 16.44
N MET A 513 22.66 25.52 16.53
CA MET A 513 22.07 26.48 15.61
C MET A 513 22.62 27.88 15.86
N CYS A 514 22.97 28.21 17.10
CA CYS A 514 23.60 29.49 17.38
C CYS A 514 25.00 29.55 16.79
N ASP A 515 25.74 28.44 16.86
CA ASP A 515 27.07 28.39 16.27
C ASP A 515 26.99 28.49 14.75
N LEU A 516 25.96 27.89 14.15
CA LEU A 516 25.80 27.95 12.69
CA LEU A 516 25.79 27.96 12.69
C LEU A 516 25.49 29.38 12.23
N LEU A 517 25.06 30.26 13.12
CA LEU A 517 24.75 31.64 12.78
C LEU A 517 25.70 32.63 13.45
N GLY A 518 26.76 32.14 14.09
CA GLY A 518 27.69 33.00 14.79
C GLY A 518 27.13 33.71 16.00
N LEU A 519 25.99 33.27 16.53
CA LEU A 519 25.36 33.90 17.68
C LEU A 519 25.91 33.33 18.97
N LYS A 520 25.94 34.18 20.00
CA LYS A 520 26.22 33.71 21.35
C LYS A 520 24.92 33.19 21.97
N PRO A 521 24.82 31.90 22.27
CA PRO A 521 23.55 31.35 22.73
C PRO A 521 23.18 31.87 24.11
N ALA A 522 21.87 32.06 24.32
CA ALA A 522 21.37 32.38 25.64
C ALA A 522 21.61 31.19 26.57
N PRO A 523 21.71 31.44 27.88
CA PRO A 523 21.91 30.33 28.82
C PRO A 523 20.85 29.24 28.68
N ASN A 524 21.28 28.03 28.36
CA ASN A 524 20.37 26.91 28.13
C ASN A 524 20.92 25.68 28.85
N ASN A 525 20.23 24.55 28.65
CA ASN A 525 20.56 23.32 29.35
C ASN A 525 21.29 22.32 28.48
N GLY A 526 21.67 22.72 27.26
CA GLY A 526 22.59 21.92 26.49
C GLY A 526 24.01 22.09 26.99
N THR A 527 24.81 21.05 26.82
CA THR A 527 26.23 21.09 27.16
C THR A 527 26.98 21.51 25.91
N HIS A 528 27.25 22.82 25.79
CA HIS A 528 27.86 23.35 24.57
C HIS A 528 29.23 22.73 24.34
N GLY A 529 29.41 22.19 23.14
CA GLY A 529 30.61 21.46 22.78
C GLY A 529 30.39 19.97 22.60
N SER A 530 29.35 19.42 23.23
CA SER A 530 29.05 17.99 23.13
C SER A 530 28.51 17.60 21.76
N LEU A 531 28.20 18.56 20.90
CA LEU A 531 27.77 18.28 19.53
C LEU A 531 28.72 18.88 18.50
N ASN A 532 29.94 19.24 18.92
CA ASN A 532 30.92 19.76 17.97
C ASN A 532 31.29 18.75 16.91
N HIS A 533 31.14 17.45 17.20
CA HIS A 533 31.42 16.42 16.21
C HIS A 533 30.36 16.33 15.13
N LEU A 534 29.34 17.18 15.16
CA LEU A 534 28.36 17.25 14.09
C LEU A 534 28.82 18.15 12.95
N LEU A 535 29.81 19.00 13.19
CA LEU A 535 30.17 20.09 12.28
C LEU A 535 31.52 19.83 11.63
N ARG A 536 31.64 20.23 10.37
CA ARG A 536 32.93 20.15 9.68
CA ARG A 536 32.93 20.15 9.68
C ARG A 536 33.95 21.08 10.33
N THR A 537 33.53 22.29 10.68
CA THR A 537 34.38 23.25 11.38
C THR A 537 33.58 23.84 12.54
N ASN A 538 34.28 24.13 13.64
CA ASN A 538 33.63 24.58 14.87
C ASN A 538 34.26 25.88 15.33
N THR A 539 33.44 26.93 15.42
CA THR A 539 33.91 28.18 15.99
C THR A 539 33.91 28.15 17.52
N PHE A 540 32.99 27.39 18.11
CA PHE A 540 32.96 27.27 19.57
C PHE A 540 33.95 26.21 20.04
N ARG A 541 34.60 26.49 21.16
CA ARG A 541 35.63 25.63 21.72
C ARG A 541 35.45 25.57 23.23
N PRO A 542 34.90 24.46 23.75
CA PRO A 542 34.49 24.44 25.16
C PRO A 542 35.66 24.52 26.12
N THR A 543 35.38 25.02 27.32
CA THR A 543 36.38 25.20 28.36
C THR A 543 35.98 24.38 29.59
N MET A 544 36.94 23.64 30.14
CA MET A 544 36.70 22.90 31.36
C MET A 544 36.57 23.87 32.53
N PRO A 545 35.54 23.73 33.37
CA PRO A 545 35.40 24.67 34.50
C PRO A 545 36.56 24.54 35.47
N GLU A 546 37.12 25.68 35.87
CA GLU A 546 38.21 25.69 36.81
C GLU A 546 37.73 25.31 38.20
N GLU A 547 38.59 24.62 38.95
CA GLU A 547 38.25 24.23 40.31
C GLU A 547 38.12 25.46 41.20
N VAL A 548 37.12 25.43 42.07
CA VAL A 548 36.85 26.53 42.98
C VAL A 548 37.46 26.30 44.35
N THR A 549 37.29 25.09 44.90
CA THR A 549 37.83 24.73 46.21
C THR A 549 38.96 23.73 46.03
N ARG A 550 40.17 24.15 46.34
CA ARG A 550 41.30 23.22 46.35
C ARG A 550 41.17 22.27 47.54
N PRO A 551 41.55 21.01 47.38
CA PRO A 551 41.38 20.05 48.47
C PRO A 551 42.52 20.08 49.46
N ASN A 552 42.24 19.58 50.65
CA ASN A 552 43.26 19.30 51.65
C ASN A 552 43.63 17.81 51.57
N TYR A 553 44.91 17.53 51.83
CA TYR A 553 45.43 16.17 51.84
C TYR A 553 45.93 15.86 53.25
N PRO A 554 45.03 15.75 54.23
CA PRO A 554 45.47 15.66 55.63
C PRO A 554 46.07 14.30 55.94
N GLY A 555 47.10 14.32 56.78
CA GLY A 555 47.66 13.11 57.35
C GLY A 555 47.05 12.80 58.71
N ILE A 556 47.70 11.90 59.43
CA ILE A 556 47.26 11.54 60.77
C ILE A 556 47.47 12.73 61.68
N MET A 557 46.39 13.42 62.04
CA MET A 557 46.46 14.63 62.85
C MET A 557 46.00 14.45 64.28
N TYR A 558 45.09 13.51 64.54
CA TYR A 558 44.52 13.31 65.87
C TYR A 558 44.76 11.88 66.33
N LEU A 559 44.52 11.66 67.62
CA LEU A 559 44.57 10.34 68.22
C LEU A 559 43.15 9.84 68.47
N GLN A 560 43.02 8.51 68.60
CA GLN A 560 41.72 7.90 68.83
C GLN A 560 41.09 8.37 70.14
N SER A 561 41.89 8.82 71.09
CA SER A 561 41.36 9.34 72.36
C SER A 561 40.57 10.63 72.17
N ASP A 562 40.86 11.40 71.11
CA ASP A 562 40.19 12.67 70.88
C ASP A 562 38.76 12.51 70.38
N PHE A 563 38.27 11.28 70.20
CA PHE A 563 36.97 11.02 69.59
C PHE A 563 36.01 10.47 70.64
N ASP A 564 34.89 11.16 70.83
CA ASP A 564 33.79 10.62 71.62
C ASP A 564 32.53 10.59 70.76
N LEU A 565 32.65 10.03 69.55
CA LEU A 565 31.54 9.99 68.62
C LEU A 565 30.47 8.98 69.01
N GLY A 566 30.74 8.14 70.02
CA GLY A 566 29.81 7.10 70.38
C GLY A 566 29.86 5.86 69.51
N CYS A 567 30.96 5.67 68.77
CA CYS A 567 31.09 4.56 67.85
C CYS A 567 31.98 3.47 68.47
N THR A 568 31.58 2.22 68.27
CA THR A 568 32.31 1.07 68.78
C THR A 568 32.71 0.17 67.61
N CYS A 569 33.87 -0.46 67.73
CA CYS A 569 34.35 -1.40 66.74
C CYS A 569 35.41 -2.30 67.36
N ASP A 570 35.39 -3.57 66.99
CA ASP A 570 36.32 -4.55 67.51
C ASP A 570 37.58 -4.62 66.65
N ASP A 571 38.63 -5.19 67.22
CA ASP A 571 39.89 -5.40 66.52
C ASP A 571 40.57 -6.67 66.99
N PRO A 575 43.96 -14.83 62.41
CA PRO A 575 45.32 -14.84 61.89
C PRO A 575 45.38 -14.61 60.38
N LYS A 576 44.51 -13.73 59.88
CA LYS A 576 44.43 -13.48 58.46
C LYS A 576 45.58 -12.64 57.94
N ASN A 577 46.25 -11.87 58.79
CA ASN A 577 47.37 -11.04 58.34
C ASN A 577 48.55 -11.89 57.91
N LYS A 578 48.90 -12.91 58.70
CA LYS A 578 49.95 -13.84 58.29
C LYS A 578 49.56 -14.58 57.02
N LEU A 579 48.26 -14.77 56.79
CA LEU A 579 47.81 -15.37 55.54
C LEU A 579 47.92 -14.38 54.39
N ASP A 580 47.61 -13.11 54.64
CA ASP A 580 47.76 -12.09 53.60
C ASP A 580 49.23 -11.93 53.21
N GLU A 581 50.12 -11.98 54.21
CA GLU A 581 51.54 -11.82 53.91
C GLU A 581 52.09 -13.05 53.20
N LEU A 582 51.66 -14.24 53.62
CA LEU A 582 52.03 -15.46 52.89
C LEU A 582 51.56 -15.40 51.45
N ASN A 583 50.48 -14.67 51.19
CA ASN A 583 50.08 -14.39 49.82
C ASN A 583 51.05 -13.43 49.15
N LYS A 584 51.26 -12.25 49.75
CA LYS A 584 52.08 -11.21 49.14
C LYS A 584 53.52 -11.67 48.96
N ARG A 585 54.10 -12.29 49.99
CA ARG A 585 55.50 -12.67 49.94
C ARG A 585 55.75 -13.72 48.85
N LEU A 586 54.91 -14.76 48.81
CA LEU A 586 55.10 -15.86 47.87
C LEU A 586 54.37 -15.54 46.56
N HIS A 587 54.96 -14.60 45.82
CA HIS A 587 54.51 -14.23 44.49
C HIS A 587 55.70 -14.19 43.54
N THR A 588 55.42 -14.41 42.26
CA THR A 588 56.45 -14.39 41.24
C THR A 588 56.59 -13.05 40.55
N LYS A 589 55.49 -12.32 40.38
CA LYS A 589 55.51 -11.02 39.69
C LYS A 589 56.05 -9.93 40.60
N GLU A 619 45.69 6.98 41.11
CA GLU A 619 46.15 5.59 41.13
C GLU A 619 45.18 4.70 40.34
N ARG A 620 45.02 3.46 40.82
CA ARG A 620 44.10 2.52 40.20
C ARG A 620 42.65 2.84 40.52
N HIS A 621 42.39 3.53 41.63
CA HIS A 621 41.03 3.83 42.07
C HIS A 621 40.51 5.17 41.56
N LEU A 622 41.36 5.98 40.92
CA LEU A 622 40.99 7.30 40.41
C LEU A 622 41.52 7.42 38.99
N LEU A 623 40.80 6.83 38.04
CA LEU A 623 41.32 6.63 36.69
C LEU A 623 41.16 7.84 35.78
N TYR A 624 40.37 8.84 36.17
CA TYR A 624 40.02 9.94 35.28
C TYR A 624 40.25 11.29 35.94
N GLY A 625 41.20 11.36 36.89
CA GLY A 625 41.43 12.59 37.62
C GLY A 625 40.36 12.84 38.66
N ARG A 626 40.77 13.42 39.78
CA ARG A 626 39.81 13.69 40.86
CA ARG A 626 39.81 13.68 40.85
C ARG A 626 38.75 14.68 40.39
N PRO A 627 37.53 14.58 40.91
CA PRO A 627 36.50 15.56 40.55
C PRO A 627 36.84 16.93 41.09
N ALA A 628 36.45 17.96 40.33
CA ALA A 628 36.66 19.34 40.73
C ALA A 628 35.42 19.86 41.44
N VAL A 629 35.61 20.50 42.59
CA VAL A 629 34.52 21.11 43.34
C VAL A 629 34.32 22.52 42.80
N LEU A 630 33.13 22.78 42.25
CA LEU A 630 32.83 24.04 41.57
C LEU A 630 32.11 25.04 42.48
N TYR A 631 32.29 24.92 43.79
CA TYR A 631 31.74 25.90 44.73
C TYR A 631 32.67 26.01 45.92
N ARG A 632 32.47 27.08 46.70
CA ARG A 632 33.32 27.37 47.84
C ARG A 632 32.90 26.48 49.01
N THR A 633 33.77 25.55 49.39
CA THR A 633 33.51 24.65 50.51
C THR A 633 34.85 24.26 51.12
N ARG A 634 34.82 23.28 52.03
CA ARG A 634 36.02 22.75 52.65
C ARG A 634 35.91 21.23 52.67
N TYR A 635 36.81 20.57 51.94
CA TYR A 635 36.77 19.12 51.81
C TYR A 635 38.19 18.56 51.77
N ASP A 636 38.31 17.26 52.02
CA ASP A 636 39.60 16.59 52.13
C ASP A 636 39.63 15.36 51.24
N ILE A 637 40.78 15.11 50.64
CA ILE A 637 41.01 13.90 49.86
C ILE A 637 41.52 12.82 50.82
N LEU A 638 40.76 11.73 50.93
CA LEU A 638 41.12 10.62 51.82
C LEU A 638 41.50 9.42 50.96
N TYR A 639 42.74 8.96 51.12
CA TYR A 639 43.22 7.78 50.41
C TYR A 639 43.05 6.53 51.27
N HIS A 640 42.74 5.42 50.62
CA HIS A 640 42.68 4.12 51.27
C HIS A 640 43.22 3.06 50.32
N THR A 641 43.34 1.84 50.84
CA THR A 641 43.83 0.74 50.01
C THR A 641 42.88 0.45 48.87
N ASP A 642 41.57 0.44 49.13
CA ASP A 642 40.58 0.01 48.16
C ASP A 642 39.78 1.15 47.55
N PHE A 643 39.80 2.34 48.12
CA PHE A 643 38.98 3.42 47.61
C PHE A 643 39.60 4.77 48.00
N GLU A 644 39.06 5.83 47.39
CA GLU A 644 39.50 7.19 47.63
C GLU A 644 38.27 8.09 47.64
N SER A 645 38.24 9.05 48.56
CA SER A 645 37.04 9.85 48.77
C SER A 645 37.41 11.31 48.97
N GLY A 646 36.54 12.19 48.49
CA GLY A 646 36.60 13.60 48.80
C GLY A 646 35.65 13.94 49.93
N TYR A 647 36.10 13.76 51.17
CA TYR A 647 35.24 13.96 52.33
C TYR A 647 35.01 15.45 52.56
N SER A 648 33.74 15.84 52.70
CA SER A 648 33.36 17.24 52.89
C SER A 648 33.17 17.51 54.37
N GLU A 649 33.92 18.47 54.90
CA GLU A 649 33.78 18.87 56.30
C GLU A 649 32.56 19.73 56.56
N ILE A 650 31.86 20.16 55.51
CA ILE A 650 30.64 20.95 55.67
C ILE A 650 29.41 20.06 55.73
N PHE A 651 29.37 19.01 54.90
CA PHE A 651 28.25 18.08 54.86
C PHE A 651 28.50 16.81 55.67
N LEU A 652 29.69 16.67 56.26
CA LEU A 652 30.02 15.56 57.16
C LEU A 652 29.93 14.21 56.46
N MET A 653 30.23 14.18 55.16
CA MET A 653 30.21 12.94 54.38
C MET A 653 30.94 13.21 53.06
N PRO A 654 31.42 12.16 52.38
CA PRO A 654 32.12 12.38 51.12
C PRO A 654 31.19 12.96 50.06
N LEU A 655 31.76 13.83 49.23
CA LEU A 655 31.06 14.26 48.02
C LEU A 655 31.18 13.22 46.91
N TRP A 656 32.20 12.38 46.94
CA TRP A 656 32.40 11.33 45.96
C TRP A 656 33.30 10.26 46.55
N THR A 657 33.04 9.01 46.17
CA THR A 657 33.86 7.88 46.58
C THR A 657 34.20 7.07 45.33
N SER A 658 35.50 6.96 45.03
CA SER A 658 35.97 6.33 43.81
C SER A 658 36.69 5.03 44.14
N TYR A 659 36.35 3.97 43.42
CA TYR A 659 37.02 2.69 43.56
C TYR A 659 36.81 1.88 42.28
N THR A 660 37.80 1.05 41.96
CA THR A 660 37.78 0.23 40.76
C THR A 660 37.60 -1.24 41.14
N VAL A 661 36.71 -1.93 40.44
CA VAL A 661 36.39 -3.32 40.71
C VAL A 661 36.82 -4.14 39.49
N SER A 662 37.72 -5.10 39.71
CA SER A 662 38.27 -5.89 38.63
C SER A 662 37.26 -6.93 38.16
N LYS A 663 37.54 -7.52 37.00
CA LYS A 663 36.67 -8.57 36.45
C LYS A 663 36.67 -9.81 37.33
N GLN A 664 37.80 -10.11 37.97
CA GLN A 664 37.93 -11.28 38.84
C GLN A 664 37.79 -10.90 40.32
N ALA A 665 37.22 -9.75 40.62
CA ALA A 665 37.10 -9.31 42.00
C ALA A 665 36.15 -10.21 42.78
N GLU A 666 36.56 -10.61 43.97
CA GLU A 666 35.75 -11.46 44.83
C GLU A 666 34.86 -10.60 45.73
N VAL A 667 33.72 -11.16 46.11
CA VAL A 667 32.75 -10.48 46.95
C VAL A 667 32.75 -11.20 48.29
N SER A 668 33.39 -10.60 49.29
CA SER A 668 33.45 -11.21 50.61
C SER A 668 32.20 -10.86 51.41
N SER A 669 32.12 -11.37 52.62
CA SER A 669 31.07 -11.04 53.56
C SER A 669 31.63 -10.16 54.67
N VAL A 670 30.82 -9.90 55.69
CA VAL A 670 31.23 -9.14 56.86
C VAL A 670 30.91 -9.97 58.10
N PRO A 671 31.88 -10.28 58.95
CA PRO A 671 31.59 -11.04 60.17
C PRO A 671 30.63 -10.29 61.08
N ASP A 672 29.96 -11.05 61.95
CA ASP A 672 28.92 -10.47 62.79
C ASP A 672 29.49 -9.46 63.79
N HIS A 673 30.70 -9.70 64.30
CA HIS A 673 31.30 -8.76 65.23
C HIS A 673 31.84 -7.50 64.55
N LEU A 674 31.74 -7.41 63.22
CA LEU A 674 32.05 -6.20 62.49
C LEU A 674 30.83 -5.57 61.84
N THR A 675 29.64 -6.17 62.02
CA THR A 675 28.44 -5.65 61.38
C THR A 675 28.10 -4.25 61.88
N SER A 676 28.20 -4.03 63.19
CA SER A 676 27.90 -2.73 63.80
C SER A 676 29.15 -1.93 64.10
N CYS A 677 30.26 -2.24 63.42
CA CYS A 677 31.54 -1.58 63.69
C CYS A 677 31.64 -0.28 62.91
N VAL A 678 32.02 0.79 63.61
CA VAL A 678 32.31 2.08 63.00
C VAL A 678 33.57 2.64 63.65
N ARG A 679 34.53 3.06 62.82
CA ARG A 679 35.80 3.51 63.35
C ARG A 679 36.01 5.00 63.10
N PRO A 680 36.65 5.71 64.03
CA PRO A 680 36.96 7.11 63.78
C PRO A 680 38.11 7.26 62.79
N ASP A 681 38.08 8.37 62.05
CA ASP A 681 39.13 8.69 61.08
C ASP A 681 40.06 9.73 61.71
N VAL A 682 41.30 9.35 61.95
CA VAL A 682 42.25 10.19 62.67
C VAL A 682 42.84 11.24 61.75
N ARG A 683 42.25 11.41 60.56
CA ARG A 683 42.65 12.44 59.62
C ARG A 683 41.69 13.62 59.59
N VAL A 684 40.50 13.49 60.17
CA VAL A 684 39.48 14.53 60.15
C VAL A 684 39.10 14.85 61.59
N SER A 685 38.91 16.13 61.87
CA SER A 685 38.66 16.58 63.24
C SER A 685 37.38 15.94 63.78
N PRO A 686 37.36 15.62 65.09
CA PRO A 686 36.11 15.10 65.68
C PRO A 686 34.92 16.02 65.50
N SER A 687 35.16 17.33 65.37
CA SER A 687 34.08 18.28 65.16
C SER A 687 33.53 18.24 63.74
N PHE A 688 34.26 17.66 62.80
CA PHE A 688 33.81 17.50 61.42
C PHE A 688 33.61 16.02 61.08
N SER A 689 33.01 15.28 62.00
CA SER A 689 32.78 13.85 61.83
C SER A 689 31.37 13.52 62.30
N GLN A 690 30.74 12.57 61.61
CA GLN A 690 29.46 12.06 62.07
C GLN A 690 29.63 11.35 63.41
N ASN A 691 28.54 11.29 64.18
CA ASN A 691 28.53 10.60 65.46
C ASN A 691 27.52 9.47 65.42
N CYS A 692 27.89 8.34 66.03
CA CYS A 692 27.03 7.16 66.00
C CYS A 692 25.75 7.38 66.81
N LEU A 693 25.85 8.14 67.91
CA LEU A 693 24.70 8.31 68.80
C LEU A 693 23.51 8.92 68.07
N ALA A 694 23.77 9.81 67.11
CA ALA A 694 22.68 10.42 66.36
C ALA A 694 21.88 9.38 65.59
N TYR A 695 22.56 8.37 65.03
CA TYR A 695 21.86 7.30 64.34
C TYR A 695 21.09 6.41 65.30
N LYS A 696 21.59 6.24 66.53
CA LYS A 696 20.89 5.39 67.47
C LYS A 696 19.64 6.06 68.00
N ASN A 697 19.64 7.39 68.09
CA ASN A 697 18.47 8.12 68.56
C ASN A 697 17.43 8.31 67.45
N ASP A 698 17.86 8.35 66.20
CA ASP A 698 16.94 8.51 65.08
C ASP A 698 16.41 7.12 64.73
N LYS A 699 15.21 6.79 65.23
CA LYS A 699 14.65 5.46 65.01
C LYS A 699 14.27 5.24 63.55
N GLN A 700 14.06 6.31 62.79
CA GLN A 700 13.69 6.22 61.39
C GLN A 700 14.90 6.17 60.45
N MET A 701 16.11 6.34 60.97
CA MET A 701 17.30 6.50 60.14
C MET A 701 18.35 5.46 60.49
N SER A 702 18.94 4.84 59.45
CA SER A 702 20.10 3.99 59.59
C SER A 702 21.26 4.63 58.86
N TYR A 703 22.27 3.83 58.49
CA TYR A 703 23.40 4.37 57.74
C TYR A 703 24.00 3.29 56.87
N GLY A 704 24.50 3.70 55.70
CA GLY A 704 25.20 2.81 54.81
C GLY A 704 26.63 3.26 54.58
N PHE A 705 27.32 2.66 53.62
CA PHE A 705 28.69 3.01 53.29
C PHE A 705 28.81 3.27 51.79
N LEU A 706 29.66 4.22 51.45
CA LEU A 706 29.85 4.55 50.04
C LEU A 706 30.74 3.53 49.35
N PHE A 707 31.86 3.16 49.95
CA PHE A 707 32.59 1.97 49.53
C PHE A 707 32.09 0.78 50.34
N PRO A 708 31.60 -0.28 49.71
CA PRO A 708 31.01 -1.37 50.46
C PRO A 708 32.08 -2.24 51.10
N PRO A 709 31.95 -2.53 52.40
CA PRO A 709 32.90 -3.48 53.03
C PRO A 709 32.90 -4.84 52.38
N TYR A 710 31.86 -5.19 51.61
CA TYR A 710 31.80 -6.47 50.94
C TYR A 710 32.84 -6.60 49.83
N LEU A 711 33.41 -5.49 49.36
CA LEU A 711 34.37 -5.50 48.27
C LEU A 711 35.78 -5.14 48.73
N SER A 712 36.10 -5.42 49.99
CA SER A 712 37.45 -5.17 50.48
C SER A 712 38.42 -6.20 49.92
N SER A 713 39.63 -5.75 49.61
CA SER A 713 40.65 -6.65 49.09
C SER A 713 41.24 -7.55 50.16
N SER A 714 41.03 -7.23 51.44
CA SER A 714 41.58 -8.00 52.54
C SER A 714 40.88 -7.61 53.84
N PRO A 715 40.75 -8.51 54.81
CA PRO A 715 40.13 -8.13 56.09
C PRO A 715 40.85 -6.99 56.78
N GLU A 716 42.15 -6.85 56.55
CA GLU A 716 42.88 -5.70 57.08
C GLU A 716 42.42 -4.41 56.43
N ALA A 717 42.23 -4.42 55.11
CA ALA A 717 41.70 -3.26 54.42
C ALA A 717 40.22 -3.02 54.69
N LYS A 718 39.49 -4.07 55.12
CA LYS A 718 38.07 -3.92 55.37
C LYS A 718 37.78 -2.93 56.49
N TYR A 719 38.74 -2.73 57.39
CA TYR A 719 38.54 -1.75 58.46
C TYR A 719 38.49 -0.32 57.95
N ASP A 720 39.04 -0.06 56.76
CA ASP A 720 38.93 1.26 56.16
C ASP A 720 37.49 1.56 55.76
N ALA A 721 36.76 0.53 55.32
CA ALA A 721 35.39 0.74 54.88
C ALA A 721 34.45 1.11 56.02
N PHE A 722 34.82 0.79 57.26
CA PHE A 722 34.01 1.12 58.43
C PHE A 722 34.36 2.48 59.03
N LEU A 723 35.20 3.26 58.36
CA LEU A 723 35.58 4.57 58.88
C LEU A 723 34.37 5.50 58.88
N VAL A 724 34.29 6.34 59.92
CA VAL A 724 33.16 7.26 60.06
C VAL A 724 33.12 8.27 58.91
N THR A 725 34.22 8.41 58.17
CA THR A 725 34.24 9.26 56.99
C THR A 725 33.69 8.56 55.75
N ASN A 726 33.23 7.32 55.88
CA ASN A 726 32.70 6.56 54.76
C ASN A 726 31.22 6.27 54.88
N MET A 727 30.59 6.57 56.01
CA MET A 727 29.19 6.28 56.22
C MET A 727 28.31 7.45 55.79
N VAL A 728 27.19 7.12 55.16
CA VAL A 728 26.20 8.13 54.76
C VAL A 728 24.85 7.68 55.32
N PRO A 729 23.99 8.61 55.74
CA PRO A 729 22.70 8.21 56.34
C PRO A 729 21.74 7.67 55.28
N MET A 730 21.18 6.50 55.55
CA MET A 730 20.23 5.87 54.64
C MET A 730 19.09 5.24 55.44
N TYR A 731 17.88 5.36 54.89
CA TYR A 731 16.73 4.69 55.48
C TYR A 731 16.90 3.18 55.38
N PRO A 732 16.33 2.42 56.33
CA PRO A 732 16.36 0.95 56.20
C PRO A 732 15.70 0.45 54.94
N ALA A 733 14.69 1.16 54.42
CA ALA A 733 14.06 0.73 53.18
C ALA A 733 14.97 0.94 51.99
N PHE A 734 15.73 2.04 51.98
CA PHE A 734 16.65 2.28 50.88
C PHE A 734 17.88 1.37 50.96
N LYS A 735 18.25 0.95 52.17
CA LYS A 735 19.40 0.06 52.32
C LYS A 735 19.18 -1.26 51.58
N ARG A 736 17.92 -1.69 51.44
CA ARG A 736 17.63 -2.85 50.60
C ARG A 736 18.06 -2.60 49.16
N VAL A 737 17.85 -1.38 48.65
CA VAL A 737 18.27 -1.05 47.30
C VAL A 737 19.77 -0.86 47.23
N TRP A 738 20.35 -0.19 48.24
CA TRP A 738 21.78 0.08 48.22
C TRP A 738 22.60 -1.20 48.40
N ASN A 739 22.20 -2.06 49.34
CA ASN A 739 22.94 -3.30 49.57
C ASN A 739 22.96 -4.17 48.32
N TYR A 740 21.80 -4.31 47.66
CA TYR A 740 21.74 -5.15 46.47
C TYR A 740 22.60 -4.58 45.34
N PHE A 741 22.65 -3.25 45.23
CA PHE A 741 23.47 -2.65 44.19
C PHE A 741 24.96 -2.91 44.43
N GLN A 742 25.43 -2.65 45.65
CA GLN A 742 26.85 -2.79 45.94
C GLN A 742 27.26 -4.26 45.97
N ARG A 743 26.51 -5.09 46.68
CA ARG A 743 26.94 -6.45 46.94
C ARG A 743 26.76 -7.36 45.74
N VAL A 744 25.89 -7.03 44.80
CA VAL A 744 25.52 -7.96 43.75
C VAL A 744 25.72 -7.36 42.36
N LEU A 745 25.30 -6.11 42.18
CA LEU A 745 25.27 -5.52 40.85
C LEU A 745 26.60 -4.94 40.40
N VAL A 746 27.40 -4.38 41.31
CA VAL A 746 28.72 -3.86 40.91
C VAL A 746 29.61 -5.01 40.45
N LYS A 747 29.59 -6.14 41.18
CA LYS A 747 30.30 -7.33 40.72
C LYS A 747 29.73 -7.83 39.40
N LYS A 748 28.41 -7.69 39.21
CA LYS A 748 27.80 -8.07 37.93
C LYS A 748 28.31 -7.19 36.80
N TYR A 749 28.45 -5.89 37.04
CA TYR A 749 28.90 -4.98 35.99
C TYR A 749 30.37 -5.22 35.65
N ALA A 750 31.21 -5.43 36.67
CA ALA A 750 32.63 -5.66 36.42
C ALA A 750 32.83 -6.94 35.63
N SER A 751 32.10 -8.01 35.98
CA SER A 751 32.22 -9.27 35.24
CA SER A 751 32.22 -9.27 35.24
C SER A 751 31.70 -9.13 33.81
N GLU A 752 30.77 -8.21 33.58
CA GLU A 752 30.20 -8.01 32.26
C GLU A 752 31.01 -7.06 31.38
N ARG A 753 31.67 -6.08 31.97
CA ARG A 753 32.30 -4.99 31.22
C ARG A 753 33.82 -4.95 31.40
N ASN A 754 34.44 -6.07 31.79
CA ASN A 754 35.87 -6.15 32.02
C ASN A 754 36.31 -5.10 33.04
N GLY A 755 35.74 -5.20 34.24
CA GLY A 755 36.03 -4.26 35.30
C GLY A 755 35.30 -2.94 35.14
N VAL A 756 34.97 -2.29 36.25
CA VAL A 756 34.27 -1.01 36.24
C VAL A 756 34.90 -0.09 37.27
N ASN A 757 34.74 1.22 37.05
CA ASN A 757 35.12 2.23 38.02
C ASN A 757 33.84 2.88 38.54
N VAL A 758 33.66 2.83 39.86
CA VAL A 758 32.46 3.33 40.52
C VAL A 758 32.79 4.61 41.26
N ILE A 759 32.00 5.64 41.03
CA ILE A 759 32.08 6.90 41.77
C ILE A 759 30.70 7.18 42.33
N SER A 760 30.55 7.09 43.65
CA SER A 760 29.25 7.22 44.30
C SER A 760 29.30 8.32 45.35
N GLY A 761 28.13 8.92 45.58
CA GLY A 761 28.00 9.97 46.57
C GLY A 761 26.56 10.41 46.76
N PRO A 762 26.34 11.35 47.67
CA PRO A 762 24.99 11.83 47.95
C PRO A 762 24.61 13.02 47.07
N ILE A 763 23.30 13.29 47.04
CA ILE A 763 22.74 14.42 46.30
C ILE A 763 21.67 15.07 47.15
N PHE A 764 21.76 16.39 47.32
CA PHE A 764 20.79 17.16 48.10
C PHE A 764 20.06 18.10 47.15
N ASP A 765 18.78 17.80 46.88
CA ASP A 765 17.96 18.58 45.96
C ASP A 765 16.57 18.75 46.58
N TYR A 766 16.50 19.50 47.67
CA TYR A 766 15.26 19.63 48.42
C TYR A 766 14.26 20.58 47.77
N ASP A 767 14.72 21.51 46.92
CA ASP A 767 13.83 22.39 46.17
C ASP A 767 13.67 21.94 44.72
N TYR A 768 13.99 20.67 44.44
CA TYR A 768 13.81 20.00 43.15
C TYR A 768 14.00 20.89 41.93
N ASP A 769 15.05 21.70 41.90
CA ASP A 769 15.39 22.49 40.73
C ASP A 769 16.55 21.89 39.94
N GLY A 770 16.97 20.68 40.27
CA GLY A 770 18.06 20.01 39.59
C GLY A 770 19.44 20.58 39.84
N LEU A 771 19.62 21.36 40.90
CA LEU A 771 20.90 22.00 41.18
C LEU A 771 21.34 21.68 42.61
N HIS A 772 22.65 21.76 42.83
CA HIS A 772 23.23 21.46 44.12
C HIS A 772 22.72 22.42 45.19
N ASP A 773 22.11 21.88 46.24
CA ASP A 773 21.57 22.71 47.31
C ASP A 773 22.65 23.10 48.30
N THR A 774 22.62 24.36 48.72
CA THR A 774 23.42 24.80 49.85
C THR A 774 22.78 24.31 51.14
N GLU A 775 23.43 24.61 52.27
CA GLU A 775 22.97 24.08 53.55
C GLU A 775 21.58 24.59 53.91
N ASP A 776 21.28 25.85 53.56
CA ASP A 776 20.04 26.47 54.00
C ASP A 776 18.81 25.76 53.44
N LYS A 777 18.91 25.18 52.26
CA LYS A 777 17.77 24.54 51.63
C LYS A 777 17.49 23.12 52.14
N ILE A 778 18.43 22.53 52.88
CA ILE A 778 18.24 21.17 53.39
C ILE A 778 17.18 21.19 54.48
N LYS A 779 16.12 20.39 54.29
CA LYS A 779 14.95 20.42 55.16
C LYS A 779 14.84 19.16 56.02
N GLN A 780 15.91 18.37 56.12
CA GLN A 780 15.84 17.14 56.90
C GLN A 780 17.24 16.76 57.37
N TYR A 781 17.35 16.44 58.66
CA TYR A 781 18.62 16.04 59.26
C TYR A 781 18.41 14.76 60.07
N VAL A 782 19.52 14.16 60.48
CA VAL A 782 19.47 13.08 61.46
C VAL A 782 19.15 13.66 62.82
N GLU A 783 18.22 13.03 63.54
CA GLU A 783 17.65 13.59 64.77
C GLU A 783 18.74 14.03 65.75
N GLY A 784 18.69 15.30 66.12
CA GLY A 784 19.62 15.84 67.09
C GLY A 784 21.02 16.07 66.59
N SER A 785 21.22 16.15 65.27
CA SER A 785 22.53 16.31 64.69
C SER A 785 22.46 17.29 63.52
N SER A 786 23.64 17.66 63.01
CA SER A 786 23.78 18.48 61.82
C SER A 786 24.22 17.65 60.63
N ILE A 787 23.88 16.35 60.63
CA ILE A 787 24.22 15.45 59.52
C ILE A 787 23.07 15.53 58.51
N PRO A 788 23.27 16.16 57.36
CA PRO A 788 22.17 16.29 56.40
C PRO A 788 21.80 14.96 55.78
N VAL A 789 20.52 14.81 55.47
CA VAL A 789 19.98 13.59 54.87
C VAL A 789 19.89 13.80 53.38
N PRO A 790 20.58 13.01 52.56
CA PRO A 790 20.50 13.18 51.11
C PRO A 790 19.11 12.85 50.58
N THR A 791 18.73 13.54 49.51
CA THR A 791 17.50 13.20 48.80
C THR A 791 17.73 12.09 47.79
N HIS A 792 18.96 11.98 47.28
CA HIS A 792 19.30 10.97 46.29
C HIS A 792 20.72 10.47 46.54
N TYR A 793 21.04 9.34 45.92
CA TYR A 793 22.40 8.83 45.85
C TYR A 793 22.70 8.45 44.42
N TYR A 794 23.90 8.79 43.95
CA TYR A 794 24.28 8.56 42.56
C TYR A 794 25.45 7.57 42.50
N SER A 795 25.73 7.10 41.29
CA SER A 795 26.89 6.27 41.02
C SER A 795 27.18 6.32 39.53
N ILE A 796 28.45 6.55 39.18
CA ILE A 796 28.90 6.60 37.80
C ILE A 796 29.73 5.34 37.54
N ILE A 797 29.23 4.47 36.69
CA ILE A 797 29.90 3.22 36.35
C ILE A 797 30.60 3.41 35.01
N THR A 798 31.92 3.37 35.01
CA THR A 798 32.72 3.61 33.82
C THR A 798 33.64 2.44 33.54
N SER A 799 33.79 2.11 32.26
CA SER A 799 34.70 1.07 31.81
C SER A 799 35.13 1.40 30.39
N CYS A 800 36.00 0.56 29.85
CA CYS A 800 36.46 0.76 28.48
C CYS A 800 35.37 0.40 27.48
N LEU A 801 35.27 1.18 26.41
CA LEU A 801 34.37 0.82 25.32
C LEU A 801 34.86 -0.43 24.61
N ASP A 802 36.15 -0.49 24.31
CA ASP A 802 36.80 -1.71 23.87
C ASP A 802 36.90 -2.64 25.07
N PHE A 803 35.92 -3.55 25.21
CA PHE A 803 35.88 -4.42 26.37
C PHE A 803 37.04 -5.39 26.45
N THR A 804 37.81 -5.55 25.36
CA THR A 804 38.98 -6.42 25.40
C THR A 804 40.10 -5.87 26.27
N GLN A 805 39.97 -4.62 26.74
CA GLN A 805 40.89 -4.01 27.69
C GLN A 805 40.18 -3.77 29.02
N PRO A 806 40.91 -3.88 30.13
CA PRO A 806 40.27 -3.66 31.43
C PRO A 806 39.91 -2.19 31.62
N ALA A 807 39.26 -1.93 32.76
CA ALA A 807 38.79 -0.58 33.02
C ALA A 807 39.94 0.35 33.40
N ASP A 808 41.04 -0.19 33.91
CA ASP A 808 42.17 0.62 34.35
C ASP A 808 43.34 0.59 33.39
N LYS A 809 43.14 0.06 32.17
CA LYS A 809 44.15 0.08 31.12
C LYS A 809 43.49 0.34 29.78
N CYS A 810 42.58 1.30 29.74
CA CYS A 810 41.78 1.57 28.55
C CYS A 810 42.48 2.61 27.68
N ASP A 811 42.85 2.20 26.47
CA ASP A 811 43.61 3.06 25.57
C ASP A 811 42.75 4.10 24.85
N GLY A 812 41.45 3.87 24.73
CA GLY A 812 40.62 4.72 23.93
C GLY A 812 39.32 5.16 24.58
N PRO A 813 38.23 5.13 23.81
CA PRO A 813 36.96 5.68 24.28
C PRO A 813 36.43 4.93 25.50
N LEU A 814 35.57 5.62 26.25
CA LEU A 814 35.03 5.11 27.50
C LEU A 814 33.54 4.80 27.36
N SER A 815 33.10 3.80 28.11
CA SER A 815 31.70 3.43 28.22
C SER A 815 31.21 3.77 29.61
N VAL A 816 30.07 4.45 29.71
CA VAL A 816 29.58 4.96 30.98
C VAL A 816 28.12 4.60 31.15
N SER A 817 27.70 4.49 32.41
CA SER A 817 26.31 4.30 32.78
C SER A 817 26.13 4.78 34.21
N SER A 818 25.16 5.66 34.44
CA SER A 818 24.98 6.27 35.74
C SER A 818 23.50 6.25 36.12
N PHE A 819 23.23 6.47 37.40
CA PHE A 819 21.86 6.53 37.89
C PHE A 819 21.81 7.49 39.08
N ILE A 820 20.63 8.06 39.29
CA ILE A 820 20.36 8.92 40.44
C ILE A 820 19.19 8.28 41.18
N LEU A 821 19.50 7.44 42.16
CA LEU A 821 18.46 6.71 42.88
CA LEU A 821 18.46 6.71 42.88
C LEU A 821 17.82 7.61 43.93
N PRO A 822 16.50 7.66 44.01
CA PRO A 822 15.85 8.48 45.05
C PRO A 822 15.97 7.82 46.41
N HIS A 823 16.35 8.63 47.41
CA HIS A 823 16.53 8.14 48.78
C HIS A 823 15.19 8.28 49.52
N ARG A 824 14.32 7.27 49.32
CA ARG A 824 12.99 7.26 49.90
C ARG A 824 12.94 6.40 51.15
N PRO A 825 12.10 6.75 52.13
CA PRO A 825 11.96 5.94 53.34
C PRO A 825 11.07 4.71 53.15
N ASP A 826 10.49 4.54 51.97
CA ASP A 826 9.69 3.36 51.65
C ASP A 826 9.92 3.00 50.20
N ASN A 827 9.64 1.75 49.86
CA ASN A 827 9.74 1.26 48.48
C ASN A 827 8.37 1.15 47.83
N GLU A 828 7.51 2.15 48.06
CA GLU A 828 6.19 2.16 47.46
C GLU A 828 6.25 2.32 45.94
N GLU A 829 7.34 2.89 45.41
CA GLU A 829 7.47 3.04 43.97
C GLU A 829 7.56 1.69 43.26
N SER A 830 8.07 0.67 43.95
CA SER A 830 8.18 -0.67 43.39
C SER A 830 7.07 -1.54 43.97
N CYS A 831 6.14 -1.96 43.12
CA CYS A 831 5.04 -2.82 43.58
C CYS A 831 5.49 -4.24 43.92
N ASN A 832 6.70 -4.63 43.50
CA ASN A 832 7.25 -5.95 43.83
C ASN A 832 8.26 -5.87 44.97
N SER A 833 8.24 -4.79 45.75
CA SER A 833 9.22 -4.62 46.81
C SER A 833 9.11 -5.69 47.89
N SER A 834 7.95 -6.36 48.00
CA SER A 834 7.81 -7.42 48.97
C SER A 834 8.65 -8.65 48.59
N GLU A 835 8.87 -8.85 47.29
CA GLU A 835 9.68 -9.97 46.83
C GLU A 835 11.16 -9.71 47.12
N ASP A 836 12.00 -10.65 46.70
CA ASP A 836 13.44 -10.51 46.91
C ASP A 836 14.00 -9.40 46.03
N GLU A 837 15.14 -8.86 46.44
CA GLU A 837 15.73 -7.70 45.76
C GLU A 837 16.03 -7.98 44.30
N SER A 838 16.34 -9.25 43.97
CA SER A 838 16.64 -9.60 42.59
C SER A 838 15.42 -9.52 41.68
N LYS A 839 14.26 -9.15 42.21
CA LYS A 839 13.03 -9.12 41.45
C LYS A 839 12.44 -7.72 41.29
N TRP A 840 13.14 -6.67 41.73
CA TRP A 840 12.59 -5.32 41.58
C TRP A 840 13.65 -4.23 41.67
N VAL A 841 14.74 -4.47 42.40
CA VAL A 841 15.74 -3.42 42.62
C VAL A 841 16.36 -2.99 41.30
N GLU A 842 16.77 -3.97 40.48
CA GLU A 842 17.37 -3.64 39.18
C GLU A 842 16.40 -2.88 38.30
N GLU A 843 15.11 -3.24 38.36
CA GLU A 843 14.10 -2.52 37.59
C GLU A 843 13.98 -1.07 38.07
N LEU A 844 14.10 -0.86 39.38
CA LEU A 844 14.04 0.49 39.92
C LEU A 844 15.23 1.33 39.45
N MET A 845 16.39 0.70 39.32
CA MET A 845 17.59 1.44 38.93
C MET A 845 17.57 1.82 37.45
N LYS A 846 17.05 0.94 36.60
CA LYS A 846 16.90 1.30 35.20
C LYS A 846 15.95 2.47 35.00
N MET A 847 14.97 2.60 35.89
CA MET A 847 14.03 3.71 35.80
C MET A 847 14.68 5.05 36.12
N HIS A 848 15.67 5.05 37.01
CA HIS A 848 16.33 6.28 37.46
C HIS A 848 17.74 6.40 36.89
N THR A 849 17.94 5.93 35.67
CA THR A 849 19.20 6.18 34.98
C THR A 849 19.36 7.68 34.73
N ALA A 850 20.62 8.11 34.56
CA ALA A 850 20.88 9.53 34.42
C ALA A 850 22.19 9.75 33.69
N ARG A 851 22.25 10.85 32.95
CA ARG A 851 23.50 11.28 32.35
C ARG A 851 24.48 11.72 33.44
N VAL A 852 25.78 11.65 33.13
CA VAL A 852 26.78 12.20 34.02
C VAL A 852 26.55 13.69 34.22
N ARG A 853 26.09 14.38 33.15
CA ARG A 853 25.80 15.80 33.25
CA ARG A 853 25.81 15.80 33.26
C ARG A 853 24.71 16.08 34.28
N ASP A 854 23.73 15.18 34.39
CA ASP A 854 22.67 15.37 35.39
C ASP A 854 23.24 15.36 36.79
N ILE A 855 24.15 14.42 37.08
CA ILE A 855 24.76 14.34 38.41
C ILE A 855 25.59 15.59 38.67
N GLU A 856 26.22 16.13 37.63
CA GLU A 856 27.11 17.28 37.82
C GLU A 856 26.33 18.52 38.24
N HIS A 857 25.15 18.74 37.66
CA HIS A 857 24.32 19.85 38.09
C HIS A 857 23.87 19.68 39.53
N LEU A 858 23.59 18.44 39.93
CA LEU A 858 23.07 18.15 41.26
C LEU A 858 24.16 18.12 42.34
N THR A 859 25.43 18.04 41.96
CA THR A 859 26.53 17.98 42.91
C THR A 859 27.53 19.11 42.78
N SER A 860 27.45 19.91 41.72
CA SER A 860 28.42 20.97 41.44
C SER A 860 29.85 20.44 41.38
N LEU A 861 29.99 19.21 40.90
CA LEU A 861 31.29 18.59 40.66
C LEU A 861 31.53 18.49 39.16
N ASP A 862 32.77 18.21 38.79
CA ASP A 862 33.16 18.01 37.39
C ASP A 862 34.01 16.75 37.30
N PHE A 863 33.59 15.82 36.45
CA PHE A 863 34.23 14.52 36.34
C PHE A 863 35.01 14.41 35.03
N PHE A 864 35.78 13.33 34.92
CA PHE A 864 36.53 12.99 33.70
C PHE A 864 37.37 14.17 33.22
N ARG A 865 38.28 14.61 34.09
CA ARG A 865 39.10 15.78 33.81
C ARG A 865 40.47 15.42 33.24
N LYS A 866 41.01 14.25 33.57
CA LYS A 866 42.30 13.79 33.05
C LYS A 866 42.09 12.40 32.47
N THR A 867 41.85 12.32 31.16
CA THR A 867 41.47 11.07 30.51
C THR A 867 42.21 10.75 29.22
N SER A 868 42.84 11.73 28.57
CA SER A 868 43.52 11.65 27.27
C SER A 868 42.53 11.64 26.11
N ARG A 869 41.24 11.89 26.37
CA ARG A 869 40.28 12.14 25.31
C ARG A 869 40.10 13.64 25.13
N SER A 870 39.84 14.05 23.89
CA SER A 870 39.56 15.46 23.64
C SER A 870 38.33 15.89 24.43
N TYR A 871 38.37 17.11 24.95
CA TYR A 871 37.27 17.57 25.81
C TYR A 871 35.90 17.52 25.13
N PRO A 872 35.76 17.80 23.83
CA PRO A 872 34.45 17.55 23.19
C PRO A 872 34.00 16.11 23.32
N GLU A 873 34.92 15.14 23.19
CA GLU A 873 34.55 13.74 23.35
C GLU A 873 34.04 13.47 24.76
N ILE A 874 34.69 14.04 25.77
CA ILE A 874 34.26 13.85 27.15
C ILE A 874 32.89 14.46 27.37
N LEU A 875 32.61 15.60 26.72
CA LEU A 875 31.31 16.24 26.87
C LEU A 875 30.20 15.36 26.28
N THR A 876 30.47 14.72 25.15
CA THR A 876 29.50 13.79 24.58
C THR A 876 29.28 12.60 25.51
N LEU A 877 30.35 12.16 26.19
CA LEU A 877 30.23 11.05 27.13
C LEU A 877 29.35 11.43 28.32
N LYS A 878 29.46 12.67 28.80
CA LYS A 878 28.67 13.11 29.94
C LYS A 878 27.20 13.28 29.59
N THR A 879 26.88 13.53 28.32
CA THR A 879 25.50 13.66 27.88
C THR A 879 24.86 12.33 27.53
N TYR A 880 25.60 11.23 27.64
CA TYR A 880 25.07 9.92 27.28
C TYR A 880 24.10 9.44 28.36
N LEU A 881 22.98 8.86 27.92
CA LEU A 881 21.95 8.32 28.81
C LEU A 881 21.71 6.86 28.44
N HIS A 882 22.10 5.95 29.34
CA HIS A 882 21.86 4.53 29.13
C HIS A 882 20.38 4.25 29.32
N THR A 883 19.67 3.94 28.23
CA THR A 883 18.21 3.88 28.23
C THR A 883 17.66 2.47 28.24
N TYR A 884 18.47 1.46 27.97
CA TYR A 884 18.08 0.05 27.98
C TYR A 884 16.99 -0.26 26.95
N GLU A 885 16.90 0.54 25.89
CA GLU A 885 16.08 0.23 24.72
C GLU A 885 16.33 1.26 23.61
N GLY B 57 11.17 -44.96 -8.02
CA GLY B 57 10.74 -45.57 -6.79
C GLY B 57 10.51 -44.58 -5.66
N SER B 58 11.45 -43.67 -5.47
CA SER B 58 11.37 -42.64 -4.46
C SER B 58 11.05 -41.29 -5.08
N CYS B 59 10.59 -40.36 -4.25
CA CYS B 59 10.12 -39.06 -4.71
C CYS B 59 10.88 -37.91 -4.06
N LYS B 60 12.09 -38.15 -3.57
CA LYS B 60 12.90 -37.09 -2.96
C LYS B 60 13.67 -36.35 -4.03
N GLY B 61 13.82 -35.04 -3.84
CA GLY B 61 14.44 -34.20 -4.86
C GLY B 61 13.66 -34.15 -6.15
N ARG B 62 12.36 -34.45 -6.12
CA ARG B 62 11.56 -34.52 -7.33
C ARG B 62 10.15 -33.99 -7.14
N CYS B 63 9.82 -33.43 -5.99
CA CYS B 63 8.47 -32.95 -5.71
C CYS B 63 8.06 -31.83 -6.66
N GLU B 65 8.43 -31.78 -9.91
CA GLU B 65 9.49 -31.67 -10.89
C GLU B 65 8.93 -31.34 -12.27
N LEU B 66 9.78 -30.80 -13.13
CA LEU B 66 9.38 -30.47 -14.50
C LEU B 66 10.30 -31.15 -15.52
N CYS B 74 8.33 -43.83 -11.00
CA CYS B 74 7.04 -43.22 -10.73
C CYS B 74 7.11 -41.70 -10.94
N ARG B 75 5.98 -41.10 -11.27
CA ARG B 75 5.93 -39.65 -11.46
C ARG B 75 5.78 -38.94 -10.11
N CYS B 76 6.21 -37.68 -10.10
CA CYS B 76 6.09 -36.82 -8.92
C CYS B 76 5.57 -35.44 -9.27
N ASP B 77 5.02 -35.25 -10.48
CA ASP B 77 4.43 -33.98 -10.86
C ASP B 77 3.06 -33.82 -10.21
N ASN B 78 2.40 -32.70 -10.50
CA ASN B 78 1.12 -32.39 -9.90
C ASN B 78 -0.05 -33.09 -10.57
N LEU B 79 0.21 -33.98 -11.53
CA LEU B 79 -0.84 -34.76 -12.16
C LEU B 79 -0.72 -36.24 -11.88
N CYS B 80 0.30 -36.67 -11.13
CA CYS B 80 0.49 -38.10 -10.88
C CYS B 80 -0.70 -38.70 -10.14
N LYS B 81 -1.34 -37.93 -9.26
CA LYS B 81 -2.53 -38.43 -8.56
C LYS B 81 -3.65 -38.72 -9.54
N SER B 82 -3.81 -37.87 -10.56
CA SER B 82 -4.87 -38.08 -11.54
C SER B 82 -4.65 -39.33 -12.36
N TYR B 83 -3.38 -39.68 -12.63
CA TYR B 83 -3.06 -40.91 -13.33
C TYR B 83 -2.75 -42.07 -12.38
N THR B 84 -2.98 -41.88 -11.08
CA THR B 84 -2.72 -42.88 -10.04
C THR B 84 -1.32 -43.47 -10.18
N SER B 85 -0.32 -42.60 -10.14
CA SER B 85 1.06 -43.04 -10.30
C SER B 85 2.04 -42.07 -9.65
N CYS B 86 1.75 -41.63 -8.44
CA CYS B 86 2.75 -40.97 -7.63
C CYS B 86 3.58 -42.02 -6.91
N CYS B 87 4.79 -41.64 -6.53
CA CYS B 87 5.61 -42.53 -5.74
C CYS B 87 4.97 -42.74 -4.36
N HIS B 88 5.44 -43.76 -3.65
CA HIS B 88 4.84 -44.11 -2.36
C HIS B 88 5.00 -43.00 -1.34
N ASP B 89 6.12 -42.27 -1.39
CA ASP B 89 6.43 -41.22 -0.44
C ASP B 89 5.93 -39.85 -0.89
N PHE B 90 5.08 -39.80 -1.92
CA PHE B 90 4.61 -38.52 -2.44
C PHE B 90 3.82 -37.74 -1.40
N ASP B 91 2.90 -38.42 -0.71
CA ASP B 91 2.01 -37.72 0.21
C ASP B 91 2.78 -37.11 1.38
N GLU B 92 3.80 -37.81 1.88
CA GLU B 92 4.59 -37.29 2.98
C GLU B 92 5.70 -36.36 2.53
N LEU B 93 6.04 -36.37 1.24
CA LEU B 93 7.12 -35.52 0.75
C LEU B 93 6.63 -34.30 -0.02
N CYS B 94 5.62 -34.45 -0.86
CA CYS B 94 5.17 -33.33 -1.69
C CYS B 94 3.89 -32.67 -1.21
N LEU B 95 3.12 -33.35 -0.36
CA LEU B 95 1.86 -32.81 0.16
C LEU B 95 1.93 -32.61 1.67
N LYS B 96 3.02 -32.04 2.15
CA LYS B 96 3.13 -31.72 3.57
C LYS B 96 2.07 -30.69 3.94
N THR B 97 1.49 -30.85 5.13
CA THR B 97 0.46 -29.93 5.59
C THR B 97 0.58 -29.63 7.08
N ALA B 98 1.78 -29.77 7.65
CA ALA B 98 1.97 -29.53 9.08
C ALA B 98 2.04 -28.03 9.36
N ARG B 99 1.34 -27.62 10.42
CA ARG B 99 1.34 -26.25 10.94
C ARG B 99 0.73 -25.24 9.99
N GLY B 100 -0.01 -25.68 8.99
CA GLY B 100 -0.80 -24.78 8.17
C GLY B 100 -0.01 -24.04 7.11
N TRP B 101 -0.61 -22.95 6.63
CA TRP B 101 -0.07 -22.18 5.51
C TRP B 101 0.35 -20.77 5.88
N GLU B 102 0.21 -20.38 7.15
CA GLU B 102 0.55 -19.03 7.59
C GLU B 102 1.63 -19.10 8.66
N CYS B 103 2.61 -18.20 8.56
CA CYS B 103 3.57 -18.04 9.63
C CYS B 103 2.94 -17.34 10.82
N THR B 104 3.47 -17.62 12.01
CA THR B 104 3.08 -16.92 13.22
C THR B 104 4.32 -16.31 13.85
N LYS B 105 4.11 -15.33 14.73
CA LYS B 105 5.22 -14.58 15.29
C LYS B 105 6.19 -15.48 16.05
N ASP B 106 5.68 -16.51 16.73
CA ASP B 106 6.56 -17.44 17.42
C ASP B 106 7.37 -18.28 16.43
N ARG B 107 6.85 -18.50 15.23
CA ARG B 107 7.56 -19.25 14.21
C ARG B 107 8.65 -18.42 13.53
N CYS B 108 8.61 -17.09 13.68
CA CYS B 108 9.57 -16.20 13.03
C CYS B 108 11.00 -16.54 13.46
N GLY B 109 11.70 -17.31 12.63
CA GLY B 109 13.05 -17.74 12.95
C GLY B 109 13.16 -19.15 13.47
N GLU B 110 12.18 -20.01 13.20
CA GLU B 110 12.21 -21.38 13.67
C GLU B 110 13.41 -22.13 13.10
N VAL B 111 13.82 -23.17 13.81
CA VAL B 111 14.81 -24.09 13.26
C VAL B 111 14.17 -24.86 12.11
N ARG B 112 14.82 -24.85 10.95
CA ARG B 112 14.26 -25.46 9.75
C ARG B 112 13.91 -26.91 10.01
N ASN B 113 12.62 -27.18 10.19
CA ASN B 113 12.10 -28.52 10.38
C ASN B 113 11.32 -28.89 9.12
N GLU B 114 11.77 -29.95 8.45
CA GLU B 114 11.37 -30.16 7.06
C GLU B 114 9.97 -30.74 6.90
N GLU B 115 9.35 -31.21 7.97
CA GLU B 115 7.99 -31.74 7.86
C GLU B 115 6.94 -30.64 7.77
N ASN B 116 7.33 -29.37 7.85
CA ASN B 116 6.38 -28.28 7.82
C ASN B 116 5.91 -28.02 6.38
N ALA B 117 4.68 -27.52 6.26
CA ALA B 117 4.15 -27.18 4.94
C ALA B 117 4.92 -26.03 4.33
N CYS B 118 5.08 -24.94 5.07
CA CYS B 118 5.87 -23.80 4.64
C CYS B 118 6.69 -23.30 5.83
N HIS B 119 7.82 -22.67 5.54
CA HIS B 119 8.82 -22.36 6.53
C HIS B 119 8.82 -20.88 6.89
N CYS B 120 9.35 -20.59 8.09
CA CYS B 120 9.43 -19.23 8.61
C CYS B 120 10.82 -18.93 9.17
N SER B 121 11.85 -19.59 8.64
CA SER B 121 13.21 -19.35 9.09
C SER B 121 13.84 -18.22 8.28
N GLU B 122 14.94 -17.68 8.81
CA GLU B 122 15.70 -16.66 8.09
C GLU B 122 16.23 -17.19 6.76
N ASP B 123 16.40 -18.50 6.62
CA ASP B 123 16.93 -19.12 5.42
C ASP B 123 15.89 -19.25 4.30
N CYS B 124 14.61 -19.12 4.64
CA CYS B 124 13.55 -19.64 3.76
C CYS B 124 13.58 -19.01 2.38
N LEU B 125 13.75 -17.70 2.30
CA LEU B 125 13.66 -17.02 1.00
C LEU B 125 14.72 -17.51 0.02
N ALA B 126 15.84 -18.04 0.51
CA ALA B 126 16.88 -18.56 -0.39
C ALA B 126 16.35 -19.75 -1.18
N ARG B 127 15.71 -20.70 -0.48
CA ARG B 127 15.09 -21.84 -1.16
C ARG B 127 13.73 -21.50 -1.73
N GLY B 128 13.14 -20.37 -1.36
CA GLY B 128 11.83 -19.98 -1.86
C GLY B 128 10.69 -20.85 -1.38
N ASP B 129 10.76 -21.33 -0.15
CA ASP B 129 9.75 -22.22 0.42
C ASP B 129 9.20 -21.64 1.71
N CYS B 130 8.86 -20.36 1.69
CA CYS B 130 8.27 -19.70 2.84
C CYS B 130 6.75 -19.67 2.71
N CYS B 131 6.08 -19.50 3.85
CA CYS B 131 4.69 -19.11 3.82
C CYS B 131 4.59 -17.71 3.21
N THR B 132 3.49 -17.46 2.50
CA THR B 132 3.35 -16.21 1.77
C THR B 132 3.36 -14.99 2.68
N ASN B 133 3.08 -15.16 3.97
CA ASN B 133 3.05 -14.06 4.93
C ASN B 133 4.28 -14.02 5.83
N TYR B 134 5.41 -14.56 5.35
CA TYR B 134 6.63 -14.51 6.15
C TYR B 134 7.09 -13.07 6.35
N GLN B 135 7.25 -12.32 5.25
CA GLN B 135 7.65 -10.92 5.34
C GLN B 135 6.67 -10.10 6.15
N VAL B 136 5.42 -10.53 6.25
CA VAL B 136 4.39 -9.73 6.91
C VAL B 136 4.52 -9.84 8.42
N VAL B 137 4.44 -11.06 8.95
CA VAL B 137 4.39 -11.24 10.40
C VAL B 137 5.76 -11.28 11.06
N CYS B 138 6.85 -11.25 10.27
CA CYS B 138 8.19 -11.28 10.83
C CYS B 138 8.97 -10.01 10.51
N LYS B 139 9.17 -9.69 9.23
CA LYS B 139 9.99 -8.55 8.83
C LYS B 139 9.18 -7.26 8.69
N GLY B 140 7.99 -7.20 9.32
CA GLY B 140 7.21 -5.98 9.37
C GLY B 140 6.72 -5.43 8.05
N GLU B 141 6.70 -6.24 6.99
CA GLU B 141 6.15 -5.79 5.72
C GLU B 141 4.62 -5.75 5.81
N SER B 142 3.99 -5.34 4.72
CA SER B 142 2.55 -5.19 4.66
C SER B 142 1.97 -6.11 3.58
N HIS B 143 0.70 -6.47 3.76
CA HIS B 143 0.01 -7.23 2.73
C HIS B 143 -0.07 -6.44 1.44
N TRP B 144 0.04 -7.15 0.31
CA TRP B 144 0.02 -6.47 -0.99
C TRP B 144 -1.24 -5.65 -1.19
N VAL B 145 -2.37 -6.11 -0.64
CA VAL B 145 -3.63 -5.40 -0.83
C VAL B 145 -3.61 -4.06 -0.10
N ASP B 146 -2.92 -3.98 1.05
CA ASP B 146 -2.89 -2.75 1.83
C ASP B 146 -2.02 -1.67 1.20
N ASP B 147 -1.22 -2.00 0.18
CA ASP B 147 -0.40 -1.00 -0.49
C ASP B 147 -1.23 -0.22 -1.49
N ASP B 148 -0.95 1.07 -1.61
CA ASP B 148 -1.65 1.90 -2.56
C ASP B 148 -1.25 1.54 -3.99
N CYS B 149 -2.13 1.90 -4.94
CA CYS B 149 -1.92 1.56 -6.34
C CYS B 149 -0.82 2.44 -6.92
N GLU B 150 0.31 1.83 -7.27
CA GLU B 150 1.38 2.50 -8.00
C GLU B 150 1.33 2.05 -9.46
N GLU B 151 1.26 3.02 -10.37
CA GLU B 151 1.30 2.70 -11.79
C GLU B 151 2.62 2.03 -12.15
N ILE B 152 2.54 1.01 -12.99
CA ILE B 152 3.74 0.30 -13.43
C ILE B 152 4.06 0.71 -14.86
N LYS B 153 4.86 1.77 -15.01
CA LYS B 153 5.24 2.25 -16.33
C LYS B 153 6.16 1.28 -17.06
N ALA B 154 6.89 0.44 -16.33
CA ALA B 154 7.78 -0.55 -16.92
C ALA B 154 8.04 -1.64 -15.90
N ALA B 155 8.32 -2.85 -16.39
CA ALA B 155 8.49 -4.00 -15.52
C ALA B 155 9.71 -3.82 -14.63
N GLU B 156 9.54 -4.06 -13.33
CA GLU B 156 10.63 -4.02 -12.38
C GLU B 156 10.94 -5.45 -11.91
N CYS B 157 11.51 -6.23 -12.83
CA CYS B 157 11.82 -7.62 -12.51
C CYS B 157 13.25 -7.73 -12.00
N PRO B 158 13.52 -8.65 -11.07
CA PRO B 158 14.89 -8.85 -10.59
C PRO B 158 15.77 -9.41 -11.71
N ALA B 159 17.07 -9.40 -11.43
CA ALA B 159 18.04 -9.84 -12.43
C ALA B 159 17.78 -11.28 -12.85
N GLY B 160 18.05 -11.55 -14.13
CA GLY B 160 17.85 -12.85 -14.71
C GLY B 160 16.57 -12.98 -15.53
N PHE B 161 15.50 -12.27 -15.14
CA PHE B 161 14.25 -12.31 -15.87
C PHE B 161 14.41 -11.63 -17.22
N VAL B 162 14.22 -12.40 -18.30
CA VAL B 162 14.28 -11.82 -19.65
C VAL B 162 12.90 -11.41 -20.15
N ARG B 163 11.84 -11.67 -19.39
CA ARG B 163 10.48 -11.22 -19.69
C ARG B 163 9.61 -11.46 -18.46
N PRO B 164 8.57 -10.67 -18.25
CA PRO B 164 7.68 -10.88 -17.12
C PRO B 164 6.94 -12.21 -17.24
N PRO B 165 6.86 -12.98 -16.17
CA PRO B 165 6.08 -14.22 -16.21
C PRO B 165 4.59 -13.95 -16.15
N LEU B 166 3.83 -14.91 -16.67
CA LEU B 166 2.38 -14.81 -16.78
C LEU B 166 1.73 -15.88 -15.91
N ILE B 167 0.84 -15.43 -15.02
CA ILE B 167 0.11 -16.33 -14.12
C ILE B 167 -1.37 -16.24 -14.47
N ILE B 168 -1.95 -17.36 -14.86
CA ILE B 168 -3.36 -17.43 -15.24
C ILE B 168 -4.13 -18.00 -14.05
N PHE B 169 -4.99 -17.18 -13.46
CA PHE B 169 -5.81 -17.57 -12.31
C PHE B 169 -7.24 -17.75 -12.79
N SER B 170 -7.63 -19.00 -13.03
CA SER B 170 -8.96 -19.33 -13.49
C SER B 170 -9.82 -19.80 -12.31
N VAL B 171 -11.11 -19.46 -12.37
CA VAL B 171 -12.08 -19.84 -11.35
C VAL B 171 -13.33 -20.35 -12.05
N ASP B 172 -13.91 -21.43 -11.52
CA ASP B 172 -15.04 -22.09 -12.15
C ASP B 172 -16.35 -21.46 -11.71
N GLY B 173 -17.22 -21.17 -12.68
CA GLY B 173 -18.55 -20.68 -12.37
C GLY B 173 -18.57 -19.35 -11.64
N PHE B 174 -17.66 -18.45 -11.99
CA PHE B 174 -17.60 -17.13 -11.37
C PHE B 174 -18.56 -16.22 -12.12
N ARG B 175 -19.78 -16.10 -11.59
CA ARG B 175 -20.77 -15.18 -12.16
C ARG B 175 -20.21 -13.76 -12.19
N ALA B 176 -20.49 -13.05 -13.28
CA ALA B 176 -19.96 -11.70 -13.43
C ALA B 176 -20.52 -10.75 -12.37
N SER B 177 -21.75 -11.00 -11.89
CA SER B 177 -22.33 -10.15 -10.88
C SER B 177 -21.71 -10.36 -9.50
N TYR B 178 -20.92 -11.42 -9.31
CA TYR B 178 -20.26 -11.64 -8.04
C TYR B 178 -19.30 -10.52 -7.68
N MET B 179 -18.84 -9.75 -8.68
CA MET B 179 -17.95 -8.63 -8.43
C MET B 179 -18.64 -7.56 -7.59
N LYS B 180 -19.97 -7.46 -7.67
CA LYS B 180 -20.70 -6.41 -6.97
C LYS B 180 -20.69 -6.57 -5.45
N LYS B 181 -20.25 -7.73 -4.94
CA LYS B 181 -20.21 -7.91 -3.49
C LYS B 181 -19.09 -7.10 -2.83
N GLY B 182 -18.18 -6.52 -3.62
CA GLY B 182 -17.29 -5.49 -3.12
C GLY B 182 -16.08 -6.02 -2.37
N SER B 183 -15.22 -5.07 -2.00
CA SER B 183 -13.99 -5.35 -1.25
C SER B 183 -14.25 -5.73 0.19
N LYS B 184 -15.50 -5.70 0.65
CA LYS B 184 -15.83 -6.20 1.98
C LYS B 184 -15.73 -7.71 2.04
N VAL B 185 -15.75 -8.38 0.89
CA VAL B 185 -15.65 -9.82 0.80
C VAL B 185 -14.38 -10.25 0.08
N MET B 186 -14.01 -9.56 -0.98
CA MET B 186 -12.87 -9.93 -1.82
C MET B 186 -11.90 -8.75 -1.94
N PRO B 187 -11.17 -8.44 -0.86
CA PRO B 187 -10.26 -7.28 -0.93
C PRO B 187 -9.15 -7.43 -1.97
N ASN B 188 -8.52 -8.60 -2.06
CA ASN B 188 -7.42 -8.78 -3.01
C ASN B 188 -7.92 -8.76 -4.44
N ILE B 189 -9.05 -9.43 -4.71
CA ILE B 189 -9.59 -9.48 -6.06
C ILE B 189 -10.04 -8.10 -6.51
N GLU B 190 -10.70 -7.36 -5.62
CA GLU B 190 -11.18 -6.02 -5.99
C GLU B 190 -10.02 -5.07 -6.26
N LYS B 191 -8.89 -5.24 -5.58
CA LYS B 191 -7.73 -4.40 -5.86
C LYS B 191 -7.16 -4.70 -7.24
N LEU B 192 -6.97 -5.99 -7.56
CA LEU B 192 -6.58 -6.37 -8.91
C LEU B 192 -7.50 -5.75 -9.95
N ARG B 193 -8.81 -5.79 -9.68
CA ARG B 193 -9.79 -5.28 -10.63
C ARG B 193 -9.70 -3.77 -10.77
N SER B 194 -9.59 -3.05 -9.64
CA SER B 194 -9.55 -1.59 -9.69
CA SER B 194 -9.56 -1.60 -9.69
C SER B 194 -8.18 -1.05 -10.03
N CYS B 195 -7.11 -1.81 -9.76
CA CYS B 195 -5.76 -1.34 -10.05
C CYS B 195 -5.34 -1.63 -11.48
N GLY B 196 -5.73 -2.78 -12.02
CA GLY B 196 -5.35 -3.19 -13.36
C GLY B 196 -6.43 -2.94 -14.38
N THR B 197 -6.40 -3.76 -15.44
CA THR B 197 -7.39 -3.66 -16.51
C THR B 197 -8.52 -4.64 -16.25
N HIS B 198 -9.75 -4.18 -16.49
CA HIS B 198 -10.93 -4.99 -16.21
C HIS B 198 -12.06 -4.59 -17.15
N SER B 199 -13.03 -5.48 -17.27
CA SER B 199 -14.22 -5.29 -18.07
C SER B 199 -15.44 -5.62 -17.24
N PRO B 200 -16.61 -5.07 -17.59
CA PRO B 200 -17.83 -5.38 -16.80
C PRO B 200 -18.14 -6.85 -16.75
N TYR B 201 -17.88 -7.58 -17.83
CA TYR B 201 -18.05 -9.02 -17.86
C TYR B 201 -17.26 -9.57 -19.05
N MET B 202 -17.27 -10.89 -19.19
CA MET B 202 -16.60 -11.54 -20.31
C MET B 202 -17.51 -12.64 -20.84
N ARG B 203 -17.76 -12.62 -22.14
CA ARG B 203 -18.70 -13.55 -22.75
C ARG B 203 -18.06 -14.92 -22.92
N PRO B 204 -18.67 -15.98 -22.40
CA PRO B 204 -18.17 -17.33 -22.64
C PRO B 204 -18.64 -17.84 -24.00
N VAL B 205 -18.30 -19.09 -24.29
CA VAL B 205 -18.71 -19.73 -25.54
C VAL B 205 -19.78 -20.76 -25.24
N TYR B 206 -20.65 -20.98 -26.21
CA TYR B 206 -21.71 -21.98 -26.08
C TYR B 206 -21.16 -23.36 -26.46
N PRO B 207 -21.42 -24.40 -25.67
CA PRO B 207 -22.20 -24.41 -24.43
C PRO B 207 -21.39 -23.82 -23.27
N THR B 208 -22.00 -22.98 -22.44
CA THR B 208 -21.26 -22.36 -21.34
C THR B 208 -20.97 -23.37 -20.25
N LYS B 209 -20.28 -24.45 -20.59
CA LYS B 209 -19.86 -25.47 -19.64
C LYS B 209 -18.37 -25.29 -19.34
N THR B 210 -17.91 -26.04 -18.33
CA THR B 210 -16.55 -25.87 -17.84
C THR B 210 -15.51 -26.21 -18.91
N PHE B 211 -15.49 -27.47 -19.34
CA PHE B 211 -14.42 -27.92 -20.22
C PHE B 211 -14.39 -27.24 -21.58
N PRO B 212 -15.50 -26.99 -22.27
CA PRO B 212 -15.40 -26.27 -23.55
C PRO B 212 -14.81 -24.88 -23.41
N ASN B 213 -15.07 -24.19 -22.30
CA ASN B 213 -14.58 -22.81 -22.16
C ASN B 213 -13.11 -22.79 -21.73
N LEU B 214 -12.72 -23.67 -20.81
CA LEU B 214 -11.32 -23.71 -20.37
C LEU B 214 -10.40 -24.06 -21.54
N TYR B 215 -10.83 -24.97 -22.40
CA TYR B 215 -10.05 -25.26 -23.60
C TYR B 215 -10.15 -24.14 -24.62
N THR B 216 -11.30 -23.46 -24.68
CA THR B 216 -11.40 -22.27 -25.52
C THR B 216 -10.48 -21.17 -25.02
N LEU B 217 -10.39 -21.01 -23.70
CA LEU B 217 -9.44 -20.08 -23.12
C LEU B 217 -8.02 -20.40 -23.54
N ALA B 218 -7.68 -21.70 -23.63
CA ALA B 218 -6.32 -22.11 -23.92
C ALA B 218 -5.99 -22.12 -25.40
N THR B 219 -7.00 -22.18 -26.27
CA THR B 219 -6.77 -22.30 -27.71
C THR B 219 -7.28 -21.13 -28.53
N GLY B 220 -8.15 -20.29 -27.98
CA GLY B 220 -8.77 -19.25 -28.78
C GLY B 220 -9.67 -19.76 -29.89
N LEU B 221 -10.18 -20.98 -29.75
CA LEU B 221 -10.98 -21.64 -30.76
C LEU B 221 -12.39 -21.87 -30.25
N TYR B 222 -13.34 -21.89 -31.19
CA TYR B 222 -14.69 -22.30 -30.85
C TYR B 222 -14.70 -23.79 -30.51
N PRO B 223 -15.65 -24.23 -29.67
CA PRO B 223 -15.73 -25.67 -29.36
C PRO B 223 -15.90 -26.54 -30.59
N GLU B 224 -16.59 -26.06 -31.63
CA GLU B 224 -16.74 -26.84 -32.86
C GLU B 224 -15.40 -27.06 -33.56
N SER B 225 -14.40 -26.21 -33.30
CA SER B 225 -13.09 -26.31 -33.93
C SER B 225 -12.09 -27.07 -33.08
N HIS B 226 -11.96 -26.72 -31.79
CA HIS B 226 -10.99 -27.41 -30.94
C HIS B 226 -11.49 -28.77 -30.44
N GLY B 227 -12.76 -29.10 -30.66
CA GLY B 227 -13.25 -30.45 -30.48
C GLY B 227 -14.01 -30.70 -29.19
N ILE B 228 -13.78 -29.90 -28.14
CA ILE B 228 -14.43 -30.11 -26.84
C ILE B 228 -15.76 -29.38 -26.89
N VAL B 229 -16.78 -30.05 -27.44
CA VAL B 229 -18.09 -29.45 -27.62
C VAL B 229 -18.99 -29.61 -26.40
N GLY B 230 -18.50 -30.18 -25.31
CA GLY B 230 -19.30 -30.33 -24.12
C GLY B 230 -18.51 -31.04 -23.03
N ASN B 231 -19.07 -31.01 -21.82
CA ASN B 231 -18.49 -31.77 -20.72
C ASN B 231 -18.54 -33.26 -20.98
N SER B 232 -19.48 -33.71 -21.82
CA SER B 232 -19.56 -35.11 -22.23
C SER B 232 -20.08 -35.14 -23.67
N MET B 233 -19.54 -36.05 -24.46
CA MET B 233 -19.88 -36.08 -25.88
C MET B 233 -19.57 -37.47 -26.44
N TYR B 234 -20.19 -37.77 -27.58
CA TYR B 234 -20.02 -39.03 -28.27
C TYR B 234 -19.40 -38.77 -29.65
N ASP B 235 -18.31 -39.48 -29.94
CA ASP B 235 -17.66 -39.37 -31.24
C ASP B 235 -18.01 -40.59 -32.08
N PRO B 236 -18.69 -40.43 -33.21
CA PRO B 236 -19.06 -41.62 -34.01
C PRO B 236 -17.86 -42.32 -34.62
N VAL B 237 -16.84 -41.56 -35.04
CA VAL B 237 -15.64 -42.18 -35.60
C VAL B 237 -14.91 -42.98 -34.53
N PHE B 238 -14.77 -42.42 -33.33
CA PHE B 238 -14.16 -43.16 -32.23
C PHE B 238 -15.08 -44.28 -31.74
N ASP B 239 -16.40 -44.08 -31.85
CA ASP B 239 -17.37 -44.89 -31.14
C ASP B 239 -17.01 -44.98 -29.66
N ALA B 240 -16.79 -43.83 -29.06
CA ALA B 240 -16.46 -43.71 -27.66
C ALA B 240 -17.19 -42.50 -27.09
N THR B 241 -17.25 -42.41 -25.77
CA THR B 241 -17.96 -41.34 -25.08
C THR B 241 -17.02 -40.59 -24.17
N PHE B 242 -16.87 -39.29 -24.41
CA PHE B 242 -16.12 -38.41 -23.54
C PHE B 242 -16.95 -38.07 -22.31
N HIS B 243 -16.27 -37.92 -21.17
CA HIS B 243 -16.95 -37.61 -19.93
C HIS B 243 -16.02 -36.82 -19.02
N LEU B 244 -16.61 -35.93 -18.21
CA LEU B 244 -15.84 -35.21 -17.21
C LEU B 244 -15.21 -36.18 -16.21
N ARG B 245 -15.94 -37.22 -15.84
CA ARG B 245 -15.43 -38.28 -14.98
C ARG B 245 -14.79 -39.38 -15.82
N GLY B 246 -13.80 -40.05 -15.25
CA GLY B 246 -13.17 -41.19 -15.88
C GLY B 246 -11.84 -40.84 -16.51
N ARG B 247 -11.27 -41.86 -17.16
CA ARG B 247 -9.97 -41.74 -17.81
C ARG B 247 -10.05 -41.36 -19.28
N GLU B 248 -11.24 -41.37 -19.87
CA GLU B 248 -11.37 -41.17 -21.31
C GLU B 248 -10.90 -39.78 -21.74
N LYS B 249 -11.08 -38.77 -20.88
CA LYS B 249 -10.67 -37.42 -21.24
C LYS B 249 -9.17 -37.27 -21.37
N PHE B 250 -8.39 -38.13 -20.70
CA PHE B 250 -6.94 -38.04 -20.78
C PHE B 250 -6.37 -38.51 -22.10
N ASN B 251 -7.20 -39.08 -22.99
CA ASN B 251 -6.74 -39.51 -24.29
C ASN B 251 -6.63 -38.30 -25.22
N HIS B 252 -5.47 -38.16 -25.87
CA HIS B 252 -5.18 -36.97 -26.66
C HIS B 252 -6.03 -36.88 -27.93
N ARG B 253 -6.69 -37.97 -28.34
CA ARG B 253 -7.48 -37.94 -29.56
C ARG B 253 -8.66 -36.99 -29.47
N TRP B 254 -9.10 -36.65 -28.26
CA TRP B 254 -10.27 -35.80 -28.09
C TRP B 254 -9.95 -34.32 -28.34
N TRP B 255 -8.71 -33.92 -28.15
CA TRP B 255 -8.34 -32.51 -28.11
C TRP B 255 -7.70 -32.09 -29.43
N GLY B 256 -8.27 -31.05 -30.05
CA GLY B 256 -7.71 -30.45 -31.23
C GLY B 256 -7.06 -29.11 -30.95
N GLY B 257 -6.68 -28.44 -32.04
CA GLY B 257 -6.06 -27.14 -31.90
C GLY B 257 -4.68 -27.24 -31.25
N GLN B 258 -4.24 -26.10 -30.72
CA GLN B 258 -2.92 -26.00 -30.09
C GLN B 258 -3.04 -25.09 -28.86
N PRO B 259 -3.14 -25.66 -27.66
CA PRO B 259 -3.28 -24.84 -26.46
C PRO B 259 -2.02 -24.04 -26.17
N LEU B 260 -2.15 -23.13 -25.19
CA LEU B 260 -1.08 -22.19 -24.90
C LEU B 260 0.19 -22.89 -24.44
N TRP B 261 0.06 -23.93 -23.62
CA TRP B 261 1.25 -24.60 -23.10
C TRP B 261 1.97 -25.38 -24.20
N ILE B 262 1.24 -25.82 -25.23
CA ILE B 262 1.90 -26.44 -26.37
C ILE B 262 2.51 -25.37 -27.28
N THR B 263 1.81 -24.24 -27.43
CA THR B 263 2.35 -23.14 -28.22
C THR B 263 3.65 -22.61 -27.59
N ALA B 264 3.65 -22.44 -26.27
CA ALA B 264 4.85 -21.96 -25.60
C ALA B 264 6.00 -22.95 -25.73
N THR B 265 5.72 -24.24 -25.54
CA THR B 265 6.77 -25.25 -25.62
C THR B 265 7.33 -25.36 -27.03
N LYS B 266 6.45 -25.30 -28.04
CA LYS B 266 6.89 -25.44 -29.42
C LYS B 266 7.78 -24.28 -29.86
N GLN B 267 7.81 -23.17 -29.11
CA GLN B 267 8.58 -22.00 -29.49
C GLN B 267 9.68 -21.67 -28.49
N GLY B 268 10.07 -22.64 -27.66
CA GLY B 268 11.18 -22.46 -26.74
C GLY B 268 10.84 -21.85 -25.41
N VAL B 269 9.58 -21.50 -25.16
CA VAL B 269 9.18 -20.90 -23.90
C VAL B 269 8.73 -22.00 -22.95
N LYS B 270 9.41 -22.10 -21.81
CA LYS B 270 9.10 -23.16 -20.85
C LYS B 270 7.77 -22.88 -20.17
N ALA B 271 6.91 -23.89 -20.10
CA ALA B 271 5.53 -23.73 -19.65
C ALA B 271 5.33 -24.18 -18.21
N GLY B 272 5.50 -25.47 -17.94
CA GLY B 272 5.14 -25.98 -16.63
C GLY B 272 3.67 -26.33 -16.58
N THR B 273 3.31 -27.31 -15.74
CA THR B 273 1.99 -27.90 -15.81
C THR B 273 0.90 -26.91 -15.40
N PHE B 274 -0.17 -26.87 -16.20
CA PHE B 274 -1.31 -26.01 -15.92
C PHE B 274 -2.29 -26.66 -14.96
N PHE B 275 -2.35 -27.99 -14.96
CA PHE B 275 -3.41 -28.74 -14.29
C PHE B 275 -2.93 -29.26 -12.94
N TRP B 276 -3.87 -29.38 -12.01
CA TRP B 276 -3.58 -29.82 -10.66
C TRP B 276 -4.57 -30.90 -10.25
N SER B 277 -4.07 -31.99 -9.67
CA SER B 277 -4.94 -33.02 -9.14
C SER B 277 -5.79 -32.47 -8.01
N VAL B 278 -7.02 -33.00 -7.89
CA VAL B 278 -8.00 -32.43 -6.98
C VAL B 278 -7.53 -32.48 -5.53
N VAL B 279 -6.76 -33.51 -5.17
CA VAL B 279 -6.34 -33.67 -3.78
C VAL B 279 -5.40 -32.55 -3.35
N ILE B 280 -4.55 -32.07 -4.24
CA ILE B 280 -3.58 -31.02 -3.92
C ILE B 280 -4.32 -29.76 -3.52
N PRO B 281 -4.19 -29.31 -2.27
CA PRO B 281 -4.94 -28.13 -1.82
C PRO B 281 -4.52 -26.88 -2.57
N HIS B 282 -5.38 -25.86 -2.51
CA HIS B 282 -5.11 -24.62 -3.21
C HIS B 282 -3.83 -23.95 -2.72
N GLU B 283 -3.60 -23.99 -1.41
CA GLU B 283 -2.44 -23.30 -0.84
C GLU B 283 -1.14 -23.94 -1.31
N ARG B 284 -1.12 -25.27 -1.48
CA ARG B 284 0.06 -25.93 -2.02
C ARG B 284 0.27 -25.56 -3.49
N ARG B 285 -0.82 -25.37 -4.24
CA ARG B 285 -0.70 -24.95 -5.64
C ARG B 285 -0.03 -23.59 -5.74
N ILE B 286 -0.34 -22.69 -4.80
CA ILE B 286 0.29 -21.37 -4.81
C ILE B 286 1.76 -21.49 -4.43
N LEU B 287 2.07 -22.31 -3.42
CA LEU B 287 3.46 -22.48 -3.01
C LEU B 287 4.29 -23.15 -4.09
N THR B 288 3.68 -24.07 -4.85
CA THR B 288 4.40 -24.70 -5.96
C THR B 288 4.70 -23.70 -7.06
N ILE B 289 3.75 -22.80 -7.34
CA ILE B 289 3.98 -21.77 -8.36
C ILE B 289 5.03 -20.78 -7.90
N LEU B 290 4.93 -20.32 -6.64
CA LEU B 290 5.87 -19.34 -6.12
C LEU B 290 7.29 -19.91 -6.05
N GLN B 291 7.42 -21.20 -5.75
CA GLN B 291 8.75 -21.81 -5.69
C GLN B 291 9.33 -22.01 -7.09
N TRP B 292 8.48 -22.33 -8.07
CA TRP B 292 8.94 -22.49 -9.45
C TRP B 292 9.60 -21.22 -9.96
N LEU B 293 9.12 -20.06 -9.52
CA LEU B 293 9.69 -18.79 -9.95
C LEU B 293 11.08 -18.54 -9.35
N THR B 294 11.51 -19.36 -8.39
CA THR B 294 12.83 -19.23 -7.80
C THR B 294 13.86 -20.15 -8.45
N LEU B 295 13.43 -20.98 -9.42
CA LEU B 295 14.36 -21.85 -10.14
C LEU B 295 15.36 -21.01 -10.93
N PRO B 296 16.48 -21.61 -11.33
CA PRO B 296 17.40 -20.93 -12.24
C PRO B 296 16.73 -20.57 -13.55
N ASP B 297 17.44 -19.76 -14.34
CA ASP B 297 16.83 -19.17 -15.53
C ASP B 297 16.60 -20.23 -16.62
N HIS B 298 17.51 -21.19 -16.76
CA HIS B 298 17.33 -22.23 -17.76
C HIS B 298 16.28 -23.26 -17.34
N GLU B 299 15.69 -23.14 -16.16
CA GLU B 299 14.65 -24.04 -15.69
C GLU B 299 13.35 -23.35 -15.34
N ARG B 300 13.35 -22.04 -15.17
CA ARG B 300 12.16 -21.33 -14.71
C ARG B 300 11.15 -21.19 -15.85
N PRO B 301 9.92 -21.66 -15.69
CA PRO B 301 8.91 -21.44 -16.72
C PRO B 301 8.42 -20.00 -16.71
N SER B 302 7.91 -19.57 -17.86
CA SER B 302 7.45 -18.20 -18.05
CA SER B 302 7.45 -18.20 -18.05
C SER B 302 5.94 -18.04 -17.86
N VAL B 303 5.15 -19.08 -18.10
CA VAL B 303 3.70 -19.02 -17.97
C VAL B 303 3.27 -20.02 -16.92
N TYR B 304 2.33 -19.61 -16.06
CA TYR B 304 1.80 -20.46 -15.02
C TYR B 304 0.27 -20.43 -15.07
N ALA B 305 -0.34 -21.37 -14.35
CA ALA B 305 -1.80 -21.46 -14.33
C ALA B 305 -2.24 -22.06 -13.01
N PHE B 306 -3.33 -21.53 -12.47
CA PHE B 306 -3.97 -22.04 -11.27
C PHE B 306 -5.46 -22.16 -11.55
N TYR B 307 -6.02 -23.32 -11.21
CA TYR B 307 -7.45 -23.56 -11.39
C TYR B 307 -8.12 -23.75 -10.03
N SER B 308 -9.38 -23.34 -9.95
CA SER B 308 -10.15 -23.46 -8.71
CA SER B 308 -10.15 -23.46 -8.71
C SER B 308 -11.56 -23.93 -9.05
N GLU B 309 -12.00 -25.00 -8.38
CA GLU B 309 -13.34 -25.53 -8.60
C GLU B 309 -14.42 -24.62 -8.04
N GLN B 310 -14.05 -23.54 -7.36
CA GLN B 310 -14.94 -22.57 -6.74
C GLN B 310 -15.02 -21.30 -7.58
N PRO B 311 -16.13 -20.54 -7.50
CA PRO B 311 -17.32 -20.79 -6.69
C PRO B 311 -18.35 -21.68 -7.38
N ASP B 312 -17.91 -22.51 -8.33
CA ASP B 312 -18.83 -23.37 -9.06
C ASP B 312 -19.43 -24.44 -8.15
N PHE B 313 -18.61 -25.03 -7.28
CA PHE B 313 -19.07 -26.11 -6.44
C PHE B 313 -20.22 -25.66 -5.53
N SER B 314 -19.96 -24.67 -4.67
CA SER B 314 -20.99 -24.22 -3.75
C SER B 314 -22.16 -23.58 -4.49
N GLY B 315 -21.90 -23.06 -5.71
CA GLY B 315 -22.97 -22.47 -6.48
C GLY B 315 -24.03 -23.47 -6.93
N HIS B 316 -23.62 -24.72 -7.14
CA HIS B 316 -24.58 -25.75 -7.52
C HIS B 316 -25.46 -26.17 -6.35
N LYS B 317 -24.94 -26.06 -5.13
CA LYS B 317 -25.69 -26.47 -3.94
C LYS B 317 -26.60 -25.36 -3.42
N TYR B 318 -26.14 -24.11 -3.46
CA TYR B 318 -26.87 -23.00 -2.86
C TYR B 318 -27.48 -22.04 -3.86
N GLY B 319 -27.02 -22.03 -5.11
CA GLY B 319 -27.51 -21.11 -6.09
C GLY B 319 -26.64 -19.87 -6.19
N PRO B 320 -26.81 -19.09 -7.27
CA PRO B 320 -25.94 -17.91 -7.44
C PRO B 320 -26.21 -16.81 -6.42
N PHE B 321 -27.47 -16.56 -6.08
CA PHE B 321 -27.83 -15.46 -5.20
C PHE B 321 -28.07 -15.88 -3.76
N GLY B 322 -27.72 -17.11 -3.40
CA GLY B 322 -27.88 -17.58 -2.05
C GLY B 322 -26.95 -16.89 -1.08
N PRO B 323 -27.37 -16.74 0.18
CA PRO B 323 -26.50 -16.09 1.17
C PRO B 323 -25.24 -16.88 1.48
N GLU B 324 -25.23 -18.17 1.20
CA GLU B 324 -24.06 -19.01 1.45
C GLU B 324 -22.95 -18.79 0.44
N MET B 325 -23.18 -17.99 -0.60
CA MET B 325 -22.20 -17.77 -1.65
C MET B 325 -21.07 -16.85 -1.21
N THR B 326 -21.22 -16.17 -0.08
CA THR B 326 -20.19 -15.22 0.36
C THR B 326 -18.94 -15.93 0.86
N ASN B 327 -19.06 -17.15 1.38
CA ASN B 327 -17.94 -17.78 2.06
C ASN B 327 -16.97 -18.39 1.03
N PRO B 328 -17.43 -19.12 0.01
CA PRO B 328 -16.51 -19.53 -1.07
C PRO B 328 -15.78 -18.37 -1.72
N LEU B 329 -16.40 -17.20 -1.79
CA LEU B 329 -15.74 -16.04 -2.38
C LEU B 329 -14.65 -15.52 -1.47
N ARG B 330 -14.88 -15.51 -0.16
CA ARG B 330 -13.83 -15.11 0.78
C ARG B 330 -12.65 -16.08 0.72
N GLU B 331 -12.92 -17.37 0.55
CA GLU B 331 -11.86 -18.36 0.48
C GLU B 331 -11.02 -18.19 -0.79
N ILE B 332 -11.68 -17.86 -1.90
CA ILE B 332 -10.95 -17.62 -3.15
C ILE B 332 -10.02 -16.42 -3.00
N ASP B 333 -10.54 -15.34 -2.41
CA ASP B 333 -9.75 -14.12 -2.26
C ASP B 333 -8.54 -14.34 -1.36
N LYS B 334 -8.66 -15.18 -0.34
CA LYS B 334 -7.51 -15.48 0.51
C LYS B 334 -6.43 -16.23 -0.27
N ILE B 335 -6.82 -16.98 -1.30
CA ILE B 335 -5.83 -17.63 -2.15
C ILE B 335 -5.20 -16.63 -3.10
N VAL B 336 -6.00 -15.69 -3.62
CA VAL B 336 -5.44 -14.62 -4.44
C VAL B 336 -4.51 -13.75 -3.60
N GLY B 337 -4.85 -13.54 -2.33
CA GLY B 337 -3.98 -12.78 -1.46
C GLY B 337 -2.66 -13.46 -1.19
N GLN B 338 -2.68 -14.78 -1.01
CA GLN B 338 -1.43 -15.51 -0.81
C GLN B 338 -0.56 -15.45 -2.05
N LEU B 339 -1.17 -15.52 -3.23
CA LEU B 339 -0.40 -15.42 -4.47
C LEU B 339 0.26 -14.06 -4.60
N MET B 340 -0.49 -12.99 -4.30
CA MET B 340 0.08 -11.65 -4.40
C MET B 340 1.11 -11.39 -3.30
N ASP B 341 0.80 -11.84 -2.07
CA ASP B 341 1.76 -11.67 -0.97
C ASP B 341 3.07 -12.37 -1.27
N GLY B 342 3.00 -13.57 -1.87
CA GLY B 342 4.22 -14.28 -2.21
C GLY B 342 4.97 -13.65 -3.37
N LEU B 343 4.23 -13.15 -4.36
CA LEU B 343 4.87 -12.46 -5.47
C LEU B 343 5.55 -11.18 -5.02
N LYS B 344 4.89 -10.41 -4.15
CA LYS B 344 5.52 -9.23 -3.58
C LYS B 344 6.70 -9.63 -2.68
N GLN B 345 6.55 -10.73 -1.95
CA GLN B 345 7.65 -11.25 -1.15
C GLN B 345 8.86 -11.56 -2.03
N LEU B 346 8.63 -12.08 -3.23
CA LEU B 346 9.68 -12.43 -4.17
C LEU B 346 10.10 -11.26 -5.05
N LYS B 347 9.67 -10.04 -4.73
CA LYS B 347 9.96 -8.84 -5.53
C LYS B 347 9.44 -9.00 -6.96
N LEU B 348 8.30 -9.67 -7.12
CA LEU B 348 7.71 -9.92 -8.42
C LEU B 348 6.33 -9.29 -8.60
N HIS B 349 5.83 -8.57 -7.59
CA HIS B 349 4.49 -7.99 -7.71
C HIS B 349 4.43 -6.89 -8.76
N ARG B 350 5.55 -6.20 -9.00
CA ARG B 350 5.63 -5.18 -10.04
C ARG B 350 6.29 -5.70 -11.30
N CYS B 351 6.16 -7.00 -11.57
CA CYS B 351 6.76 -7.63 -12.74
C CYS B 351 5.77 -8.59 -13.37
N VAL B 352 5.14 -9.43 -12.54
CA VAL B 352 4.27 -10.49 -13.02
C VAL B 352 3.02 -9.91 -13.65
N ASN B 353 2.52 -10.57 -14.69
CA ASN B 353 1.18 -10.33 -15.23
C ASN B 353 0.24 -11.39 -14.66
N VAL B 354 -0.88 -10.95 -14.10
CA VAL B 354 -1.88 -11.84 -13.52
C VAL B 354 -3.18 -11.67 -14.29
N ILE B 355 -3.75 -12.79 -14.74
CA ILE B 355 -5.03 -12.80 -15.44
C ILE B 355 -6.03 -13.55 -14.55
N PHE B 356 -6.95 -12.81 -13.94
CA PHE B 356 -8.04 -13.40 -13.18
C PHE B 356 -9.24 -13.54 -14.11
N VAL B 357 -9.66 -14.78 -14.36
CA VAL B 357 -10.66 -15.06 -15.40
C VAL B 357 -11.53 -16.22 -14.96
N GLY B 358 -12.79 -16.20 -15.39
CA GLY B 358 -13.71 -17.28 -15.18
C GLY B 358 -14.11 -17.94 -16.49
N ASP B 359 -14.75 -19.11 -16.36
CA ASP B 359 -15.15 -19.89 -17.52
C ASP B 359 -16.62 -19.74 -17.88
N HIS B 360 -17.49 -19.55 -16.89
CA HIS B 360 -18.92 -19.38 -17.15
C HIS B 360 -19.56 -18.76 -15.91
N GLY B 361 -20.88 -18.63 -15.93
CA GLY B 361 -21.60 -18.06 -14.82
C GLY B 361 -22.38 -19.07 -14.01
N MET B 362 -23.55 -18.67 -13.52
CA MET B 362 -24.37 -19.53 -12.67
C MET B 362 -25.79 -18.99 -12.65
N GLU B 363 -26.76 -19.82 -13.02
CA GLU B 363 -28.16 -19.44 -13.06
C GLU B 363 -28.97 -20.31 -12.09
N ASP B 364 -30.06 -19.74 -11.59
CA ASP B 364 -30.95 -20.45 -10.68
C ASP B 364 -31.69 -21.56 -11.42
N VAL B 365 -31.56 -22.80 -10.94
CA VAL B 365 -32.30 -23.94 -11.47
C VAL B 365 -32.87 -24.74 -10.31
N THR B 366 -33.94 -25.47 -10.60
CA THR B 366 -34.66 -26.23 -9.59
C THR B 366 -35.17 -27.53 -10.22
N CYS B 367 -35.13 -28.62 -9.44
CA CYS B 367 -35.60 -29.91 -9.94
C CYS B 367 -37.04 -29.85 -10.41
N ASP B 368 -37.84 -28.93 -9.87
CA ASP B 368 -39.21 -28.77 -10.34
C ASP B 368 -39.25 -28.21 -11.76
N ARG B 369 -38.23 -27.45 -12.16
CA ARG B 369 -38.20 -26.80 -13.47
C ARG B 369 -37.46 -27.70 -14.45
N THR B 370 -38.18 -28.70 -14.95
CA THR B 370 -37.62 -29.67 -15.89
C THR B 370 -38.68 -30.08 -16.89
N GLU B 371 -38.44 -29.82 -18.17
CA GLU B 371 -39.26 -30.38 -19.22
C GLU B 371 -38.80 -31.80 -19.52
N PHE B 372 -39.76 -32.67 -19.82
CA PHE B 372 -39.47 -34.07 -20.12
C PHE B 372 -39.95 -34.38 -21.52
N LEU B 373 -39.05 -34.95 -22.34
CA LEU B 373 -39.40 -35.32 -23.70
C LEU B 373 -40.48 -36.39 -23.74
N SER B 374 -40.69 -37.12 -22.64
CA SER B 374 -41.75 -38.13 -22.58
C SER B 374 -43.13 -37.50 -22.76
N ASN B 375 -43.27 -36.21 -22.50
CA ASN B 375 -44.53 -35.50 -22.73
C ASN B 375 -44.64 -34.96 -24.14
N TYR B 376 -43.64 -35.14 -24.99
CA TYR B 376 -43.71 -34.66 -26.37
C TYR B 376 -43.57 -35.77 -27.40
N LEU B 377 -42.89 -36.85 -27.07
CA LEU B 377 -42.60 -37.93 -28.01
C LEU B 377 -43.36 -39.19 -27.61
N THR B 378 -43.95 -39.86 -28.60
CA THR B 378 -44.69 -41.08 -28.32
C THR B 378 -43.77 -42.18 -27.81
N ASN B 379 -42.54 -42.24 -28.34
CA ASN B 379 -41.56 -43.23 -27.94
C ASN B 379 -40.23 -42.54 -27.71
N VAL B 380 -39.76 -42.58 -26.46
CA VAL B 380 -38.48 -41.98 -26.08
C VAL B 380 -37.41 -43.03 -25.85
N ASP B 381 -37.71 -44.31 -26.05
CA ASP B 381 -36.78 -45.39 -25.78
C ASP B 381 -35.86 -45.70 -26.97
N ASP B 382 -36.06 -45.02 -28.11
CA ASP B 382 -35.23 -45.22 -29.29
C ASP B 382 -34.30 -44.05 -29.57
N ILE B 383 -34.18 -43.12 -28.63
CA ILE B 383 -33.30 -41.96 -28.78
C ILE B 383 -32.40 -41.86 -27.55
N THR B 384 -31.25 -41.23 -27.76
CA THR B 384 -30.32 -40.91 -26.68
C THR B 384 -30.24 -39.40 -26.53
N LEU B 385 -30.46 -38.91 -25.31
CA LEU B 385 -30.52 -37.48 -25.03
C LEU B 385 -29.39 -37.09 -24.09
N VAL B 386 -28.71 -36.00 -24.42
CA VAL B 386 -27.77 -35.36 -23.50
C VAL B 386 -28.56 -34.34 -22.70
N PRO B 387 -28.89 -34.62 -21.44
CA PRO B 387 -29.85 -33.76 -20.72
C PRO B 387 -29.21 -32.52 -20.12
N GLY B 388 -29.98 -31.81 -19.29
CA GLY B 388 -29.47 -30.66 -18.57
C GLY B 388 -29.87 -29.33 -19.16
N THR B 389 -28.96 -28.35 -19.08
CA THR B 389 -29.20 -27.00 -19.57
C THR B 389 -29.13 -26.89 -21.08
N LEU B 390 -28.87 -28.00 -21.79
CA LEU B 390 -29.01 -28.06 -23.23
C LEU B 390 -29.46 -29.46 -23.60
N GLY B 391 -29.75 -29.65 -24.89
CA GLY B 391 -30.25 -30.93 -25.35
C GLY B 391 -29.69 -31.36 -26.68
N ARG B 392 -29.09 -32.54 -26.73
CA ARG B 392 -28.56 -33.12 -27.96
C ARG B 392 -29.16 -34.51 -28.13
N ILE B 393 -29.78 -34.75 -29.28
CA ILE B 393 -30.54 -35.98 -29.52
C ILE B 393 -29.91 -36.73 -30.68
N ARG B 394 -29.61 -38.01 -30.44
CA ARG B 394 -29.18 -38.92 -31.49
C ARG B 394 -29.91 -40.24 -31.31
N SER B 395 -29.99 -41.01 -32.39
CA SER B 395 -30.65 -42.31 -32.34
C SER B 395 -29.89 -43.25 -31.41
N LYS B 396 -30.63 -43.93 -30.53
CA LYS B 396 -30.01 -44.90 -29.64
C LYS B 396 -29.47 -46.09 -30.41
N PHE B 397 -30.06 -46.42 -31.55
CA PHE B 397 -29.65 -47.54 -32.37
C PHE B 397 -29.40 -47.05 -33.79
N SER B 398 -28.21 -47.37 -34.32
CA SER B 398 -27.84 -46.89 -35.66
C SER B 398 -28.70 -47.53 -36.73
N ASN B 399 -28.84 -48.86 -36.69
CA ASN B 399 -29.66 -49.59 -37.66
C ASN B 399 -31.12 -49.47 -37.24
N ASN B 400 -31.70 -48.30 -37.50
CA ASN B 400 -33.07 -48.03 -37.10
C ASN B 400 -33.70 -47.08 -38.12
N ALA B 401 -34.63 -47.60 -38.91
CA ALA B 401 -35.41 -46.76 -39.82
C ALA B 401 -36.67 -46.19 -39.17
N LYS B 402 -37.13 -46.82 -38.08
CA LYS B 402 -38.23 -46.25 -37.30
C LYS B 402 -37.86 -44.90 -36.71
N TYR B 403 -36.57 -44.58 -36.64
CA TYR B 403 -36.10 -43.30 -36.14
C TYR B 403 -36.23 -42.25 -37.24
N ASP B 404 -37.02 -41.22 -36.99
CA ASP B 404 -37.25 -40.15 -37.97
C ASP B 404 -36.86 -38.81 -37.35
N PRO B 405 -35.77 -38.18 -37.81
CA PRO B 405 -35.43 -36.85 -37.28
C PRO B 405 -36.47 -35.79 -37.61
N LYS B 406 -37.10 -35.88 -38.78
CA LYS B 406 -38.15 -34.93 -39.13
C LYS B 406 -39.33 -35.03 -38.18
N ALA B 407 -39.67 -36.25 -37.75
CA ALA B 407 -40.80 -36.42 -36.85
C ALA B 407 -40.49 -35.91 -35.45
N ILE B 408 -39.24 -36.06 -35.00
CA ILE B 408 -38.88 -35.62 -33.65
C ILE B 408 -38.91 -34.10 -33.56
N ILE B 409 -38.33 -33.42 -34.55
CA ILE B 409 -38.33 -31.96 -34.54
C ILE B 409 -39.75 -31.41 -34.56
N ALA B 410 -40.61 -32.00 -35.39
CA ALA B 410 -41.99 -31.52 -35.47
C ALA B 410 -42.75 -31.77 -34.18
N ALA B 411 -42.47 -32.88 -33.50
CA ALA B 411 -43.11 -33.17 -32.22
C ALA B 411 -42.59 -32.32 -31.08
N LEU B 412 -41.57 -31.50 -31.32
CA LEU B 412 -41.02 -30.60 -30.32
C LEU B 412 -41.20 -29.13 -30.67
N THR B 413 -41.87 -28.81 -31.78
CA THR B 413 -41.97 -27.45 -32.28
C THR B 413 -43.33 -26.87 -31.91
N CYS B 414 -43.31 -25.90 -30.98
CA CYS B 414 -44.51 -25.13 -30.60
C CYS B 414 -45.70 -26.05 -30.32
N LYS B 415 -45.45 -27.14 -29.59
CA LYS B 415 -46.49 -28.11 -29.29
C LYS B 415 -47.22 -27.81 -27.99
N LYS B 416 -46.64 -26.98 -27.11
CA LYS B 416 -47.26 -26.65 -25.85
C LYS B 416 -46.93 -25.20 -25.50
N PRO B 417 -47.90 -24.43 -25.01
CA PRO B 417 -47.59 -23.07 -24.57
C PRO B 417 -46.69 -23.06 -23.35
N ASP B 418 -45.92 -21.99 -23.22
CA ASP B 418 -44.92 -21.86 -22.17
C ASP B 418 -43.94 -23.03 -22.20
N GLN B 419 -43.39 -23.29 -23.38
CA GLN B 419 -42.43 -24.36 -23.59
C GLN B 419 -41.03 -23.82 -23.37
N HIS B 420 -40.25 -24.52 -22.53
CA HIS B 420 -38.97 -24.02 -22.04
C HIS B 420 -37.78 -24.59 -22.79
N PHE B 421 -37.98 -24.96 -24.05
CA PHE B 421 -36.89 -25.35 -24.93
C PHE B 421 -37.33 -25.12 -26.36
N LYS B 422 -36.36 -25.10 -27.28
CA LYS B 422 -36.66 -24.94 -28.69
C LYS B 422 -35.82 -25.91 -29.49
N PRO B 423 -36.44 -26.75 -30.32
CA PRO B 423 -35.66 -27.67 -31.15
C PRO B 423 -35.01 -26.94 -32.32
N TYR B 424 -33.85 -27.45 -32.71
CA TYR B 424 -33.07 -26.85 -33.80
C TYR B 424 -32.26 -27.94 -34.48
N LEU B 425 -32.38 -28.03 -35.80
CA LEU B 425 -31.31 -28.65 -36.57
C LEU B 425 -30.06 -27.82 -36.38
N LYS B 426 -28.94 -28.48 -36.05
CA LYS B 426 -27.77 -27.75 -35.60
C LYS B 426 -27.31 -26.70 -36.61
N GLN B 427 -27.57 -26.91 -37.90
CA GLN B 427 -27.22 -25.92 -38.90
C GLN B 427 -28.17 -24.73 -38.88
N HIS B 428 -29.33 -24.85 -38.22
CA HIS B 428 -30.28 -23.76 -38.12
C HIS B 428 -30.12 -22.92 -36.86
N LEU B 429 -29.17 -23.27 -35.99
CA LEU B 429 -28.91 -22.48 -34.81
C LEU B 429 -28.39 -21.09 -35.21
N PRO B 430 -28.50 -20.12 -34.31
CA PRO B 430 -27.92 -18.79 -34.59
C PRO B 430 -26.43 -18.92 -34.88
N LYS B 431 -25.99 -18.25 -35.96
CA LYS B 431 -24.60 -18.33 -36.36
C LYS B 431 -23.66 -17.76 -35.31
N ARG B 432 -24.15 -16.88 -34.43
CA ARG B 432 -23.33 -16.33 -33.36
C ARG B 432 -22.87 -17.41 -32.38
N LEU B 433 -23.55 -18.55 -32.33
CA LEU B 433 -23.15 -19.63 -31.44
C LEU B 433 -22.00 -20.45 -32.00
N HIS B 434 -21.82 -20.46 -33.33
CA HIS B 434 -20.74 -21.20 -33.98
C HIS B 434 -20.67 -22.64 -33.47
N TYR B 435 -21.82 -23.33 -33.53
CA TYR B 435 -21.99 -24.64 -32.90
C TYR B 435 -22.67 -25.58 -33.88
N ALA B 436 -21.89 -26.13 -34.82
CA ALA B 436 -22.43 -27.05 -35.81
C ALA B 436 -21.35 -27.90 -36.47
N ASN B 437 -20.28 -27.27 -36.94
CA ASN B 437 -19.28 -27.94 -37.78
C ASN B 437 -18.40 -28.85 -36.93
N ASN B 438 -18.98 -29.98 -36.54
CA ASN B 438 -18.26 -31.02 -35.81
C ASN B 438 -19.12 -32.28 -35.78
N ARG B 439 -18.48 -33.43 -35.92
CA ARG B 439 -19.21 -34.69 -35.93
C ARG B 439 -19.73 -35.08 -34.55
N ARG B 440 -19.19 -34.48 -33.49
CA ARG B 440 -19.67 -34.74 -32.13
C ARG B 440 -20.86 -33.87 -31.76
N ILE B 441 -21.30 -32.98 -32.65
CA ILE B 441 -22.49 -32.18 -32.43
C ILE B 441 -23.65 -32.86 -33.17
N GLU B 442 -24.64 -33.31 -32.41
CA GLU B 442 -25.75 -34.06 -32.99
C GLU B 442 -26.64 -33.13 -33.81
N ASP B 443 -27.34 -33.74 -34.78
CA ASP B 443 -28.17 -32.94 -35.69
C ASP B 443 -29.28 -32.22 -34.95
N ILE B 444 -29.92 -32.88 -33.98
CA ILE B 444 -31.01 -32.30 -33.23
C ILE B 444 -30.43 -31.63 -31.98
N HIS B 445 -30.71 -30.34 -31.83
CA HIS B 445 -30.23 -29.56 -30.69
C HIS B 445 -31.40 -28.84 -30.03
N LEU B 446 -31.38 -28.78 -28.70
CA LEU B 446 -32.45 -28.16 -27.92
C LEU B 446 -31.88 -26.97 -27.17
N LEU B 447 -32.28 -25.76 -27.58
CA LEU B 447 -31.90 -24.54 -26.87
C LEU B 447 -32.87 -24.36 -25.69
N VAL B 448 -32.35 -24.52 -24.48
CA VAL B 448 -33.18 -24.50 -23.28
C VAL B 448 -33.23 -23.08 -22.72
N GLU B 449 -34.41 -22.67 -22.26
CA GLU B 449 -34.58 -21.37 -21.64
C GLU B 449 -33.79 -21.31 -20.33
N ARG B 450 -33.33 -20.11 -19.99
CA ARG B 450 -32.64 -19.88 -18.73
C ARG B 450 -33.52 -20.33 -17.57
N ARG B 451 -32.88 -20.92 -16.56
CA ARG B 451 -33.47 -21.43 -15.32
C ARG B 451 -34.19 -22.77 -15.49
N TRP B 452 -34.09 -23.41 -16.64
CA TRP B 452 -34.85 -24.63 -16.89
C TRP B 452 -33.92 -25.76 -17.34
N HIS B 453 -34.45 -26.98 -17.23
CA HIS B 453 -33.73 -28.19 -17.61
C HIS B 453 -34.60 -28.99 -18.58
N VAL B 454 -33.95 -29.86 -19.35
CA VAL B 454 -34.63 -30.81 -20.22
C VAL B 454 -34.11 -32.21 -19.90
N ALA B 455 -35.03 -33.16 -19.77
CA ALA B 455 -34.68 -34.54 -19.47
C ALA B 455 -35.51 -35.46 -20.35
N ARG B 456 -35.12 -36.74 -20.38
CA ARG B 456 -35.78 -37.67 -21.28
C ARG B 456 -37.12 -38.13 -20.72
N LYS B 457 -37.16 -38.51 -19.44
CA LYS B 457 -38.39 -38.91 -18.79
C LYS B 457 -38.18 -38.83 -17.28
N PRO B 458 -39.26 -38.69 -16.50
CA PRO B 458 -39.10 -38.46 -15.05
C PRO B 458 -38.30 -39.53 -14.33
N LEU B 459 -38.36 -40.79 -14.78
CA LEU B 459 -37.64 -41.86 -14.09
C LEU B 459 -36.13 -41.65 -14.14
N ASP B 460 -35.63 -40.90 -15.11
CA ASP B 460 -34.19 -40.68 -15.22
C ASP B 460 -33.67 -39.64 -14.23
N VAL B 461 -34.52 -38.75 -13.74
CA VAL B 461 -34.13 -37.73 -12.77
C VAL B 461 -34.28 -38.31 -11.38
N TYR B 462 -33.23 -38.19 -10.57
CA TYR B 462 -33.25 -38.68 -9.19
C TYR B 462 -32.49 -37.75 -8.26
N CYS B 469 -30.69 -33.68 -10.62
CA CYS B 469 -31.38 -33.20 -9.42
C CYS B 469 -30.39 -32.93 -8.30
N PHE B 470 -30.92 -32.54 -7.13
CA PHE B 470 -30.11 -32.13 -5.98
C PHE B 470 -29.15 -31.00 -6.40
N PHE B 471 -29.75 -29.83 -6.58
CA PHE B 471 -29.00 -28.65 -7.00
C PHE B 471 -29.82 -27.41 -6.70
N GLN B 472 -29.18 -26.25 -6.90
CA GLN B 472 -29.88 -24.98 -6.94
C GLN B 472 -29.28 -24.02 -7.97
N GLY B 473 -28.25 -24.44 -8.70
CA GLY B 473 -27.66 -23.62 -9.74
C GLY B 473 -27.05 -24.50 -10.81
N ASP B 474 -26.98 -23.97 -12.03
CA ASP B 474 -26.42 -24.70 -13.15
C ASP B 474 -26.03 -23.70 -14.23
N HIS B 475 -25.50 -24.22 -15.33
CA HIS B 475 -25.00 -23.41 -16.44
C HIS B 475 -24.98 -24.26 -17.70
N GLY B 476 -24.66 -23.61 -18.81
CA GLY B 476 -24.69 -24.24 -20.12
C GLY B 476 -25.67 -23.60 -21.09
N PHE B 477 -26.41 -22.58 -20.68
CA PHE B 477 -27.45 -21.98 -21.52
C PHE B 477 -26.81 -21.17 -22.64
N ASP B 478 -27.64 -20.43 -23.37
CA ASP B 478 -27.17 -19.53 -24.41
C ASP B 478 -26.16 -18.55 -23.86
N ASN B 479 -25.02 -18.43 -24.55
CA ASN B 479 -23.91 -17.63 -24.04
C ASN B 479 -24.18 -16.13 -24.08
N LYS B 480 -25.38 -15.70 -24.45
CA LYS B 480 -25.78 -14.31 -24.34
C LYS B 480 -26.68 -14.06 -23.13
N VAL B 481 -26.90 -15.08 -22.30
CA VAL B 481 -27.70 -14.94 -21.09
C VAL B 481 -26.85 -14.25 -20.02
N ASN B 482 -27.47 -13.36 -19.25
CA ASN B 482 -26.73 -12.55 -18.29
C ASN B 482 -26.08 -13.43 -17.22
N SER B 483 -26.84 -14.37 -16.65
CA SER B 483 -26.31 -15.20 -15.57
C SER B 483 -25.12 -16.05 -15.98
N MET B 484 -24.86 -16.19 -17.28
CA MET B 484 -23.72 -16.95 -17.75
C MET B 484 -22.47 -16.12 -17.94
N GLN B 485 -22.59 -14.79 -18.02
CA GLN B 485 -21.43 -13.93 -18.20
C GLN B 485 -20.49 -14.07 -17.02
N THR B 486 -19.19 -14.06 -17.30
CA THR B 486 -18.16 -14.26 -16.30
C THR B 486 -17.21 -13.05 -16.29
N VAL B 487 -16.11 -13.18 -15.54
CA VAL B 487 -15.25 -12.05 -15.24
C VAL B 487 -13.91 -12.18 -15.95
N PHE B 488 -13.23 -11.05 -16.09
CA PHE B 488 -11.85 -11.00 -16.54
C PHE B 488 -11.16 -9.83 -15.83
N VAL B 489 -9.96 -10.08 -15.32
CA VAL B 489 -9.14 -9.03 -14.71
C VAL B 489 -7.71 -9.22 -15.15
N GLY B 490 -7.10 -8.17 -15.68
CA GLY B 490 -5.70 -8.19 -16.04
C GLY B 490 -4.88 -7.21 -15.23
N TYR B 491 -3.90 -7.72 -14.49
CA TYR B 491 -3.06 -6.89 -13.64
C TYR B 491 -1.60 -7.25 -13.86
N GLY B 492 -0.75 -6.25 -13.99
CA GLY B 492 0.66 -6.48 -14.14
C GLY B 492 1.33 -5.31 -14.85
N SER B 493 2.59 -5.54 -15.24
CA SER B 493 3.43 -4.52 -15.84
C SER B 493 3.13 -4.30 -17.32
N THR B 494 2.29 -5.13 -17.93
CA THR B 494 1.95 -4.95 -19.34
C THR B 494 0.48 -4.57 -19.56
N PHE B 495 -0.40 -4.86 -18.61
CA PHE B 495 -1.77 -4.38 -18.69
C PHE B 495 -1.82 -2.90 -18.32
N LYS B 496 -2.95 -2.28 -18.66
CA LYS B 496 -3.10 -0.86 -18.41
C LYS B 496 -3.41 -0.60 -16.94
N TYR B 497 -3.36 0.68 -16.56
CA TYR B 497 -3.51 1.12 -15.18
C TYR B 497 -4.88 1.75 -14.99
N LYS B 498 -5.68 1.19 -14.08
CA LYS B 498 -7.00 1.71 -13.72
C LYS B 498 -7.84 1.99 -14.96
N THR B 499 -7.88 1.01 -15.86
CA THR B 499 -8.56 1.14 -17.14
C THR B 499 -9.69 0.13 -17.22
N LYS B 500 -10.88 0.63 -17.55
CA LYS B 500 -12.05 -0.23 -17.78
C LYS B 500 -12.24 -0.38 -19.28
N VAL B 501 -12.28 -1.64 -19.75
CA VAL B 501 -12.42 -1.94 -21.17
C VAL B 501 -13.82 -2.50 -21.41
N PRO B 502 -14.35 -2.43 -22.64
CA PRO B 502 -15.68 -2.99 -22.91
C PRO B 502 -15.66 -4.50 -22.80
N PRO B 503 -16.83 -5.12 -22.65
CA PRO B 503 -16.88 -6.59 -22.61
C PRO B 503 -16.41 -7.19 -23.93
N PHE B 504 -15.80 -8.37 -23.84
CA PHE B 504 -15.29 -9.08 -24.99
C PHE B 504 -15.54 -10.58 -24.80
N GLU B 505 -15.19 -11.36 -25.82
CA GLU B 505 -15.35 -12.80 -25.79
C GLU B 505 -14.03 -13.45 -25.38
N ASN B 506 -14.13 -14.62 -24.73
CA ASN B 506 -12.94 -15.29 -24.22
C ASN B 506 -12.08 -15.88 -25.33
N ILE B 507 -12.63 -16.04 -26.54
CA ILE B 507 -11.82 -16.49 -27.67
C ILE B 507 -10.76 -15.46 -28.05
N GLU B 508 -10.86 -14.25 -27.54
CA GLU B 508 -9.92 -13.18 -27.84
C GLU B 508 -8.71 -13.16 -26.91
N LEU B 509 -8.70 -14.01 -25.87
CA LEU B 509 -7.64 -13.94 -24.87
C LEU B 509 -6.38 -14.66 -25.33
N TYR B 510 -6.52 -15.77 -26.06
CA TYR B 510 -5.36 -16.57 -26.44
C TYR B 510 -4.33 -15.74 -27.19
N ASN B 511 -4.78 -14.80 -28.01
CA ASN B 511 -3.85 -13.90 -28.69
C ASN B 511 -3.17 -12.96 -27.70
N VAL B 512 -3.90 -12.52 -26.68
CA VAL B 512 -3.31 -11.62 -25.69
C VAL B 512 -2.25 -12.35 -24.88
N MET B 513 -2.55 -13.58 -24.43
CA MET B 513 -1.57 -14.34 -23.66
C MET B 513 -0.35 -14.73 -24.48
N CYS B 514 -0.52 -14.88 -25.80
CA CYS B 514 0.63 -15.15 -26.66
C CYS B 514 1.47 -13.89 -26.84
N ASP B 515 0.82 -12.73 -26.94
CA ASP B 515 1.57 -11.48 -27.01
C ASP B 515 2.34 -11.21 -25.72
N LEU B 516 1.74 -11.55 -24.58
CA LEU B 516 2.39 -11.35 -23.30
CA LEU B 516 2.39 -11.36 -23.30
C LEU B 516 3.61 -12.25 -23.11
N LEU B 517 3.80 -13.24 -23.99
CA LEU B 517 4.92 -14.16 -23.90
C LEU B 517 5.81 -14.12 -25.14
N GLY B 518 5.54 -13.22 -26.07
CA GLY B 518 6.30 -13.17 -27.30
C GLY B 518 5.99 -14.29 -28.28
N LEU B 519 4.95 -15.06 -28.03
CA LEU B 519 4.63 -16.22 -28.86
C LEU B 519 3.82 -15.81 -30.07
N LYS B 520 4.11 -16.45 -31.21
CA LYS B 520 3.24 -16.32 -32.36
C LYS B 520 2.03 -17.24 -32.16
N PRO B 521 0.83 -16.69 -32.04
CA PRO B 521 -0.33 -17.55 -31.74
C PRO B 521 -0.70 -18.41 -32.94
N ALA B 522 -1.11 -19.64 -32.65
CA ALA B 522 -1.61 -20.54 -33.67
C ALA B 522 -2.90 -19.99 -34.26
N PRO B 523 -3.26 -20.39 -35.48
CA PRO B 523 -4.52 -19.94 -36.08
C PRO B 523 -5.72 -20.18 -35.17
N ASN B 524 -6.39 -19.11 -34.77
CA ASN B 524 -7.52 -19.20 -33.85
C ASN B 524 -8.59 -18.21 -34.28
N ASN B 525 -9.74 -18.29 -33.63
CA ASN B 525 -10.92 -17.52 -34.03
C ASN B 525 -11.03 -16.18 -33.32
N GLY B 526 -10.03 -15.82 -32.52
CA GLY B 526 -9.96 -14.45 -32.03
C GLY B 526 -9.48 -13.51 -33.12
N THR B 527 -9.92 -12.26 -33.02
CA THR B 527 -9.50 -11.23 -33.96
C THR B 527 -8.29 -10.52 -33.35
N HIS B 528 -7.10 -10.93 -33.76
CA HIS B 528 -5.88 -10.38 -33.18
C HIS B 528 -5.79 -8.89 -33.44
N GLY B 529 -5.63 -8.11 -32.38
CA GLY B 529 -5.64 -6.66 -32.44
C GLY B 529 -6.90 -6.03 -31.86
N SER B 530 -7.95 -6.82 -31.65
CA SER B 530 -9.19 -6.32 -31.07
C SER B 530 -9.10 -6.11 -29.58
N LEU B 531 -8.07 -6.64 -28.92
CA LEU B 531 -7.85 -6.42 -27.49
C LEU B 531 -6.52 -5.73 -27.22
N ASN B 532 -5.97 -5.02 -28.21
CA ASN B 532 -4.73 -4.29 -27.98
C ASN B 532 -4.91 -3.17 -26.98
N HIS B 533 -6.14 -2.65 -26.83
CA HIS B 533 -6.41 -1.60 -25.86
C HIS B 533 -6.36 -2.11 -24.43
N LEU B 534 -6.18 -3.41 -24.22
CA LEU B 534 -6.00 -3.96 -22.88
C LEU B 534 -4.59 -3.74 -22.34
N LEU B 535 -3.61 -3.52 -23.22
CA LEU B 535 -2.20 -3.56 -22.85
C LEU B 535 -1.60 -2.17 -22.84
N ARG B 536 -0.62 -1.97 -21.94
CA ARG B 536 0.12 -0.72 -21.92
CA ARG B 536 0.12 -0.71 -21.92
C ARG B 536 0.94 -0.54 -23.19
N THR B 537 1.67 -1.58 -23.59
CA THR B 537 2.44 -1.57 -24.82
C THR B 537 2.08 -2.82 -25.62
N ASN B 538 2.15 -2.70 -26.94
CA ASN B 538 1.71 -3.76 -27.83
C ASN B 538 2.82 -4.06 -28.84
N THR B 539 3.28 -5.31 -28.85
CA THR B 539 4.26 -5.73 -29.86
C THR B 539 3.58 -6.13 -31.16
N PHE B 540 2.31 -6.55 -31.10
CA PHE B 540 1.57 -6.91 -32.29
C PHE B 540 0.83 -5.69 -32.84
N ARG B 541 0.83 -5.57 -34.17
CA ARG B 541 0.11 -4.49 -34.85
C ARG B 541 -0.69 -5.12 -35.98
N PRO B 542 -2.03 -5.08 -35.91
CA PRO B 542 -2.84 -5.77 -36.92
C PRO B 542 -2.69 -5.14 -38.30
N THR B 543 -3.00 -5.94 -39.32
CA THR B 543 -2.91 -5.54 -40.72
C THR B 543 -4.27 -5.69 -41.38
N MET B 544 -4.71 -4.64 -42.04
CA MET B 544 -5.96 -4.71 -42.79
C MET B 544 -5.76 -5.59 -44.02
N PRO B 545 -6.67 -6.53 -44.29
CA PRO B 545 -6.46 -7.44 -45.42
C PRO B 545 -6.45 -6.70 -46.74
N GLU B 546 -5.58 -7.15 -47.64
CA GLU B 546 -5.51 -6.58 -48.98
C GLU B 546 -6.68 -7.08 -49.82
N GLU B 547 -7.21 -6.20 -50.66
CA GLU B 547 -8.34 -6.56 -51.50
C GLU B 547 -7.87 -7.50 -52.61
N VAL B 548 -8.55 -8.63 -52.74
CA VAL B 548 -8.15 -9.65 -53.72
C VAL B 548 -8.71 -9.35 -55.10
N THR B 549 -9.96 -8.88 -55.19
CA THR B 549 -10.63 -8.65 -56.47
C THR B 549 -10.98 -7.18 -56.59
N ARG B 550 -10.37 -6.49 -57.55
CA ARG B 550 -10.75 -5.12 -57.85
C ARG B 550 -12.11 -5.11 -58.54
N PRO B 551 -12.96 -4.13 -58.23
CA PRO B 551 -14.28 -4.08 -58.87
C PRO B 551 -14.24 -3.37 -60.20
N ASN B 552 -15.16 -3.76 -61.08
CA ASN B 552 -15.43 -3.01 -62.29
C ASN B 552 -16.48 -1.95 -62.02
N TYR B 553 -16.36 -0.82 -62.71
CA TYR B 553 -17.31 0.29 -62.63
C TYR B 553 -17.96 0.42 -64.00
N PRO B 554 -18.91 -0.46 -64.32
CA PRO B 554 -19.44 -0.49 -65.69
C PRO B 554 -20.39 0.65 -65.98
N GLY B 555 -20.24 1.25 -67.15
CA GLY B 555 -21.18 2.21 -67.66
C GLY B 555 -22.32 1.54 -68.39
N ILE B 556 -23.05 2.33 -69.16
CA ILE B 556 -24.18 1.82 -69.91
C ILE B 556 -23.64 1.05 -71.11
N MET B 557 -23.69 -0.28 -71.03
CA MET B 557 -23.13 -1.14 -72.07
C MET B 557 -24.17 -1.69 -73.02
N TYR B 558 -25.38 -1.99 -72.53
CA TYR B 558 -26.41 -2.66 -73.31
C TYR B 558 -27.63 -1.76 -73.42
N LEU B 559 -28.63 -2.25 -74.15
CA LEU B 559 -29.93 -1.60 -74.26
C LEU B 559 -31.01 -2.56 -73.75
N GLN B 560 -32.19 -2.00 -73.51
CA GLN B 560 -33.28 -2.78 -72.92
C GLN B 560 -33.75 -3.90 -73.83
N SER B 561 -33.49 -3.80 -75.13
CA SER B 561 -33.96 -4.83 -76.05
C SER B 561 -33.11 -6.10 -75.99
N ASP B 562 -31.84 -5.97 -75.58
CA ASP B 562 -30.96 -7.13 -75.50
C ASP B 562 -31.36 -8.12 -74.42
N PHE B 563 -32.28 -7.74 -73.53
CA PHE B 563 -32.67 -8.57 -72.40
C PHE B 563 -33.95 -9.33 -72.71
N ASP B 564 -33.88 -10.66 -72.63
CA ASP B 564 -35.08 -11.48 -72.69
C ASP B 564 -35.25 -12.21 -71.37
N LEU B 565 -35.18 -11.46 -70.27
CA LEU B 565 -35.22 -12.04 -68.93
C LEU B 565 -36.64 -12.39 -68.48
N GLY B 566 -37.65 -12.13 -69.30
CA GLY B 566 -39.02 -12.40 -68.90
C GLY B 566 -39.58 -11.48 -67.84
N CYS B 567 -38.93 -10.35 -67.59
CA CYS B 567 -39.39 -9.41 -66.57
C CYS B 567 -40.24 -8.32 -67.21
N THR B 568 -41.20 -7.81 -66.42
CA THR B 568 -42.12 -6.78 -66.88
C THR B 568 -42.15 -5.63 -65.89
N CYS B 569 -42.37 -4.43 -66.42
CA CYS B 569 -42.56 -3.24 -65.60
C CYS B 569 -43.42 -2.27 -66.40
N ASP B 570 -44.59 -1.92 -65.87
CA ASP B 570 -45.58 -1.17 -66.64
C ASP B 570 -45.22 0.30 -66.81
N ASP B 571 -44.31 0.84 -66.02
CA ASP B 571 -43.97 2.25 -66.12
C ASP B 571 -42.47 2.48 -65.92
N GLU B 619 -19.41 9.00 -50.53
CA GLU B 619 -20.71 9.63 -50.65
C GLU B 619 -21.56 9.42 -49.40
N ARG B 620 -22.81 9.85 -49.48
CA ARG B 620 -23.74 9.69 -48.36
C ARG B 620 -24.18 8.24 -48.17
N HIS B 621 -24.03 7.41 -49.20
CA HIS B 621 -24.52 6.03 -49.17
C HIS B 621 -23.42 5.01 -48.91
N LEU B 622 -22.18 5.45 -48.66
CA LEU B 622 -21.05 4.55 -48.43
C LEU B 622 -20.10 5.29 -47.46
N LEU B 623 -20.51 5.31 -46.19
CA LEU B 623 -19.91 6.19 -45.19
C LEU B 623 -18.58 5.68 -44.65
N TYR B 624 -18.21 4.43 -44.92
CA TYR B 624 -17.02 3.84 -44.32
C TYR B 624 -16.11 3.18 -45.36
N GLY B 625 -16.26 3.56 -46.63
CA GLY B 625 -15.50 2.91 -47.68
C GLY B 625 -16.16 1.63 -48.13
N ARG B 626 -15.99 1.28 -49.40
CA ARG B 626 -16.60 0.07 -49.94
CA ARG B 626 -16.61 0.08 -49.91
C ARG B 626 -15.99 -1.16 -49.27
N PRO B 627 -16.76 -2.24 -49.12
CA PRO B 627 -16.18 -3.48 -48.59
C PRO B 627 -15.17 -4.06 -49.55
N ALA B 628 -14.20 -4.79 -49.01
CA ALA B 628 -13.15 -5.41 -49.79
C ALA B 628 -13.47 -6.89 -49.99
N VAL B 629 -13.51 -7.32 -51.24
CA VAL B 629 -13.72 -8.73 -51.57
C VAL B 629 -12.40 -9.47 -51.35
N LEU B 630 -12.43 -10.46 -50.46
CA LEU B 630 -11.22 -11.20 -50.08
C LEU B 630 -11.15 -12.57 -50.75
N TYR B 631 -11.62 -12.67 -51.99
CA TYR B 631 -11.50 -13.92 -52.75
C TYR B 631 -11.57 -13.59 -54.23
N ARG B 632 -11.04 -14.50 -55.04
CA ARG B 632 -11.00 -14.30 -56.49
C ARG B 632 -12.40 -14.50 -57.07
N THR B 633 -12.94 -13.43 -57.64
CA THR B 633 -14.30 -13.45 -58.21
C THR B 633 -14.40 -12.31 -59.22
N ARG B 634 -15.61 -12.08 -59.71
CA ARG B 634 -15.89 -11.02 -60.67
C ARG B 634 -17.14 -10.27 -60.24
N TYR B 635 -17.02 -8.97 -60.00
CA TYR B 635 -18.15 -8.20 -59.50
C TYR B 635 -18.03 -6.75 -59.94
N ASP B 636 -19.17 -6.07 -59.98
CA ASP B 636 -19.27 -4.67 -60.40
C ASP B 636 -19.74 -3.81 -59.24
N ILE B 637 -19.36 -2.54 -59.28
CA ILE B 637 -19.93 -1.51 -58.41
C ILE B 637 -21.05 -0.82 -59.17
N LEU B 638 -22.25 -0.82 -58.59
CA LEU B 638 -23.41 -0.19 -59.20
C LEU B 638 -23.86 0.97 -58.32
N TYR B 639 -23.87 2.16 -58.90
CA TYR B 639 -24.30 3.37 -58.20
C TYR B 639 -25.75 3.67 -58.52
N HIS B 640 -26.48 4.15 -57.52
CA HIS B 640 -27.85 4.61 -57.69
C HIS B 640 -28.07 5.83 -56.80
N THR B 641 -29.17 6.54 -57.08
CA THR B 641 -29.50 7.74 -56.31
C THR B 641 -29.68 7.41 -54.83
N ASP B 642 -30.30 6.27 -54.53
CA ASP B 642 -30.65 5.93 -53.16
C ASP B 642 -29.73 4.92 -52.51
N PHE B 643 -28.93 4.19 -53.28
CA PHE B 643 -28.13 3.10 -52.72
C PHE B 643 -27.00 2.75 -53.68
N GLU B 644 -26.07 1.94 -53.18
CA GLU B 644 -24.93 1.44 -53.94
C GLU B 644 -24.74 -0.02 -53.62
N SER B 645 -24.41 -0.82 -54.64
CA SER B 645 -24.33 -2.27 -54.50
C SER B 645 -23.05 -2.80 -55.11
N GLY B 646 -22.58 -3.92 -54.57
CA GLY B 646 -21.50 -4.67 -55.16
C GLY B 646 -22.03 -5.95 -55.80
N TYR B 647 -22.36 -5.87 -57.08
CA TYR B 647 -23.07 -6.94 -57.77
C TYR B 647 -22.07 -7.98 -58.27
N SER B 648 -22.25 -9.23 -57.84
CA SER B 648 -21.36 -10.32 -58.23
C SER B 648 -21.93 -11.05 -59.44
N GLU B 649 -21.11 -11.20 -60.48
CA GLU B 649 -21.52 -11.90 -61.69
C GLU B 649 -21.43 -13.42 -61.57
N ILE B 650 -20.94 -13.93 -60.44
CA ILE B 650 -20.88 -15.38 -60.22
C ILE B 650 -22.11 -15.88 -59.48
N PHE B 651 -22.57 -15.14 -58.47
CA PHE B 651 -23.74 -15.50 -57.71
C PHE B 651 -25.00 -14.80 -58.20
N LEU B 652 -24.88 -13.95 -59.23
CA LEU B 652 -26.03 -13.32 -59.89
C LEU B 652 -26.86 -12.49 -58.90
N MET B 653 -26.18 -11.84 -57.96
CA MET B 653 -26.84 -11.04 -56.94
C MET B 653 -25.78 -10.22 -56.21
N PRO B 654 -26.16 -9.10 -55.60
CA PRO B 654 -25.18 -8.29 -54.88
C PRO B 654 -24.57 -9.04 -53.71
N LEU B 655 -23.27 -8.82 -53.48
CA LEU B 655 -22.65 -9.29 -52.25
C LEU B 655 -22.95 -8.36 -51.08
N TRP B 656 -23.20 -7.09 -51.37
CA TRP B 656 -23.51 -6.09 -50.36
C TRP B 656 -24.30 -4.97 -51.02
N THR B 657 -25.15 -4.32 -50.21
CA THR B 657 -25.93 -3.17 -50.66
C THR B 657 -25.95 -2.14 -49.56
N SER B 658 -25.37 -0.97 -49.82
CA SER B 658 -25.21 0.07 -48.82
C SER B 658 -26.13 1.25 -49.12
N TYR B 659 -26.78 1.74 -48.07
CA TYR B 659 -27.64 2.92 -48.17
C TYR B 659 -27.82 3.48 -46.76
N THR B 660 -28.04 4.79 -46.68
CA THR B 660 -28.19 5.48 -45.41
C THR B 660 -29.58 6.11 -45.34
N VAL B 661 -30.25 5.93 -44.20
CA VAL B 661 -31.60 6.44 -44.00
C VAL B 661 -31.53 7.52 -42.92
N SER B 662 -32.01 8.71 -43.25
CA SER B 662 -31.95 9.83 -42.33
C SER B 662 -32.97 9.67 -41.20
N LYS B 663 -32.81 10.49 -40.17
CA LYS B 663 -33.75 10.48 -39.05
C LYS B 663 -35.14 10.93 -39.48
N GLN B 664 -35.22 11.83 -40.47
CA GLN B 664 -36.49 12.35 -40.95
C GLN B 664 -36.94 11.69 -42.24
N ALA B 665 -36.33 10.57 -42.62
CA ALA B 665 -36.67 9.93 -43.89
C ALA B 665 -38.10 9.38 -43.86
N GLU B 666 -38.81 9.53 -44.98
CA GLU B 666 -40.19 9.09 -45.09
C GLU B 666 -40.25 7.67 -45.65
N VAL B 667 -41.32 6.97 -45.28
CA VAL B 667 -41.54 5.60 -45.74
C VAL B 667 -42.75 5.56 -46.67
N SER B 668 -42.51 5.67 -47.97
CA SER B 668 -43.58 5.66 -48.96
C SER B 668 -44.10 4.24 -49.15
N SER B 669 -45.04 4.10 -50.08
CA SER B 669 -45.58 2.81 -50.48
C SER B 669 -45.14 2.49 -51.90
N VAL B 670 -45.68 1.40 -52.44
CA VAL B 670 -45.42 0.99 -53.82
C VAL B 670 -46.75 0.80 -54.51
N PRO B 671 -47.04 1.53 -55.60
CA PRO B 671 -48.31 1.31 -56.31
C PRO B 671 -48.43 -0.12 -56.79
N ASP B 672 -49.67 -0.60 -56.86
CA ASP B 672 -49.92 -2.00 -57.17
C ASP B 672 -49.48 -2.36 -58.58
N HIS B 673 -49.54 -1.41 -59.51
CA HIS B 673 -49.03 -1.66 -60.85
C HIS B 673 -47.51 -1.61 -60.91
N LEU B 674 -46.85 -1.32 -59.80
CA LEU B 674 -45.40 -1.42 -59.69
C LEU B 674 -44.95 -2.50 -58.74
N THR B 675 -45.88 -3.25 -58.13
CA THR B 675 -45.50 -4.29 -57.19
C THR B 675 -44.73 -5.41 -57.88
N SER B 676 -45.21 -5.86 -59.04
CA SER B 676 -44.58 -6.92 -59.80
C SER B 676 -43.67 -6.38 -60.91
N CYS B 677 -43.13 -5.18 -60.73
CA CYS B 677 -42.27 -4.57 -61.72
C CYS B 677 -40.81 -4.90 -61.44
N VAL B 678 -40.13 -5.47 -62.43
CA VAL B 678 -38.70 -5.74 -62.37
C VAL B 678 -38.07 -5.23 -63.65
N ARG B 679 -37.03 -4.40 -63.52
CA ARG B 679 -36.41 -3.78 -64.68
C ARG B 679 -35.00 -4.31 -64.89
N PRO B 680 -34.57 -4.46 -66.14
CA PRO B 680 -33.21 -4.92 -66.40
C PRO B 680 -32.18 -3.82 -66.25
N ASP B 681 -31.00 -4.22 -65.78
CA ASP B 681 -29.88 -3.29 -65.60
C ASP B 681 -29.05 -3.27 -66.87
N VAL B 682 -28.97 -2.09 -67.51
CA VAL B 682 -28.29 -1.95 -68.80
C VAL B 682 -26.79 -1.80 -68.59
N ARG B 683 -26.32 -2.03 -67.37
CA ARG B 683 -24.89 -2.02 -67.07
C ARG B 683 -24.32 -3.42 -66.83
N VAL B 684 -25.17 -4.43 -66.70
CA VAL B 684 -24.74 -5.80 -66.44
C VAL B 684 -25.25 -6.68 -67.58
N SER B 685 -24.37 -7.59 -68.04
CA SER B 685 -24.69 -8.43 -69.19
C SER B 685 -25.97 -9.24 -68.95
N PRO B 686 -26.74 -9.50 -70.00
CA PRO B 686 -27.92 -10.36 -69.84
C PRO B 686 -27.58 -11.74 -69.29
N SER B 687 -26.43 -12.29 -69.70
CA SER B 687 -26.04 -13.62 -69.25
C SER B 687 -25.62 -13.64 -67.78
N PHE B 688 -25.37 -12.47 -67.19
CA PHE B 688 -25.03 -12.36 -65.78
C PHE B 688 -26.15 -11.65 -65.01
N SER B 689 -27.39 -11.97 -65.35
CA SER B 689 -28.56 -11.36 -64.73
C SER B 689 -29.55 -12.45 -64.33
N GLN B 690 -30.35 -12.15 -63.31
CA GLN B 690 -31.45 -13.01 -62.93
C GLN B 690 -32.59 -12.86 -63.94
N ASN B 691 -33.36 -13.93 -64.10
CA ASN B 691 -34.48 -13.93 -65.03
C ASN B 691 -35.78 -14.19 -64.26
N CYS B 692 -36.82 -13.42 -64.61
CA CYS B 692 -38.08 -13.49 -63.89
C CYS B 692 -38.77 -14.83 -64.11
N LEU B 693 -38.52 -15.48 -65.25
CA LEU B 693 -39.20 -16.74 -65.55
C LEU B 693 -38.83 -17.82 -64.54
N ALA B 694 -37.58 -17.82 -64.07
CA ALA B 694 -37.15 -18.84 -63.11
C ALA B 694 -37.95 -18.74 -61.81
N TYR B 695 -38.29 -17.52 -61.39
CA TYR B 695 -39.11 -17.36 -60.20
C TYR B 695 -40.54 -17.83 -60.44
N LYS B 696 -41.05 -17.66 -61.66
CA LYS B 696 -42.40 -18.11 -61.97
C LYS B 696 -42.49 -19.63 -62.07
N ASN B 697 -41.39 -20.30 -62.37
CA ASN B 697 -41.36 -21.76 -62.43
C ASN B 697 -41.08 -22.39 -61.08
N ASP B 698 -40.57 -21.63 -60.12
CA ASP B 698 -40.34 -22.12 -58.76
C ASP B 698 -41.49 -21.61 -57.90
N LYS B 699 -42.52 -22.45 -57.74
CA LYS B 699 -43.71 -22.07 -56.99
C LYS B 699 -43.42 -21.90 -55.52
N GLN B 700 -42.31 -22.45 -55.04
CA GLN B 700 -41.91 -22.34 -53.64
C GLN B 700 -40.96 -21.17 -53.40
N MET B 701 -40.60 -20.41 -54.44
CA MET B 701 -39.60 -19.36 -54.34
C MET B 701 -40.19 -18.06 -54.86
N SER B 702 -40.04 -16.99 -54.08
CA SER B 702 -40.33 -15.64 -54.51
C SER B 702 -39.03 -14.84 -54.52
N TYR B 703 -39.13 -13.51 -54.46
CA TYR B 703 -37.95 -12.68 -54.46
C TYR B 703 -38.20 -11.44 -53.62
N GLY B 704 -37.11 -10.85 -53.14
CA GLY B 704 -37.16 -9.59 -52.42
C GLY B 704 -36.19 -8.58 -52.99
N PHE B 705 -36.02 -7.45 -52.30
CA PHE B 705 -35.10 -6.41 -52.74
C PHE B 705 -34.15 -6.08 -51.60
N LEU B 706 -32.88 -5.86 -51.95
CA LEU B 706 -31.89 -5.54 -50.93
C LEU B 706 -32.04 -4.11 -50.44
N PHE B 707 -32.17 -3.16 -51.36
CA PHE B 707 -32.64 -1.83 -51.00
C PHE B 707 -34.16 -1.79 -51.16
N PRO B 708 -34.92 -1.57 -50.10
CA PRO B 708 -36.38 -1.64 -50.20
C PRO B 708 -36.92 -0.47 -51.00
N PRO B 709 -37.79 -0.75 -51.98
CA PRO B 709 -38.45 0.35 -52.70
C PRO B 709 -39.29 1.24 -51.81
N TYR B 710 -39.64 0.80 -50.60
CA TYR B 710 -40.43 1.63 -49.70
C TYR B 710 -39.65 2.83 -49.18
N LEU B 711 -38.32 2.82 -49.31
CA LEU B 711 -37.48 3.91 -48.82
C LEU B 711 -36.89 4.74 -49.96
N SER B 712 -37.55 4.75 -51.12
CA SER B 712 -37.09 5.58 -52.23
C SER B 712 -37.27 7.05 -51.89
N SER B 713 -36.28 7.86 -52.27
CA SER B 713 -36.37 9.30 -52.03
C SER B 713 -37.37 9.98 -52.95
N SER B 714 -37.66 9.40 -54.11
CA SER B 714 -38.59 9.98 -55.06
C SER B 714 -39.12 8.86 -55.95
N PRO B 715 -40.33 9.03 -56.51
CA PRO B 715 -40.85 7.99 -57.42
C PRO B 715 -39.96 7.73 -58.62
N GLU B 716 -39.24 8.75 -59.10
CA GLU B 716 -38.28 8.53 -60.18
C GLU B 716 -37.14 7.62 -59.71
N ALA B 717 -36.66 7.84 -58.49
CA ALA B 717 -35.61 6.98 -57.94
C ALA B 717 -36.14 5.60 -57.55
N LYS B 718 -37.45 5.47 -57.35
CA LYS B 718 -38.02 4.18 -56.98
C LYS B 718 -37.81 3.13 -58.06
N TYR B 719 -37.66 3.56 -59.32
CA TYR B 719 -37.42 2.62 -60.40
C TYR B 719 -36.03 1.98 -60.30
N ASP B 720 -35.09 2.63 -59.62
CA ASP B 720 -33.79 2.00 -59.39
C ASP B 720 -33.92 0.78 -58.49
N ALA B 721 -34.84 0.83 -57.52
CA ALA B 721 -35.01 -0.28 -56.59
C ALA B 721 -35.59 -1.52 -57.25
N PHE B 722 -36.23 -1.37 -58.41
CA PHE B 722 -36.79 -2.51 -59.13
C PHE B 722 -35.83 -3.10 -60.14
N LEU B 723 -34.55 -2.72 -60.08
CA LEU B 723 -33.57 -3.27 -61.01
C LEU B 723 -33.31 -4.73 -60.71
N VAL B 724 -33.09 -5.51 -61.77
CA VAL B 724 -32.82 -6.94 -61.62
C VAL B 724 -31.52 -7.18 -60.85
N THR B 725 -30.66 -6.18 -60.76
CA THR B 725 -29.46 -6.25 -59.95
C THR B 725 -29.72 -5.89 -58.49
N ASN B 726 -30.98 -5.76 -58.10
CA ASN B 726 -31.35 -5.47 -56.71
C ASN B 726 -32.22 -6.55 -56.09
N MET B 727 -32.65 -7.54 -56.88
CA MET B 727 -33.53 -8.59 -56.38
C MET B 727 -32.72 -9.77 -55.87
N VAL B 728 -33.20 -10.38 -54.79
CA VAL B 728 -32.61 -11.61 -54.26
C VAL B 728 -33.76 -12.58 -53.99
N PRO B 729 -33.57 -13.88 -54.22
CA PRO B 729 -34.67 -14.83 -54.03
C PRO B 729 -34.97 -15.01 -52.54
N MET B 730 -36.25 -14.94 -52.19
CA MET B 730 -36.68 -15.16 -50.81
C MET B 730 -37.92 -16.03 -50.79
N TYR B 731 -37.98 -16.94 -49.81
CA TYR B 731 -39.20 -17.69 -49.57
C TYR B 731 -40.30 -16.74 -49.11
N PRO B 732 -41.56 -17.03 -49.46
CA PRO B 732 -42.66 -16.16 -49.00
C PRO B 732 -42.74 -16.07 -47.49
N ALA B 733 -42.34 -17.13 -46.78
CA ALA B 733 -42.34 -17.07 -45.32
C ALA B 733 -41.27 -16.12 -44.79
N PHE B 734 -40.12 -16.08 -45.46
CA PHE B 734 -39.07 -15.15 -45.04
C PHE B 734 -39.38 -13.71 -45.43
N LYS B 735 -40.15 -13.52 -46.50
CA LYS B 735 -40.53 -12.17 -46.90
C LYS B 735 -41.33 -11.46 -45.80
N ARG B 736 -42.10 -12.22 -45.02
CA ARG B 736 -42.76 -11.64 -43.86
C ARG B 736 -41.75 -11.02 -42.90
N VAL B 737 -40.59 -11.67 -42.75
CA VAL B 737 -39.54 -11.14 -41.88
C VAL B 737 -38.77 -10.02 -42.57
N TRP B 738 -38.49 -10.18 -43.86
CA TRP B 738 -37.71 -9.16 -44.58
C TRP B 738 -38.51 -7.87 -44.73
N ASN B 739 -39.79 -7.97 -45.10
CA ASN B 739 -40.58 -6.78 -45.33
C ASN B 739 -40.78 -5.98 -44.05
N TYR B 740 -40.97 -6.66 -42.92
CA TYR B 740 -41.12 -5.95 -41.65
C TYR B 740 -39.82 -5.27 -41.26
N PHE B 741 -38.68 -5.91 -41.53
CA PHE B 741 -37.40 -5.30 -41.20
C PHE B 741 -37.16 -4.05 -42.04
N GLN B 742 -37.39 -4.15 -43.35
CA GLN B 742 -37.09 -3.03 -44.23
C GLN B 742 -38.12 -1.90 -44.09
N ARG B 743 -39.40 -2.25 -44.04
CA ARG B 743 -40.45 -1.23 -44.05
C ARG B 743 -40.65 -0.58 -42.68
N VAL B 744 -40.45 -1.32 -41.60
CA VAL B 744 -40.79 -0.85 -40.25
C VAL B 744 -39.54 -0.62 -39.41
N LEU B 745 -38.63 -1.58 -39.37
CA LEU B 745 -37.57 -1.55 -38.36
C LEU B 745 -36.41 -0.64 -38.76
N VAL B 746 -36.10 -0.52 -40.05
CA VAL B 746 -35.02 0.38 -40.45
C VAL B 746 -35.38 1.83 -40.13
N LYS B 747 -36.62 2.22 -40.43
CA LYS B 747 -37.09 3.56 -40.04
C LYS B 747 -37.09 3.73 -38.53
N LYS B 748 -37.40 2.65 -37.79
CA LYS B 748 -37.35 2.72 -36.34
C LYS B 748 -35.93 2.94 -35.84
N TYR B 749 -34.96 2.23 -36.41
CA TYR B 749 -33.57 2.40 -35.99
C TYR B 749 -33.06 3.81 -36.33
N ALA B 750 -33.43 4.32 -37.49
CA ALA B 750 -32.99 5.65 -37.89
C ALA B 750 -33.57 6.72 -36.99
N SER B 751 -34.86 6.58 -36.63
CA SER B 751 -35.49 7.56 -35.75
CA SER B 751 -35.49 7.56 -35.75
C SER B 751 -34.93 7.48 -34.33
N GLU B 752 -34.38 6.33 -33.93
CA GLU B 752 -33.84 6.16 -32.59
C GLU B 752 -32.37 6.53 -32.50
N ARG B 753 -31.61 6.36 -33.58
CA ARG B 753 -30.16 6.50 -33.55
C ARG B 753 -29.66 7.66 -34.40
N ASN B 754 -30.52 8.60 -34.73
CA ASN B 754 -30.17 9.77 -35.55
C ASN B 754 -29.58 9.33 -36.89
N GLY B 755 -30.41 8.66 -37.69
CA GLY B 755 -29.97 8.15 -38.97
C GLY B 755 -29.12 6.91 -38.83
N VAL B 756 -29.23 5.99 -39.80
CA VAL B 756 -28.48 4.74 -39.79
C VAL B 756 -28.02 4.41 -41.20
N ASN B 757 -26.86 3.77 -41.29
CA ASN B 757 -26.36 3.21 -42.54
C ASN B 757 -26.56 1.70 -42.52
N VAL B 758 -27.15 1.17 -43.58
CA VAL B 758 -27.49 -0.24 -43.66
C VAL B 758 -26.70 -0.88 -44.79
N ILE B 759 -26.01 -1.98 -44.48
CA ILE B 759 -25.32 -2.79 -45.47
C ILE B 759 -25.89 -4.20 -45.37
N SER B 760 -26.66 -4.60 -46.37
CA SER B 760 -27.32 -5.89 -46.38
C SER B 760 -26.82 -6.74 -47.54
N GLY B 761 -27.08 -8.05 -47.45
CA GLY B 761 -26.67 -8.97 -48.47
C GLY B 761 -26.96 -10.42 -48.10
N PRO B 762 -26.67 -11.34 -49.02
CA PRO B 762 -26.91 -12.76 -48.78
C PRO B 762 -25.70 -13.43 -48.14
N ILE B 763 -25.94 -14.65 -47.66
CA ILE B 763 -24.89 -15.48 -47.05
C ILE B 763 -25.15 -16.93 -47.44
N PHE B 764 -24.13 -17.59 -47.97
CA PHE B 764 -24.20 -18.99 -48.35
C PHE B 764 -23.27 -19.78 -47.45
N ASP B 765 -23.84 -20.73 -46.70
CA ASP B 765 -23.09 -21.55 -45.76
C ASP B 765 -23.80 -22.90 -45.64
N TYR B 766 -23.72 -23.70 -46.71
CA TYR B 766 -24.45 -24.96 -46.75
C TYR B 766 -23.73 -26.06 -45.99
N ASP B 767 -22.41 -25.97 -45.82
CA ASP B 767 -21.67 -26.91 -44.98
C ASP B 767 -21.48 -26.38 -43.56
N TYR B 768 -22.18 -25.30 -43.20
CA TYR B 768 -22.29 -24.77 -41.84
C TYR B 768 -20.96 -24.77 -41.09
N ASP B 769 -19.92 -24.32 -41.80
CA ASP B 769 -18.62 -24.17 -41.16
C ASP B 769 -18.30 -22.72 -40.86
N GLY B 770 -19.27 -21.81 -41.01
CA GLY B 770 -19.03 -20.40 -40.72
C GLY B 770 -18.18 -19.67 -41.72
N LEU B 771 -17.93 -20.26 -42.89
CA LEU B 771 -17.06 -19.66 -43.88
C LEU B 771 -17.80 -19.48 -45.21
N HIS B 772 -17.28 -18.57 -46.03
CA HIS B 772 -17.91 -18.24 -47.30
C HIS B 772 -17.92 -19.44 -48.24
N ASP B 773 -19.12 -19.84 -48.65
CA ASP B 773 -19.25 -20.94 -49.60
C ASP B 773 -18.75 -20.53 -50.97
N THR B 774 -18.12 -21.46 -51.67
CA THR B 774 -17.86 -21.29 -53.09
C THR B 774 -19.06 -21.82 -53.88
N GLU B 775 -19.00 -21.71 -55.20
CA GLU B 775 -20.16 -22.08 -56.02
C GLU B 775 -20.48 -23.56 -55.93
N ASP B 776 -19.46 -24.41 -55.76
CA ASP B 776 -19.66 -25.85 -55.79
C ASP B 776 -20.25 -26.41 -54.50
N LYS B 777 -20.30 -25.64 -53.43
CA LYS B 777 -20.87 -26.09 -52.17
C LYS B 777 -22.33 -25.69 -51.99
N ILE B 778 -22.90 -24.96 -52.94
CA ILE B 778 -24.28 -24.52 -52.85
C ILE B 778 -25.19 -25.66 -53.31
N LYS B 779 -26.10 -26.09 -52.45
CA LYS B 779 -26.94 -27.26 -52.70
C LYS B 779 -28.37 -26.90 -53.07
N GLN B 780 -28.63 -25.64 -53.40
CA GLN B 780 -30.00 -25.21 -53.69
C GLN B 780 -29.99 -24.03 -54.64
N TYR B 781 -30.79 -24.12 -55.70
CA TYR B 781 -30.96 -23.05 -56.67
C TYR B 781 -32.45 -22.86 -56.94
N VAL B 782 -32.77 -21.80 -57.68
CA VAL B 782 -34.13 -21.60 -58.16
C VAL B 782 -34.39 -22.57 -59.30
N GLU B 783 -35.58 -23.15 -59.32
CA GLU B 783 -35.91 -24.26 -60.22
C GLU B 783 -35.55 -23.95 -61.66
N GLY B 784 -34.65 -24.75 -62.22
CA GLY B 784 -34.25 -24.62 -63.60
C GLY B 784 -33.28 -23.51 -63.92
N SER B 785 -32.67 -22.90 -62.90
CA SER B 785 -31.76 -21.79 -63.10
C SER B 785 -30.49 -22.00 -62.28
N SER B 786 -29.52 -21.13 -62.50
CA SER B 786 -28.29 -21.09 -61.72
C SER B 786 -28.30 -19.92 -60.73
N ILE B 787 -29.46 -19.66 -60.13
CA ILE B 787 -29.63 -18.59 -59.16
C ILE B 787 -29.46 -19.21 -57.77
N PRO B 788 -28.34 -18.98 -57.08
CA PRO B 788 -28.13 -19.63 -55.78
C PRO B 788 -29.08 -19.09 -54.73
N VAL B 789 -29.59 -20.00 -53.90
CA VAL B 789 -30.50 -19.64 -52.81
C VAL B 789 -29.66 -19.43 -51.55
N PRO B 790 -29.68 -18.24 -50.95
CA PRO B 790 -28.89 -18.02 -49.73
C PRO B 790 -29.45 -18.80 -48.56
N THR B 791 -28.55 -19.21 -47.67
CA THR B 791 -28.97 -19.80 -46.41
C THR B 791 -29.34 -18.72 -45.39
N HIS B 792 -28.77 -17.52 -45.53
CA HIS B 792 -28.99 -16.45 -44.57
C HIS B 792 -28.96 -15.12 -45.30
N TYR B 793 -29.50 -14.10 -44.63
CA TYR B 793 -29.38 -12.71 -45.06
C TYR B 793 -28.91 -11.89 -43.87
N TYR B 794 -27.93 -11.03 -44.10
CA TYR B 794 -27.34 -10.21 -43.05
C TYR B 794 -27.69 -8.74 -43.26
N SER B 795 -27.37 -7.94 -42.25
CA SER B 795 -27.47 -6.50 -42.33
C SER B 795 -26.63 -5.89 -41.23
N ILE B 796 -25.90 -4.83 -41.57
CA ILE B 796 -25.05 -4.12 -40.61
C ILE B 796 -25.60 -2.70 -40.51
N ILE B 797 -26.18 -2.38 -39.36
CA ILE B 797 -26.80 -1.07 -39.12
C ILE B 797 -25.84 -0.27 -38.26
N THR B 798 -25.21 0.75 -38.86
CA THR B 798 -24.20 1.55 -38.19
C THR B 798 -24.67 2.99 -38.06
N SER B 799 -24.30 3.62 -36.96
CA SER B 799 -24.57 5.04 -36.73
C SER B 799 -23.51 5.57 -35.79
N CYS B 800 -23.66 6.84 -35.40
CA CYS B 800 -22.69 7.48 -34.51
C CYS B 800 -22.98 7.10 -33.06
N LEU B 801 -21.91 6.80 -32.31
CA LEU B 801 -22.07 6.56 -30.88
C LEU B 801 -22.56 7.82 -30.18
N ASP B 802 -21.99 8.97 -30.53
CA ASP B 802 -22.53 10.27 -30.10
C ASP B 802 -23.78 10.53 -30.92
N PHE B 803 -24.95 10.21 -30.36
CA PHE B 803 -26.20 10.32 -31.09
C PHE B 803 -26.57 11.75 -31.45
N THR B 804 -25.87 12.74 -30.89
CA THR B 804 -26.12 14.13 -31.27
C THR B 804 -25.67 14.45 -32.69
N GLN B 805 -24.88 13.57 -33.31
CA GLN B 805 -24.44 13.73 -34.68
C GLN B 805 -25.13 12.72 -35.58
N PRO B 806 -25.57 13.12 -36.77
CA PRO B 806 -26.18 12.17 -37.69
C PRO B 806 -25.18 11.10 -38.13
N ALA B 807 -25.71 10.01 -38.68
CA ALA B 807 -24.87 8.89 -39.06
C ALA B 807 -23.88 9.27 -40.16
N ASP B 808 -24.26 10.20 -41.04
CA ASP B 808 -23.40 10.60 -42.15
C ASP B 808 -22.52 11.80 -41.82
N LYS B 809 -22.46 12.21 -40.56
CA LYS B 809 -21.61 13.32 -40.13
C LYS B 809 -21.06 13.01 -38.73
N CYS B 810 -20.56 11.79 -38.55
CA CYS B 810 -20.08 11.32 -37.26
C CYS B 810 -18.59 11.62 -37.12
N ASP B 811 -18.22 12.33 -36.06
CA ASP B 811 -16.83 12.73 -35.89
C ASP B 811 -15.99 11.64 -35.23
N GLY B 812 -16.57 10.90 -34.28
CA GLY B 812 -15.79 9.98 -33.49
C GLY B 812 -16.27 8.54 -33.53
N PRO B 813 -16.33 7.91 -32.36
CA PRO B 813 -16.64 6.47 -32.30
C PRO B 813 -17.99 6.13 -32.92
N LEU B 814 -18.10 4.91 -33.41
CA LEU B 814 -19.28 4.43 -34.10
C LEU B 814 -20.06 3.46 -33.23
N SER B 815 -21.38 3.40 -33.47
CA SER B 815 -22.25 2.42 -32.86
C SER B 815 -22.78 1.50 -33.96
N VAL B 816 -22.69 0.20 -33.73
CA VAL B 816 -23.01 -0.79 -34.76
C VAL B 816 -23.85 -1.91 -34.17
N SER B 817 -24.69 -2.50 -35.00
CA SER B 817 -25.51 -3.65 -34.64
C SER B 817 -25.83 -4.42 -35.90
N SER B 818 -25.72 -5.75 -35.83
CA SER B 818 -25.87 -6.59 -37.00
C SER B 818 -26.64 -7.85 -36.64
N PHE B 819 -27.18 -8.52 -37.67
CA PHE B 819 -27.87 -9.79 -37.49
C PHE B 819 -27.58 -10.68 -38.69
N ILE B 820 -27.77 -11.98 -38.49
CA ILE B 820 -27.69 -12.98 -39.56
C ILE B 820 -28.97 -13.80 -39.48
N LEU B 821 -29.99 -13.39 -40.22
CA LEU B 821 -31.28 -14.07 -40.19
CA LEU B 821 -31.27 -14.08 -40.17
C LEU B 821 -31.23 -15.36 -41.01
N PRO B 822 -31.78 -16.46 -40.50
CA PRO B 822 -31.83 -17.70 -41.29
C PRO B 822 -32.90 -17.61 -42.36
N HIS B 823 -32.55 -18.01 -43.58
CA HIS B 823 -33.46 -17.95 -44.72
C HIS B 823 -34.23 -19.26 -44.81
N ARG B 824 -35.23 -19.40 -43.92
CA ARG B 824 -36.05 -20.58 -43.78
C ARG B 824 -37.28 -20.51 -44.69
N PRO B 825 -37.75 -21.65 -45.20
CA PRO B 825 -39.00 -21.65 -45.98
C PRO B 825 -40.26 -21.60 -45.13
N ASP B 826 -40.11 -21.58 -43.81
CA ASP B 826 -41.25 -21.48 -42.90
C ASP B 826 -40.82 -20.71 -41.68
N ASN B 827 -41.80 -20.30 -40.88
CA ASN B 827 -41.51 -19.63 -39.62
C ASN B 827 -41.88 -20.54 -38.45
N GLU B 828 -41.48 -21.80 -38.52
CA GLU B 828 -41.70 -22.73 -37.41
C GLU B 828 -40.91 -22.32 -36.18
N GLU B 829 -39.80 -21.59 -36.37
CA GLU B 829 -38.99 -21.15 -35.25
C GLU B 829 -39.75 -20.17 -34.36
N SER B 830 -40.63 -19.37 -34.93
CA SER B 830 -41.41 -18.39 -34.19
C SER B 830 -42.79 -18.96 -33.92
N CYS B 831 -43.07 -19.27 -32.65
CA CYS B 831 -44.36 -19.84 -32.28
C CYS B 831 -45.49 -18.83 -32.43
N ASN B 832 -45.19 -17.54 -32.47
CA ASN B 832 -46.18 -16.50 -32.68
C ASN B 832 -46.23 -16.02 -34.13
N SER B 833 -45.71 -16.82 -35.06
CA SER B 833 -45.70 -16.42 -36.47
C SER B 833 -47.10 -16.26 -37.03
N SER B 834 -48.12 -16.79 -36.36
CA SER B 834 -49.49 -16.58 -36.81
C SER B 834 -49.95 -15.16 -36.53
N GLU B 835 -49.45 -14.53 -35.46
CA GLU B 835 -49.79 -13.16 -35.15
C GLU B 835 -49.11 -12.21 -36.12
N ASP B 836 -49.35 -10.91 -35.92
CA ASP B 836 -48.76 -9.92 -36.81
C ASP B 836 -47.26 -9.80 -36.58
N GLU B 837 -46.57 -9.23 -37.57
CA GLU B 837 -45.11 -9.19 -37.55
C GLU B 837 -44.58 -8.39 -36.37
N SER B 838 -45.36 -7.44 -35.85
CA SER B 838 -44.94 -6.65 -34.71
C SER B 838 -44.87 -7.46 -33.41
N LYS B 839 -45.26 -8.73 -33.45
CA LYS B 839 -45.34 -9.54 -32.24
C LYS B 839 -44.32 -10.68 -32.19
N TRP B 840 -43.46 -10.82 -33.20
CA TRP B 840 -42.52 -11.94 -33.19
C TRP B 840 -41.28 -11.69 -34.04
N VAL B 841 -41.39 -10.88 -35.09
CA VAL B 841 -40.26 -10.71 -36.01
C VAL B 841 -39.07 -10.10 -35.28
N GLU B 842 -39.31 -9.09 -34.45
CA GLU B 842 -38.22 -8.45 -33.73
C GLU B 842 -37.53 -9.43 -32.78
N GLU B 843 -38.31 -10.27 -32.09
CA GLU B 843 -37.72 -11.25 -31.19
C GLU B 843 -36.87 -12.27 -31.97
N LEU B 844 -37.27 -12.58 -33.20
CA LEU B 844 -36.49 -13.49 -34.03
C LEU B 844 -35.16 -12.86 -34.42
N MET B 845 -35.16 -11.55 -34.70
CA MET B 845 -33.92 -10.89 -35.10
C MET B 845 -33.00 -10.67 -33.91
N LYS B 846 -33.57 -10.41 -32.73
CA LYS B 846 -32.75 -10.34 -31.52
C LYS B 846 -32.06 -11.66 -31.23
N MET B 847 -32.72 -12.77 -31.56
CA MET B 847 -32.12 -14.09 -31.35
C MET B 847 -30.96 -14.35 -32.29
N HIS B 848 -31.03 -13.81 -33.51
CA HIS B 848 -30.03 -14.06 -34.54
C HIS B 848 -29.12 -12.85 -34.76
N THR B 849 -28.83 -12.12 -33.69
CA THR B 849 -27.85 -11.05 -33.76
C THR B 849 -26.47 -11.63 -34.02
N ALA B 850 -25.54 -10.78 -34.44
CA ALA B 850 -24.21 -11.25 -34.81
C ALA B 850 -23.20 -10.12 -34.78
N ARG B 851 -21.95 -10.48 -34.57
CA ARG B 851 -20.85 -9.55 -34.74
C ARG B 851 -20.63 -9.26 -36.23
N VAL B 852 -20.04 -8.10 -36.50
CA VAL B 852 -19.61 -7.82 -37.87
C VAL B 852 -18.57 -8.82 -38.32
N ARG B 853 -17.72 -9.27 -37.38
CA ARG B 853 -16.73 -10.30 -37.70
CA ARG B 853 -16.73 -10.30 -37.70
C ARG B 853 -17.40 -11.58 -38.18
N ASP B 854 -18.55 -11.93 -37.58
CA ASP B 854 -19.26 -13.13 -37.99
C ASP B 854 -19.75 -13.01 -39.43
N ILE B 855 -20.19 -11.82 -39.83
CA ILE B 855 -20.64 -11.62 -41.21
C ILE B 855 -19.46 -11.66 -42.16
N GLU B 856 -18.29 -11.18 -41.73
CA GLU B 856 -17.13 -11.16 -42.60
C GLU B 856 -16.65 -12.57 -42.93
N HIS B 857 -16.64 -13.47 -41.96
CA HIS B 857 -16.22 -14.84 -42.22
C HIS B 857 -17.15 -15.53 -43.22
N LEU B 858 -18.45 -15.20 -43.16
CA LEU B 858 -19.42 -15.85 -44.03
C LEU B 858 -19.48 -15.23 -45.42
N THR B 859 -18.99 -14.00 -45.58
CA THR B 859 -19.05 -13.32 -46.86
C THR B 859 -17.68 -13.06 -47.49
N SER B 860 -16.59 -13.27 -46.75
CA SER B 860 -15.24 -12.96 -47.22
C SER B 860 -15.11 -11.50 -47.62
N LEU B 861 -15.85 -10.63 -46.95
CA LEU B 861 -15.77 -9.18 -47.15
C LEU B 861 -15.12 -8.52 -45.95
N ASP B 862 -14.64 -7.29 -46.16
CA ASP B 862 -13.98 -6.52 -45.11
C ASP B 862 -14.62 -5.15 -45.05
N PHE B 863 -15.24 -4.84 -43.93
CA PHE B 863 -15.98 -3.59 -43.75
C PHE B 863 -15.14 -2.57 -42.99
N PHE B 864 -15.66 -1.34 -42.93
CA PHE B 864 -15.08 -0.25 -42.14
C PHE B 864 -13.59 -0.06 -42.44
N ARG B 865 -13.29 0.17 -43.71
CA ARG B 865 -11.90 0.30 -44.14
C ARG B 865 -11.40 1.74 -44.18
N LYS B 866 -12.26 2.70 -44.44
CA LYS B 866 -11.90 4.13 -44.40
C LYS B 866 -12.90 4.82 -43.47
N THR B 867 -12.49 5.02 -42.20
CA THR B 867 -13.40 5.52 -41.18
C THR B 867 -12.82 6.62 -40.29
N SER B 868 -11.50 6.87 -40.35
CA SER B 868 -10.77 7.80 -39.49
C SER B 868 -10.63 7.28 -38.07
N ARG B 869 -10.94 6.01 -37.82
CA ARG B 869 -10.65 5.38 -36.54
C ARG B 869 -9.42 4.49 -36.68
N SER B 870 -8.66 4.39 -35.59
CA SER B 870 -7.51 3.49 -35.59
C SER B 870 -7.96 2.07 -35.84
N TYR B 871 -7.15 1.32 -36.60
CA TYR B 871 -7.54 -0.04 -36.94
C TYR B 871 -7.80 -0.93 -35.73
N PRO B 872 -7.06 -0.84 -34.62
CA PRO B 872 -7.48 -1.60 -33.43
C PRO B 872 -8.87 -1.24 -32.94
N GLU B 873 -9.24 0.04 -33.00
CA GLU B 873 -10.59 0.43 -32.60
C GLU B 873 -11.64 -0.19 -33.53
N ILE B 874 -11.34 -0.27 -34.82
CA ILE B 874 -12.28 -0.86 -35.76
C ILE B 874 -12.42 -2.35 -35.52
N LEU B 875 -11.31 -3.01 -35.16
CA LEU B 875 -11.37 -4.44 -34.84
C LEU B 875 -12.25 -4.69 -33.61
N THR B 876 -12.14 -3.82 -32.61
CA THR B 876 -13.02 -3.93 -31.44
C THR B 876 -14.47 -3.72 -31.83
N LEU B 877 -14.71 -2.81 -32.79
CA LEU B 877 -16.08 -2.57 -33.25
C LEU B 877 -16.64 -3.78 -33.98
N LYS B 878 -15.81 -4.47 -34.78
CA LYS B 878 -16.29 -5.62 -35.54
C LYS B 878 -16.59 -6.81 -34.63
N THR B 879 -15.91 -6.91 -33.49
CA THR B 879 -16.14 -7.99 -32.55
C THR B 879 -17.26 -7.71 -31.57
N TYR B 880 -17.89 -6.54 -31.64
CA TYR B 880 -18.96 -6.20 -30.71
C TYR B 880 -20.22 -6.98 -31.06
N LEU B 881 -20.87 -7.52 -30.03
CA LEU B 881 -22.12 -8.25 -30.17
C LEU B 881 -23.20 -7.53 -29.38
N HIS B 882 -24.25 -7.09 -30.06
CA HIS B 882 -25.41 -6.51 -29.41
C HIS B 882 -26.29 -7.64 -28.91
N THR B 883 -26.39 -7.78 -27.58
CA THR B 883 -27.01 -8.95 -26.97
C THR B 883 -28.44 -8.74 -26.48
N TYR B 884 -28.83 -7.49 -26.23
CA TYR B 884 -30.16 -7.12 -25.73
C TYR B 884 -30.41 -7.58 -24.30
N GLU B 885 -29.35 -7.87 -23.55
CA GLU B 885 -29.42 -8.03 -22.10
C GLU B 885 -28.01 -8.08 -21.52
#